data_8F9J
# 
_entry.id   8F9J 
# 
_audit_conform.dict_name       mmcif_pdbx.dic 
_audit_conform.dict_version    5.381 
_audit_conform.dict_location   http://mmcif.pdb.org/dictionaries/ascii/mmcif_pdbx.dic 
# 
loop_
_database_2.database_id 
_database_2.database_code 
_database_2.pdbx_database_accession 
_database_2.pdbx_DOI 
PDB   8F9J         pdb_00008f9j 10.2210/pdb8f9j/pdb 
WWPDB D_1000270236 ?            ?                   
# 
_pdbx_database_status.status_code                     REL 
_pdbx_database_status.status_code_sf                  REL 
_pdbx_database_status.status_code_mr                  ? 
_pdbx_database_status.entry_id                        8F9J 
_pdbx_database_status.recvd_initial_deposition_date   2022-11-23 
_pdbx_database_status.SG_entry                        N 
_pdbx_database_status.deposit_site                    RCSB 
_pdbx_database_status.process_site                    RCSB 
_pdbx_database_status.status_code_cs                  ? 
_pdbx_database_status.status_code_nmr_data            ? 
_pdbx_database_status.methods_development_category    ? 
_pdbx_database_status.pdb_format_compatible           Y 
# 
loop_
_audit_author.name 
_audit_author.pdbx_ordinal 
_audit_author.identifier_ORCID 
'Herrera, V.E.' 1 0000-0002-5577-7867 
'Thomas, L.M.'  2 0000-0003-3920-0619 
# 
_citation.abstract                  ? 
_citation.abstract_id_CAS           ? 
_citation.book_id_ISBN              ? 
_citation.book_publisher            ? 
_citation.book_publisher_city       ? 
_citation.book_title                ? 
_citation.coordinate_linkage        ? 
_citation.country                   US 
_citation.database_id_Medline       ? 
_citation.details                   ? 
_citation.id                        primary 
_citation.journal_abbrev            Biochemistry 
_citation.journal_id_ASTM           BICHAW 
_citation.journal_id_CSD            0033 
_citation.journal_id_ISSN           0006-2960 
_citation.journal_full              ? 
_citation.journal_issue             ? 
_citation.journal_volume            62 
_citation.language                  ? 
_citation.page_first                1406 
_citation.page_last                 1419 
_citation.title                     
'Insights into Nitrosoalkane Binding to Myoglobin Provided by Crystallography of Wild-Type and Distal Pocket Mutant Derivatives.' 
_citation.year                      2023 
_citation.database_id_CSD           ? 
_citation.pdbx_database_id_DOI      10.1021/acs.biochem.2c00725 
_citation.pdbx_database_id_PubMed   37011611 
_citation.pdbx_database_id_patent   ? 
_citation.unpublished_flag          ? 
# 
loop_
_citation_author.citation_id 
_citation_author.name 
_citation_author.ordinal 
_citation_author.identifier_ORCID 
primary 'Herrera, V.E.'      1 ?                   
primary 'Charles, T.P.'      2 ?                   
primary 'Scott, T.G.'        3 ?                   
primary 'Prather, K.Y.'      4 0000-0002-6753-2787 
primary 'Nguyen, N.T.'       5 ?                   
primary 'Sohl, C.D.'         6 0000-0002-8048-0205 
primary 'Thomas, L.M.'       7 ?                   
primary 'Richter-Addo, G.B.' 8 0000-0001-9400-0113 
# 
_cell.angle_alpha                  90.000 
_cell.angle_alpha_esd              ? 
_cell.angle_beta                   90.000 
_cell.angle_beta_esd               ? 
_cell.angle_gamma                  120.000 
_cell.angle_gamma_esd              ? 
_cell.entry_id                     8F9J 
_cell.details                      ? 
_cell.formula_units_Z              ? 
_cell.length_a                     90.590 
_cell.length_a_esd                 ? 
_cell.length_b                     90.590 
_cell.length_b_esd                 ? 
_cell.length_c                     45.376 
_cell.length_c_esd                 ? 
_cell.volume                       ? 
_cell.volume_esd                   ? 
_cell.Z_PDB                        6 
_cell.reciprocal_angle_alpha       ? 
_cell.reciprocal_angle_beta        ? 
_cell.reciprocal_angle_gamma       ? 
_cell.reciprocal_angle_alpha_esd   ? 
_cell.reciprocal_angle_beta_esd    ? 
_cell.reciprocal_angle_gamma_esd   ? 
_cell.reciprocal_length_a          ? 
_cell.reciprocal_length_b          ? 
_cell.reciprocal_length_c          ? 
_cell.reciprocal_length_a_esd      ? 
_cell.reciprocal_length_b_esd      ? 
_cell.reciprocal_length_c_esd      ? 
_cell.pdbx_unique_axis             ? 
_cell.pdbx_esd_method              ? 
# 
_symmetry.entry_id                         8F9J 
_symmetry.cell_setting                     ? 
_symmetry.Int_Tables_number                168 
_symmetry.space_group_name_Hall            ? 
_symmetry.space_group_name_H-M             'P 6' 
_symmetry.pdbx_full_space_group_name_H-M   ? 
# 
loop_
_entity.id 
_entity.type 
_entity.src_method 
_entity.pdbx_description 
_entity.formula_weight 
_entity.pdbx_number_of_molecules 
_entity.pdbx_ec 
_entity.pdbx_mutation 
_entity.pdbx_fragment 
_entity.details 
1 polymer     man Myoglobin                         17298.094 1   ? H64A ? ? 
2 non-polymer man 'PROTOPORPHYRIN IX CONTAINING FE' 616.487   1   ? ?    ? ? 
3 non-polymer syn 1-nitrosopropane                  73.094    1   ? ?    ? ? 
4 non-polymer syn 'SULFATE ION'                     96.063    4   ? ?    ? ? 
5 water       nat water                             18.015    172 ? ?    ? ? 
# 
_entity_poly.entity_id                      1 
_entity_poly.type                           'polypeptide(L)' 
_entity_poly.nstd_linkage                   no 
_entity_poly.nstd_monomer                   no 
_entity_poly.pdbx_seq_one_letter_code       
;MVLSEGEWQLVLHVWAKVEADVAGHGQDILIRLFKSHPETLEKFDRFKHLKTEAEMKASEDLKKAGVTVLTALGAILKKK
GHHEAELKPLAQSHATKHKIPIKYLEFISEAIIHVLHSRHPGNFGADAQGAMNKALELFRKDIAAKYKELGYQG
;
_entity_poly.pdbx_seq_one_letter_code_can   
;MVLSEGEWQLVLHVWAKVEADVAGHGQDILIRLFKSHPETLEKFDRFKHLKTEAEMKASEDLKKAGVTVLTALGAILKKK
GHHEAELKPLAQSHATKHKIPIKYLEFISEAIIHVLHSRHPGNFGADAQGAMNKALELFRKDIAAKYKELGYQG
;
_entity_poly.pdbx_strand_id                 A 
_entity_poly.pdbx_target_identifier         ? 
# 
loop_
_entity_poly_seq.entity_id 
_entity_poly_seq.num 
_entity_poly_seq.mon_id 
_entity_poly_seq.hetero 
1 1   MET n 
1 2   VAL n 
1 3   LEU n 
1 4   SER n 
1 5   GLU n 
1 6   GLY n 
1 7   GLU n 
1 8   TRP n 
1 9   GLN n 
1 10  LEU n 
1 11  VAL n 
1 12  LEU n 
1 13  HIS n 
1 14  VAL n 
1 15  TRP n 
1 16  ALA n 
1 17  LYS n 
1 18  VAL n 
1 19  GLU n 
1 20  ALA n 
1 21  ASP n 
1 22  VAL n 
1 23  ALA n 
1 24  GLY n 
1 25  HIS n 
1 26  GLY n 
1 27  GLN n 
1 28  ASP n 
1 29  ILE n 
1 30  LEU n 
1 31  ILE n 
1 32  ARG n 
1 33  LEU n 
1 34  PHE n 
1 35  LYS n 
1 36  SER n 
1 37  HIS n 
1 38  PRO n 
1 39  GLU n 
1 40  THR n 
1 41  LEU n 
1 42  GLU n 
1 43  LYS n 
1 44  PHE n 
1 45  ASP n 
1 46  ARG n 
1 47  PHE n 
1 48  LYS n 
1 49  HIS n 
1 50  LEU n 
1 51  LYS n 
1 52  THR n 
1 53  GLU n 
1 54  ALA n 
1 55  GLU n 
1 56  MET n 
1 57  LYS n 
1 58  ALA n 
1 59  SER n 
1 60  GLU n 
1 61  ASP n 
1 62  LEU n 
1 63  LYS n 
1 64  LYS n 
1 65  ALA n 
1 66  GLY n 
1 67  VAL n 
1 68  THR n 
1 69  VAL n 
1 70  LEU n 
1 71  THR n 
1 72  ALA n 
1 73  LEU n 
1 74  GLY n 
1 75  ALA n 
1 76  ILE n 
1 77  LEU n 
1 78  LYS n 
1 79  LYS n 
1 80  LYS n 
1 81  GLY n 
1 82  HIS n 
1 83  HIS n 
1 84  GLU n 
1 85  ALA n 
1 86  GLU n 
1 87  LEU n 
1 88  LYS n 
1 89  PRO n 
1 90  LEU n 
1 91  ALA n 
1 92  GLN n 
1 93  SER n 
1 94  HIS n 
1 95  ALA n 
1 96  THR n 
1 97  LYS n 
1 98  HIS n 
1 99  LYS n 
1 100 ILE n 
1 101 PRO n 
1 102 ILE n 
1 103 LYS n 
1 104 TYR n 
1 105 LEU n 
1 106 GLU n 
1 107 PHE n 
1 108 ILE n 
1 109 SER n 
1 110 GLU n 
1 111 ALA n 
1 112 ILE n 
1 113 ILE n 
1 114 HIS n 
1 115 VAL n 
1 116 LEU n 
1 117 HIS n 
1 118 SER n 
1 119 ARG n 
1 120 HIS n 
1 121 PRO n 
1 122 GLY n 
1 123 ASN n 
1 124 PHE n 
1 125 GLY n 
1 126 ALA n 
1 127 ASP n 
1 128 ALA n 
1 129 GLN n 
1 130 GLY n 
1 131 ALA n 
1 132 MET n 
1 133 ASN n 
1 134 LYS n 
1 135 ALA n 
1 136 LEU n 
1 137 GLU n 
1 138 LEU n 
1 139 PHE n 
1 140 ARG n 
1 141 LYS n 
1 142 ASP n 
1 143 ILE n 
1 144 ALA n 
1 145 ALA n 
1 146 LYS n 
1 147 TYR n 
1 148 LYS n 
1 149 GLU n 
1 150 LEU n 
1 151 GLY n 
1 152 TYR n 
1 153 GLN n 
1 154 GLY n 
# 
_entity_src_gen.entity_id                          1 
_entity_src_gen.pdbx_src_id                        1 
_entity_src_gen.pdbx_alt_source_flag               sample 
_entity_src_gen.pdbx_seq_type                      'Biological sequence' 
_entity_src_gen.pdbx_beg_seq_num                   1 
_entity_src_gen.pdbx_end_seq_num                   154 
_entity_src_gen.gene_src_common_name               'sperm whale' 
_entity_src_gen.gene_src_genus                     ? 
_entity_src_gen.pdbx_gene_src_gene                 MB 
_entity_src_gen.gene_src_species                   ? 
_entity_src_gen.gene_src_strain                    ? 
_entity_src_gen.gene_src_tissue                    ? 
_entity_src_gen.gene_src_tissue_fraction           ? 
_entity_src_gen.gene_src_details                   ? 
_entity_src_gen.pdbx_gene_src_fragment             ? 
_entity_src_gen.pdbx_gene_src_scientific_name      'Physeter catodon' 
_entity_src_gen.pdbx_gene_src_ncbi_taxonomy_id     9755 
_entity_src_gen.pdbx_gene_src_variant              ? 
_entity_src_gen.pdbx_gene_src_cell_line            ? 
_entity_src_gen.pdbx_gene_src_atcc                 ? 
_entity_src_gen.pdbx_gene_src_organ                ? 
_entity_src_gen.pdbx_gene_src_organelle            ? 
_entity_src_gen.pdbx_gene_src_cell                 ? 
_entity_src_gen.pdbx_gene_src_cellular_location    ? 
_entity_src_gen.host_org_common_name               ? 
_entity_src_gen.pdbx_host_org_scientific_name      'Escherichia coli BL21(DE3)' 
_entity_src_gen.pdbx_host_org_ncbi_taxonomy_id     469008 
_entity_src_gen.host_org_genus                     ? 
_entity_src_gen.pdbx_host_org_gene                 ? 
_entity_src_gen.pdbx_host_org_organ                ? 
_entity_src_gen.host_org_species                   ? 
_entity_src_gen.pdbx_host_org_tissue               ? 
_entity_src_gen.pdbx_host_org_tissue_fraction      ? 
_entity_src_gen.pdbx_host_org_strain               ? 
_entity_src_gen.pdbx_host_org_variant              ? 
_entity_src_gen.pdbx_host_org_cell_line            ? 
_entity_src_gen.pdbx_host_org_atcc                 ? 
_entity_src_gen.pdbx_host_org_culture_collection   ? 
_entity_src_gen.pdbx_host_org_cell                 ? 
_entity_src_gen.pdbx_host_org_organelle            ? 
_entity_src_gen.pdbx_host_org_cellular_location    ? 
_entity_src_gen.pdbx_host_org_vector_type          ? 
_entity_src_gen.pdbx_host_org_vector               ? 
_entity_src_gen.host_org_details                   ? 
_entity_src_gen.expression_system_id               ? 
_entity_src_gen.plasmid_name                       ? 
_entity_src_gen.plasmid_details                    ? 
_entity_src_gen.pdbx_description                   ? 
# 
_struct_ref.id                         1 
_struct_ref.db_name                    UNP 
_struct_ref.db_code                    MYG_PHYCD 
_struct_ref.pdbx_db_accession          P02185 
_struct_ref.pdbx_db_isoform            ? 
_struct_ref.entity_id                  1 
_struct_ref.pdbx_seq_one_letter_code   
;MVLSEGEWQLVLHVWAKVEADVAGHGQDILIRLFKSHPETLEKFDRFKHLKTEAEMKASEDLKKHGVTVLTALGAILKKK
GHHEAELKPLAQSHATKHKIPIKYLEFISEAIIHVLHSRHPGDFGADAQGAMNKALELFRKDIAAKYKELGYQG
;
_struct_ref.pdbx_align_begin           1 
# 
_struct_ref_seq.align_id                      1 
_struct_ref_seq.ref_id                        1 
_struct_ref_seq.pdbx_PDB_id_code              8F9J 
_struct_ref_seq.pdbx_strand_id                A 
_struct_ref_seq.seq_align_beg                 1 
_struct_ref_seq.pdbx_seq_align_beg_ins_code   ? 
_struct_ref_seq.seq_align_end                 154 
_struct_ref_seq.pdbx_seq_align_end_ins_code   ? 
_struct_ref_seq.pdbx_db_accession             P02185 
_struct_ref_seq.db_align_beg                  1 
_struct_ref_seq.pdbx_db_align_beg_ins_code    ? 
_struct_ref_seq.db_align_end                  154 
_struct_ref_seq.pdbx_db_align_end_ins_code    ? 
_struct_ref_seq.pdbx_auth_seq_align_beg       0 
_struct_ref_seq.pdbx_auth_seq_align_end       153 
# 
loop_
_struct_ref_seq_dif.align_id 
_struct_ref_seq_dif.pdbx_pdb_id_code 
_struct_ref_seq_dif.mon_id 
_struct_ref_seq_dif.pdbx_pdb_strand_id 
_struct_ref_seq_dif.seq_num 
_struct_ref_seq_dif.pdbx_pdb_ins_code 
_struct_ref_seq_dif.pdbx_seq_db_name 
_struct_ref_seq_dif.pdbx_seq_db_accession_code 
_struct_ref_seq_dif.db_mon_id 
_struct_ref_seq_dif.pdbx_seq_db_seq_num 
_struct_ref_seq_dif.details 
_struct_ref_seq_dif.pdbx_auth_seq_num 
_struct_ref_seq_dif.pdbx_ordinal 
1 8F9J ALA A 65  ? UNP P02185 HIS 65  'engineered mutation' 64  1 
1 8F9J ASN A 123 ? UNP P02185 ASP 123 variant               122 2 
# 
loop_
_chem_comp.id 
_chem_comp.type 
_chem_comp.mon_nstd_flag 
_chem_comp.name 
_chem_comp.pdbx_synonyms 
_chem_comp.formula 
_chem_comp.formula_weight 
ALA 'L-peptide linking' y ALANINE                           ?    'C3 H7 N O2'       89.093  
ARG 'L-peptide linking' y ARGININE                          ?    'C6 H15 N4 O2 1'   175.209 
ASN 'L-peptide linking' y ASPARAGINE                        ?    'C4 H8 N2 O3'      132.118 
ASP 'L-peptide linking' y 'ASPARTIC ACID'                   ?    'C4 H7 N O4'       133.103 
GLN 'L-peptide linking' y GLUTAMINE                         ?    'C5 H10 N2 O3'     146.144 
GLU 'L-peptide linking' y 'GLUTAMIC ACID'                   ?    'C5 H9 N O4'       147.129 
GLY 'peptide linking'   y GLYCINE                           ?    'C2 H5 N O2'       75.067  
HEM non-polymer         . 'PROTOPORPHYRIN IX CONTAINING FE' HEME 'C34 H32 Fe N4 O4' 616.487 
HIS 'L-peptide linking' y HISTIDINE                         ?    'C6 H10 N3 O2 1'   156.162 
HOH non-polymer         . WATER                             ?    'H2 O'             18.015  
ILE 'L-peptide linking' y ISOLEUCINE                        ?    'C6 H13 N O2'      131.173 
LEU 'L-peptide linking' y LEUCINE                           ?    'C6 H13 N O2'      131.173 
LYS 'L-peptide linking' y LYSINE                            ?    'C6 H15 N2 O2 1'   147.195 
MET 'L-peptide linking' y METHIONINE                        ?    'C5 H11 N O2 S'    149.211 
PHE 'L-peptide linking' y PHENYLALANINE                     ?    'C9 H11 N O2'      165.189 
PRO 'L-peptide linking' y PROLINE                           ?    'C5 H9 N O2'       115.130 
SER 'L-peptide linking' y SERINE                            ?    'C3 H7 N O3'       105.093 
SO4 non-polymer         . 'SULFATE ION'                     ?    'O4 S -2'          96.063  
THR 'L-peptide linking' y THREONINE                         ?    'C4 H9 N O3'       119.119 
TRP 'L-peptide linking' y TRYPTOPHAN                        ?    'C11 H12 N2 O2'    204.225 
TYR 'L-peptide linking' y TYROSINE                          ?    'C9 H11 N O3'      181.189 
VAL 'L-peptide linking' y VALINE                            ?    'C5 H11 N O2'      117.146 
XEM non-polymer         . 1-nitrosopropane                  ?    'C3 H7 N O'        73.094  
# 
_exptl.absorpt_coefficient_mu     ? 
_exptl.absorpt_correction_T_max   ? 
_exptl.absorpt_correction_T_min   ? 
_exptl.absorpt_correction_type    ? 
_exptl.absorpt_process_details    ? 
_exptl.entry_id                   8F9J 
_exptl.crystals_number            1 
_exptl.details                    ? 
_exptl.method                     'X-RAY DIFFRACTION' 
_exptl.method_details             ? 
# 
_exptl_crystal.colour                       ? 
_exptl_crystal.density_diffrn               ? 
_exptl_crystal.density_Matthews             3.11 
_exptl_crystal.density_method               ? 
_exptl_crystal.density_percent_sol          60.41 
_exptl_crystal.description                  ? 
_exptl_crystal.F_000                        ? 
_exptl_crystal.id                           1 
_exptl_crystal.preparation                  ? 
_exptl_crystal.size_max                     ? 
_exptl_crystal.size_mid                     ? 
_exptl_crystal.size_min                     ? 
_exptl_crystal.size_rad                     ? 
_exptl_crystal.colour_lustre                ? 
_exptl_crystal.colour_modifier              ? 
_exptl_crystal.colour_primary               ? 
_exptl_crystal.density_meas                 ? 
_exptl_crystal.density_meas_esd             ? 
_exptl_crystal.density_meas_gt              ? 
_exptl_crystal.density_meas_lt              ? 
_exptl_crystal.density_meas_temp            ? 
_exptl_crystal.density_meas_temp_esd        ? 
_exptl_crystal.density_meas_temp_gt         ? 
_exptl_crystal.density_meas_temp_lt         ? 
_exptl_crystal.pdbx_crystal_image_url       ? 
_exptl_crystal.pdbx_crystal_image_format    ? 
_exptl_crystal.pdbx_mosaicity               ? 
_exptl_crystal.pdbx_mosaicity_esd           ? 
_exptl_crystal.pdbx_mosaic_method           ? 
_exptl_crystal.pdbx_mosaic_block_size       ? 
_exptl_crystal.pdbx_mosaic_block_size_esd   ? 
# 
_exptl_crystal_grow.apparatus       ? 
_exptl_crystal_grow.atmosphere      ? 
_exptl_crystal_grow.crystal_id      1 
_exptl_crystal_grow.details         ? 
_exptl_crystal_grow.method          'BATCH MODE' 
_exptl_crystal_grow.method_ref      ? 
_exptl_crystal_grow.pH              ? 
_exptl_crystal_grow.pressure        ? 
_exptl_crystal_grow.pressure_esd    ? 
_exptl_crystal_grow.seeding         ? 
_exptl_crystal_grow.seeding_ref     ? 
_exptl_crystal_grow.temp_details    ? 
_exptl_crystal_grow.temp_esd        ? 
_exptl_crystal_grow.time            ? 
_exptl_crystal_grow.pdbx_details    '2.3-2.6 M Ammonium Sulfate, 100 mM Tris-HCl, 1 mm EDTA, pH 7.4' 
_exptl_crystal_grow.pdbx_pH_range   ? 
_exptl_crystal_grow.temp            298 
# 
_diffrn.ambient_environment              ? 
_diffrn.ambient_temp                     200 
_diffrn.ambient_temp_details             ? 
_diffrn.ambient_temp_esd                 ? 
_diffrn.crystal_id                       1 
_diffrn.crystal_support                  ? 
_diffrn.crystal_treatment                ? 
_diffrn.details                          ? 
_diffrn.id                               1 
_diffrn.ambient_pressure                 ? 
_diffrn.ambient_pressure_esd             ? 
_diffrn.ambient_pressure_gt              ? 
_diffrn.ambient_pressure_lt              ? 
_diffrn.ambient_temp_gt                  ? 
_diffrn.ambient_temp_lt                  ? 
_diffrn.pdbx_serial_crystal_experiment   N 
# 
_diffrn_detector.details                      ? 
_diffrn_detector.detector                     PIXEL 
_diffrn_detector.diffrn_id                    1 
_diffrn_detector.type                         'DECTRIS PILATUS 200K' 
_diffrn_detector.area_resol_mean              ? 
_diffrn_detector.dtime                        ? 
_diffrn_detector.pdbx_frames_total            ? 
_diffrn_detector.pdbx_collection_time_total   ? 
_diffrn_detector.pdbx_collection_date         2017-09-15 
_diffrn_detector.pdbx_frequency               ? 
# 
_diffrn_radiation.collimation                      ? 
_diffrn_radiation.diffrn_id                        1 
_diffrn_radiation.filter_edge                      ? 
_diffrn_radiation.inhomogeneity                    ? 
_diffrn_radiation.monochromator                    ? 
_diffrn_radiation.polarisn_norm                    ? 
_diffrn_radiation.polarisn_ratio                   ? 
_diffrn_radiation.probe                            ? 
_diffrn_radiation.type                             ? 
_diffrn_radiation.xray_symbol                      ? 
_diffrn_radiation.wavelength_id                    1 
_diffrn_radiation.pdbx_monochromatic_or_laue_m_l   M 
_diffrn_radiation.pdbx_wavelength_list             ? 
_diffrn_radiation.pdbx_wavelength                  ? 
_diffrn_radiation.pdbx_diffrn_protocol             'SINGLE WAVELENGTH' 
_diffrn_radiation.pdbx_analyzer                    ? 
_diffrn_radiation.pdbx_scattering_type             x-ray 
# 
_diffrn_radiation_wavelength.id           1 
_diffrn_radiation_wavelength.wavelength   1.5418 
_diffrn_radiation_wavelength.wt           1.0 
# 
_diffrn_source.current                     ? 
_diffrn_source.details                     ? 
_diffrn_source.diffrn_id                   1 
_diffrn_source.power                       ? 
_diffrn_source.size                        ? 
_diffrn_source.source                      'ROTATING ANODE' 
_diffrn_source.target                      ? 
_diffrn_source.type                        'RIGAKU MICROMAX-007 HF' 
_diffrn_source.voltage                     ? 
_diffrn_source.take-off_angle              ? 
_diffrn_source.pdbx_wavelength_list        1.5418 
_diffrn_source.pdbx_wavelength             ? 
_diffrn_source.pdbx_synchrotron_beamline   ? 
_diffrn_source.pdbx_synchrotron_site       ? 
# 
_reflns.B_iso_Wilson_estimate                          ? 
_reflns.entry_id                                       8F9J 
_reflns.data_reduction_details                         ? 
_reflns.data_reduction_method                          ? 
_reflns.d_resolution_high                              1.750 
_reflns.d_resolution_low                               50.000 
_reflns.details                                        ? 
_reflns.limit_h_max                                    ? 
_reflns.limit_h_min                                    ? 
_reflns.limit_k_max                                    ? 
_reflns.limit_k_min                                    ? 
_reflns.limit_l_max                                    ? 
_reflns.limit_l_min                                    ? 
_reflns.number_all                                     ? 
_reflns.number_obs                                     21393 
_reflns.observed_criterion                             ? 
_reflns.observed_criterion_F_max                       ? 
_reflns.observed_criterion_F_min                       ? 
_reflns.observed_criterion_I_max                       ? 
_reflns.observed_criterion_I_min                       ? 
_reflns.observed_criterion_sigma_F                     ? 
_reflns.observed_criterion_sigma_I                     ? 
_reflns.percent_possible_obs                           98.800 
_reflns.R_free_details                                 ? 
_reflns.Rmerge_F_all                                   ? 
_reflns.Rmerge_F_obs                                   ? 
_reflns.Friedel_coverage                               ? 
_reflns.number_gt                                      ? 
_reflns.threshold_expression                           ? 
_reflns.pdbx_redundancy                                5.000 
_reflns.pdbx_netI_over_av_sigmaI                       ? 
_reflns.pdbx_netI_over_sigmaI                          11.800 
_reflns.pdbx_res_netI_over_av_sigmaI_2                 ? 
_reflns.pdbx_res_netI_over_sigmaI_2                    ? 
_reflns.pdbx_chi_squared                               1.748 
_reflns.pdbx_scaling_rejects                           ? 
_reflns.pdbx_d_res_high_opt                            ? 
_reflns.pdbx_d_res_low_opt                             ? 
_reflns.pdbx_d_res_opt_method                          ? 
_reflns.phase_calculation_details                      ? 
_reflns.pdbx_Rrim_I_all                                0.057 
_reflns.pdbx_Rpim_I_all                                0.024 
_reflns.pdbx_d_opt                                     ? 
_reflns.pdbx_number_measured_all                       107327 
_reflns.pdbx_diffrn_id                                 1 
_reflns.pdbx_ordinal                                   1 
_reflns.pdbx_CC_half                                   ? 
_reflns.pdbx_CC_star                                   ? 
_reflns.pdbx_R_split                                   ? 
_reflns.pdbx_Rmerge_I_obs                              0.052 
_reflns.pdbx_Rmerge_I_all                              ? 
_reflns.pdbx_Rsym_value                                ? 
_reflns.pdbx_CC_split_method                           ? 
_reflns.pdbx_aniso_diffraction_limit_axis_1_ortho[1]   ? 
_reflns.pdbx_aniso_diffraction_limit_axis_1_ortho[2]   ? 
_reflns.pdbx_aniso_diffraction_limit_axis_1_ortho[3]   ? 
_reflns.pdbx_aniso_diffraction_limit_axis_2_ortho[1]   ? 
_reflns.pdbx_aniso_diffraction_limit_axis_2_ortho[2]   ? 
_reflns.pdbx_aniso_diffraction_limit_axis_2_ortho[3]   ? 
_reflns.pdbx_aniso_diffraction_limit_axis_3_ortho[1]   ? 
_reflns.pdbx_aniso_diffraction_limit_axis_3_ortho[2]   ? 
_reflns.pdbx_aniso_diffraction_limit_axis_3_ortho[3]   ? 
_reflns.pdbx_aniso_diffraction_limit_1                 ? 
_reflns.pdbx_aniso_diffraction_limit_2                 ? 
_reflns.pdbx_aniso_diffraction_limit_3                 ? 
_reflns.pdbx_aniso_B_tensor_eigenvector_1_ortho[1]     ? 
_reflns.pdbx_aniso_B_tensor_eigenvector_1_ortho[2]     ? 
_reflns.pdbx_aniso_B_tensor_eigenvector_1_ortho[3]     ? 
_reflns.pdbx_aniso_B_tensor_eigenvector_2_ortho[1]     ? 
_reflns.pdbx_aniso_B_tensor_eigenvector_2_ortho[2]     ? 
_reflns.pdbx_aniso_B_tensor_eigenvector_2_ortho[3]     ? 
_reflns.pdbx_aniso_B_tensor_eigenvector_3_ortho[1]     ? 
_reflns.pdbx_aniso_B_tensor_eigenvector_3_ortho[2]     ? 
_reflns.pdbx_aniso_B_tensor_eigenvector_3_ortho[3]     ? 
_reflns.pdbx_aniso_B_tensor_eigenvalue_1               ? 
_reflns.pdbx_aniso_B_tensor_eigenvalue_2               ? 
_reflns.pdbx_aniso_B_tensor_eigenvalue_3               ? 
_reflns.pdbx_orthogonalization_convention              ? 
_reflns.pdbx_percent_possible_ellipsoidal              ? 
_reflns.pdbx_percent_possible_spherical                ? 
_reflns.pdbx_percent_possible_ellipsoidal_anomalous    ? 
_reflns.pdbx_percent_possible_spherical_anomalous      ? 
_reflns.pdbx_redundancy_anomalous                      ? 
_reflns.pdbx_CC_half_anomalous                         ? 
_reflns.pdbx_absDiff_over_sigma_anomalous              ? 
_reflns.pdbx_percent_possible_anomalous                ? 
_reflns.pdbx_observed_signal_threshold                 ? 
_reflns.pdbx_signal_type                               ? 
_reflns.pdbx_signal_details                            ? 
_reflns.pdbx_signal_software_id                        ? 
# 
loop_
_reflns_shell.d_res_high 
_reflns_shell.d_res_low 
_reflns_shell.meanI_over_sigI_all 
_reflns_shell.meanI_over_sigI_obs 
_reflns_shell.number_measured_all 
_reflns_shell.number_measured_obs 
_reflns_shell.number_possible 
_reflns_shell.number_unique_all 
_reflns_shell.number_unique_obs 
_reflns_shell.percent_possible_obs 
_reflns_shell.Rmerge_F_all 
_reflns_shell.Rmerge_F_obs 
_reflns_shell.meanI_over_sigI_gt 
_reflns_shell.meanI_over_uI_all 
_reflns_shell.meanI_over_uI_gt 
_reflns_shell.number_measured_gt 
_reflns_shell.number_unique_gt 
_reflns_shell.percent_possible_gt 
_reflns_shell.Rmerge_F_gt 
_reflns_shell.Rmerge_I_gt 
_reflns_shell.pdbx_redundancy 
_reflns_shell.pdbx_chi_squared 
_reflns_shell.pdbx_netI_over_sigmaI_all 
_reflns_shell.pdbx_netI_over_sigmaI_obs 
_reflns_shell.pdbx_Rrim_I_all 
_reflns_shell.pdbx_Rpim_I_all 
_reflns_shell.pdbx_rejects 
_reflns_shell.pdbx_ordinal 
_reflns_shell.pdbx_diffrn_id 
_reflns_shell.pdbx_CC_half 
_reflns_shell.pdbx_CC_star 
_reflns_shell.pdbx_R_split 
_reflns_shell.percent_possible_all 
_reflns_shell.Rmerge_I_all 
_reflns_shell.Rmerge_I_obs 
_reflns_shell.pdbx_Rsym_value 
_reflns_shell.pdbx_percent_possible_ellipsoidal 
_reflns_shell.pdbx_percent_possible_spherical 
_reflns_shell.pdbx_percent_possible_ellipsoidal_anomalous 
_reflns_shell.pdbx_percent_possible_spherical_anomalous 
_reflns_shell.pdbx_redundancy_anomalous 
_reflns_shell.pdbx_CC_half_anomalous 
_reflns_shell.pdbx_absDiff_over_sigma_anomalous 
_reflns_shell.pdbx_percent_possible_anomalous 
1.750 1.780  ? ? ? ? ? ? 967  ? ? ? ? ? ? ? ? ? ? ? 2.800 0.556 ? ? 0.148 0.080 ? 1  1 0.977 ? ? 88.600  ? 0.123 ? ? ? ? ? ? ? ? ? 
1.780 1.810  ? ? ? ? ? ? 1000 ? ? ? ? ? ? ? ? ? ? ? 3.400 0.743 ? ? 0.147 0.074 ? 2  1 0.981 ? ? 93.100  ? 0.126 ? ? ? ? ? ? ? ? ? 
1.810 1.850  ? ? ? ? ? ? 996  ? ? ? ? ? ? ? ? ? ? ? 3.700 1.124 ? ? 0.135 0.065 ? 3  1 0.980 ? ? 96.000  ? 0.117 ? ? ? ? ? ? ? ? ? 
1.850 1.890  ? ? ? ? ? ? 1079 ? ? ? ? ? ? ? ? ? ? ? 4.000 1.135 ? ? 0.130 0.061 ? 4  1 0.984 ? ? 99.200  ? 0.114 ? ? ? ? ? ? ? ? ? 
1.890 1.930  ? ? ? ? ? ? 1068 ? ? ? ? ? ? ? ? ? ? ? 4.600 1.204 ? ? 0.125 0.055 ? 5  1 0.986 ? ? 100.000 ? 0.112 ? ? ? ? ? ? ? ? ? 
1.930 1.970  ? ? ? ? ? ? 1092 ? ? ? ? ? ? ? ? ? ? ? 5.100 1.058 ? ? 0.111 0.047 ? 6  1 0.992 ? ? 100.000 ? 0.100 ? ? ? ? ? ? ? ? ? 
1.970 2.020  ? ? ? ? ? ? 1055 ? ? ? ? ? ? ? ? ? ? ? 5.200 1.393 ? ? 0.094 0.040 ? 7  1 0.993 ? ? 100.000 ? 0.085 ? ? ? ? ? ? ? ? ? 
2.020 2.070  ? ? ? ? ? ? 1077 ? ? ? ? ? ? ? ? ? ? ? 5.300 1.127 ? ? 0.080 0.034 ? 8  1 0.995 ? ? 100.000 ? 0.073 ? ? ? ? ? ? ? ? ? 
2.070 2.140  ? ? ? ? ? ? 1077 ? ? ? ? ? ? ? ? ? ? ? 5.500 1.421 ? ? 0.076 0.031 ? 9  1 0.996 ? ? 100.000 ? 0.069 ? ? ? ? ? ? ? ? ? 
2.140 2.200  ? ? ? ? ? ? 1081 ? ? ? ? ? ? ? ? ? ? ? 5.600 1.289 ? ? 0.071 0.029 ? 10 1 0.996 ? ? 100.000 ? 0.064 ? ? ? ? ? ? ? ? ? 
2.200 2.280  ? ? ? ? ? ? 1071 ? ? ? ? ? ? ? ? ? ? ? 5.700 1.417 ? ? 0.067 0.028 ? 11 1 0.996 ? ? 100.000 ? 0.061 ? ? ? ? ? ? ? ? ? 
2.280 2.380  ? ? ? ? ? ? 1097 ? ? ? ? ? ? ? ? ? ? ? 5.800 1.644 ? ? 0.065 0.027 ? 12 1 0.996 ? ? 100.000 ? 0.060 ? ? ? ? ? ? ? ? ? 
2.380 2.480  ? ? ? ? ? ? 1066 ? ? ? ? ? ? ? ? ? ? ? 5.700 1.670 ? ? 0.060 0.024 ? 13 1 0.997 ? ? 100.000 ? 0.055 ? ? ? ? ? ? ? ? ? 
2.480 2.610  ? ? ? ? ? ? 1073 ? ? ? ? ? ? ? ? ? ? ? 5.700 1.726 ? ? 0.064 0.026 ? 14 1 0.997 ? ? 100.000 ? 0.058 ? ? ? ? ? ? ? ? ? 
2.610 2.780  ? ? ? ? ? ? 1077 ? ? ? ? ? ? ? ? ? ? ? 5.700 2.271 ? ? 0.067 0.027 ? 15 1 0.996 ? ? 100.000 ? 0.061 ? ? ? ? ? ? ? ? ? 
2.780 2.990  ? ? ? ? ? ? 1095 ? ? ? ? ? ? ? ? ? ? ? 5.600 2.221 ? ? 0.056 0.023 ? 16 1 0.997 ? ? 100.000 ? 0.051 ? ? ? ? ? ? ? ? ? 
2.990 3.290  ? ? ? ? ? ? 1093 ? ? ? ? ? ? ? ? ? ? ? 5.500 2.610 ? ? 0.047 0.020 ? 17 1 0.998 ? ? 100.000 ? 0.042 ? ? ? ? ? ? ? ? ? 
3.290 3.770  ? ? ? ? ? ? 1098 ? ? ? ? ? ? ? ? ? ? ? 5.400 2.359 ? ? 0.043 0.018 ? 18 1 0.998 ? ? 100.000 ? 0.039 ? ? ? ? ? ? ? ? ? 
3.770 4.750  ? ? ? ? ? ? 1092 ? ? ? ? ? ? ? ? ? ? ? 5.200 2.833 ? ? 0.043 0.019 ? 19 1 0.998 ? ? 100.000 ? 0.039 ? ? ? ? ? ? ? ? ? 
4.750 50.000 ? ? ? ? ? ? 1139 ? ? ? ? ? ? ? ? ? ? ? 4.400 3.589 ? ? 0.043 0.019 ? 20 1 0.999 ? ? 99.700  ? 0.038 ? ? ? ? ? ? ? ? ? 
# 
_refine.aniso_B[1][1]                            0.0600 
_refine.aniso_B[1][2]                            0.0300 
_refine.aniso_B[1][3]                            0.0000 
_refine.aniso_B[2][2]                            0.0600 
_refine.aniso_B[2][3]                            0.0000 
_refine.aniso_B[3][3]                            -0.1900 
_refine.B_iso_max                                58.970 
_refine.B_iso_mean                               13.5560 
_refine.B_iso_min                                5.880 
_refine.correlation_coeff_Fo_to_Fc               0.9560 
_refine.correlation_coeff_Fo_to_Fc_free          0.9440 
_refine.details                                  
'HYDROGENS HAVE BEEN ADDED IN THE RIDING POSITIONS U VALUES      : REFINED INDIVIDUALLY' 
_refine.diff_density_max                         ? 
_refine.diff_density_max_esd                     ? 
_refine.diff_density_min                         ? 
_refine.diff_density_min_esd                     ? 
_refine.diff_density_rms                         ? 
_refine.diff_density_rms_esd                     ? 
_refine.entry_id                                 8F9J 
_refine.pdbx_refine_id                           'X-RAY DIFFRACTION' 
_refine.ls_abs_structure_details                 ? 
_refine.ls_abs_structure_Flack                   ? 
_refine.ls_abs_structure_Flack_esd               ? 
_refine.ls_abs_structure_Rogers                  ? 
_refine.ls_abs_structure_Rogers_esd              ? 
_refine.ls_d_res_high                            1.7500 
_refine.ls_d_res_low                             50.00 
_refine.ls_extinction_coef                       ? 
_refine.ls_extinction_coef_esd                   ? 
_refine.ls_extinction_expression                 ? 
_refine.ls_extinction_method                     ? 
_refine.ls_goodness_of_fit_all                   ? 
_refine.ls_goodness_of_fit_all_esd               ? 
_refine.ls_goodness_of_fit_obs                   ? 
_refine.ls_goodness_of_fit_obs_esd               ? 
_refine.ls_hydrogen_treatment                    ? 
_refine.ls_matrix_type                           ? 
_refine.ls_number_constraints                    ? 
_refine.ls_number_parameters                     ? 
_refine.ls_number_reflns_all                     ? 
_refine.ls_number_reflns_obs                     20329 
_refine.ls_number_reflns_R_free                  1052 
_refine.ls_number_reflns_R_work                  ? 
_refine.ls_number_restraints                     ? 
_refine.ls_percent_reflns_obs                    98.8000 
_refine.ls_percent_reflns_R_free                 4.9000 
_refine.ls_R_factor_all                          ? 
_refine.ls_R_factor_obs                          0.1657 
_refine.ls_R_factor_R_free                       0.1918 
_refine.ls_R_factor_R_free_error                 ? 
_refine.ls_R_factor_R_free_error_details         ? 
_refine.ls_R_factor_R_work                       0.1643 
_refine.ls_R_Fsqd_factor_obs                     ? 
_refine.ls_R_I_factor_obs                        ? 
_refine.ls_redundancy_reflns_all                 ? 
_refine.ls_redundancy_reflns_obs                 ? 
_refine.ls_restrained_S_all                      ? 
_refine.ls_restrained_S_obs                      ? 
_refine.ls_shift_over_esd_max                    ? 
_refine.ls_shift_over_esd_mean                   ? 
_refine.ls_structure_factor_coef                 ? 
_refine.ls_weighting_details                     ? 
_refine.ls_weighting_scheme                      ? 
_refine.ls_wR_factor_all                         ? 
_refine.ls_wR_factor_obs                         ? 
_refine.ls_wR_factor_R_free                      ? 
_refine.ls_wR_factor_R_work                      ? 
_refine.occupancy_max                            ? 
_refine.occupancy_min                            ? 
_refine.solvent_model_details                    MASK 
_refine.solvent_model_param_bsol                 ? 
_refine.solvent_model_param_ksol                 ? 
_refine.pdbx_R_complete                          ? 
_refine.ls_R_factor_gt                           ? 
_refine.ls_goodness_of_fit_gt                    ? 
_refine.ls_goodness_of_fit_ref                   ? 
_refine.ls_shift_over_su_max                     ? 
_refine.ls_shift_over_su_max_lt                  ? 
_refine.ls_shift_over_su_mean                    ? 
_refine.ls_shift_over_su_mean_lt                 ? 
_refine.pdbx_ls_sigma_I                          ? 
_refine.pdbx_ls_sigma_F                          0.000 
_refine.pdbx_ls_sigma_Fsqd                       ? 
_refine.pdbx_data_cutoff_high_absF               ? 
_refine.pdbx_data_cutoff_high_rms_absF           ? 
_refine.pdbx_data_cutoff_low_absF                ? 
_refine.pdbx_isotropic_thermal_model             ? 
_refine.pdbx_ls_cross_valid_method               THROUGHOUT 
_refine.pdbx_method_to_determine_struct          'MOLECULAR REPLACEMENT' 
_refine.pdbx_starting_model                      5ile 
_refine.pdbx_stereochemistry_target_values       'MAXIMUM LIKELIHOOD' 
_refine.pdbx_R_Free_selection_details            RANDOM 
_refine.pdbx_stereochem_target_val_spec_case     ? 
_refine.pdbx_overall_ESU_R                       0.0930 
_refine.pdbx_overall_ESU_R_Free                  0.0920 
_refine.pdbx_solvent_vdw_probe_radii             1.2000 
_refine.pdbx_solvent_ion_probe_radii             0.8000 
_refine.pdbx_solvent_shrinkage_radii             0.8000 
_refine.pdbx_real_space_R                        ? 
_refine.pdbx_density_correlation                 ? 
_refine.pdbx_pd_number_of_powder_patterns        ? 
_refine.pdbx_pd_number_of_points                 ? 
_refine.pdbx_pd_meas_number_of_points            ? 
_refine.pdbx_pd_proc_ls_prof_R_factor            ? 
_refine.pdbx_pd_proc_ls_prof_wR_factor           ? 
_refine.pdbx_pd_Marquardt_correlation_coeff      ? 
_refine.pdbx_pd_Fsqrd_R_factor                   ? 
_refine.pdbx_pd_ls_matrix_band_width             ? 
_refine.pdbx_overall_phase_error                 ? 
_refine.pdbx_overall_SU_R_free_Cruickshank_DPI   ? 
_refine.pdbx_overall_SU_R_free_Blow_DPI          ? 
_refine.pdbx_overall_SU_R_Blow_DPI               ? 
_refine.pdbx_TLS_residual_ADP_flag               ? 
_refine.pdbx_diffrn_id                           1 
_refine.overall_SU_B                             1.5950 
_refine.overall_SU_ML                            0.0530 
_refine.overall_SU_R_Cruickshank_DPI             ? 
_refine.overall_SU_R_free                        ? 
_refine.overall_FOM_free_R_set                   ? 
_refine.overall_FOM_work_R_set                   ? 
_refine.pdbx_average_fsc_overall                 ? 
_refine.pdbx_average_fsc_work                    ? 
_refine.pdbx_average_fsc_free                    ? 
# 
_refine_hist.pdbx_refine_id                   'X-RAY DIFFRACTION' 
_refine_hist.cycle_id                         final 
_refine_hist.details                          ? 
_refine_hist.d_res_high                       1.7500 
_refine_hist.d_res_low                        50.00 
_refine_hist.number_atoms_solvent             172 
_refine_hist.number_atoms_total               1452 
_refine_hist.number_reflns_all                ? 
_refine_hist.number_reflns_obs                ? 
_refine_hist.number_reflns_R_free             ? 
_refine_hist.number_reflns_R_work             ? 
_refine_hist.R_factor_all                     ? 
_refine_hist.R_factor_obs                     ? 
_refine_hist.R_factor_R_free                  ? 
_refine_hist.R_factor_R_work                  ? 
_refine_hist.pdbx_number_residues_total       153 
_refine_hist.pdbx_B_iso_mean_ligand           16.58 
_refine_hist.pdbx_B_iso_mean_solvent          21.92 
_refine_hist.pdbx_number_atoms_protein        1212 
_refine_hist.pdbx_number_atoms_nucleic_acid   0 
_refine_hist.pdbx_number_atoms_ligand         68 
_refine_hist.pdbx_number_atoms_lipid          ? 
_refine_hist.pdbx_number_atoms_carb           ? 
_refine_hist.pdbx_pseudo_atom_details         ? 
# 
loop_
_refine_ls_restr.pdbx_refine_id 
_refine_ls_restr.criterion 
_refine_ls_restr.dev_ideal 
_refine_ls_restr.dev_ideal_target 
_refine_ls_restr.number 
_refine_ls_restr.rejects 
_refine_ls_restr.type 
_refine_ls_restr.weight 
_refine_ls_restr.pdbx_restraint_function 
'X-RAY DIFFRACTION' ? 0.015  0.013  1311 ? r_bond_refined_d       ? ? 
'X-RAY DIFFRACTION' ? 0.001  0.017  1241 ? r_bond_other_d         ? ? 
'X-RAY DIFFRACTION' ? 1.922  1.693  1774 ? r_angle_refined_deg    ? ? 
'X-RAY DIFFRACTION' ? 1.586  1.615  2876 ? r_angle_other_deg      ? ? 
'X-RAY DIFFRACTION' ? 5.436  5.000  152  ? r_dihedral_angle_1_deg ? ? 
'X-RAY DIFFRACTION' ? 32.401 23.333 57   ? r_dihedral_angle_2_deg ? ? 
'X-RAY DIFFRACTION' ? 14.535 15.000 235  ? r_dihedral_angle_3_deg ? ? 
'X-RAY DIFFRACTION' ? 22.618 15.000 4    ? r_dihedral_angle_4_deg ? ? 
'X-RAY DIFFRACTION' ? 0.101  0.200  156  ? r_chiral_restr         ? ? 
'X-RAY DIFFRACTION' ? 0.012  0.020  1424 ? r_gen_planes_refined   ? ? 
'X-RAY DIFFRACTION' ? 0.007  0.020  265  ? r_gen_planes_other     ? ? 
# 
_refine_ls_shell.pdbx_refine_id                   'X-RAY DIFFRACTION' 
_refine_ls_shell.d_res_high                       1.7500 
_refine_ls_shell.d_res_low                        1.7950 
_refine_ls_shell.number_reflns_all                1421 
_refine_ls_shell.number_reflns_obs                ? 
_refine_ls_shell.number_reflns_R_free             67 
_refine_ls_shell.number_reflns_R_work             1354 
_refine_ls_shell.percent_reflns_obs               89.6000 
_refine_ls_shell.percent_reflns_R_free            ? 
_refine_ls_shell.R_factor_all                     ? 
_refine_ls_shell.R_factor_obs                     ? 
_refine_ls_shell.R_factor_R_free_error            0.0000 
_refine_ls_shell.R_factor_R_work                  0.1670 
_refine_ls_shell.redundancy_reflns_all            ? 
_refine_ls_shell.redundancy_reflns_obs            ? 
_refine_ls_shell.wR_factor_all                    ? 
_refine_ls_shell.wR_factor_obs                    ? 
_refine_ls_shell.wR_factor_R_free                 ? 
_refine_ls_shell.wR_factor_R_work                 ? 
_refine_ls_shell.pdbx_R_complete                  ? 
_refine_ls_shell.pdbx_total_number_of_bins_used   20 
_refine_ls_shell.pdbx_phase_error                 ? 
_refine_ls_shell.pdbx_fsc_work                    ? 
_refine_ls_shell.pdbx_fsc_free                    ? 
_refine_ls_shell.R_factor_R_free                  0.2060 
# 
_struct.entry_id                     8F9J 
_struct.title                        'H64A swMb-PrNO adduct' 
_struct.pdbx_model_details           ? 
_struct.pdbx_formula_weight          ? 
_struct.pdbx_formula_weight_method   ? 
_struct.pdbx_model_type_details      ? 
_struct.pdbx_CASP_flag               N 
# 
_struct_keywords.entry_id        8F9J 
_struct_keywords.text            'Myoglobin, Nitroso, nitosopropane, RNO, Mb, PrNO, TRANSPORT PROTEIN' 
_struct_keywords.pdbx_keywords   'TRANSPORT PROTEIN' 
# 
loop_
_struct_asym.id 
_struct_asym.pdbx_blank_PDB_chainid_flag 
_struct_asym.pdbx_modified 
_struct_asym.entity_id 
_struct_asym.details 
A N N 1 ? 
B N N 2 ? 
C N N 3 ? 
D N N 4 ? 
E N N 4 ? 
F N N 4 ? 
G N N 4 ? 
H N N 5 ? 
# 
loop_
_struct_conf.conf_type_id 
_struct_conf.id 
_struct_conf.pdbx_PDB_helix_id 
_struct_conf.beg_label_comp_id 
_struct_conf.beg_label_asym_id 
_struct_conf.beg_label_seq_id 
_struct_conf.pdbx_beg_PDB_ins_code 
_struct_conf.end_label_comp_id 
_struct_conf.end_label_asym_id 
_struct_conf.end_label_seq_id 
_struct_conf.pdbx_end_PDB_ins_code 
_struct_conf.beg_auth_comp_id 
_struct_conf.beg_auth_asym_id 
_struct_conf.beg_auth_seq_id 
_struct_conf.end_auth_comp_id 
_struct_conf.end_auth_asym_id 
_struct_conf.end_auth_seq_id 
_struct_conf.pdbx_PDB_helix_class 
_struct_conf.details 
_struct_conf.pdbx_PDB_helix_length 
HELX_P HELX_P1 AA1 SER A 4   ? GLU A 19  ? SER A 3   GLU A 18  1 ? 16 
HELX_P HELX_P2 AA2 ASP A 21  ? HIS A 37  ? ASP A 20  HIS A 36  1 ? 17 
HELX_P HELX_P3 AA3 HIS A 37  ? GLU A 42  ? HIS A 36  GLU A 41  1 ? 6  
HELX_P HELX_P4 AA4 THR A 52  ? SER A 59  ? THR A 51  SER A 58  1 ? 8  
HELX_P HELX_P5 AA5 SER A 59  ? LYS A 79  ? SER A 58  LYS A 78  1 ? 21 
HELX_P HELX_P6 AA6 HIS A 83  ? LYS A 97  ? HIS A 82  LYS A 96  1 ? 15 
HELX_P HELX_P7 AA7 PRO A 101 ? HIS A 120 ? PRO A 100 HIS A 119 1 ? 20 
HELX_P HELX_P8 AA8 GLY A 125 ? GLY A 151 ? GLY A 124 GLY A 150 1 ? 27 
# 
_struct_conf_type.id          HELX_P 
_struct_conf_type.criteria    ? 
_struct_conf_type.reference   ? 
# 
loop_
_struct_conn.id 
_struct_conn.conn_type_id 
_struct_conn.pdbx_leaving_atom_flag 
_struct_conn.pdbx_PDB_id 
_struct_conn.ptnr1_label_asym_id 
_struct_conn.ptnr1_label_comp_id 
_struct_conn.ptnr1_label_seq_id 
_struct_conn.ptnr1_label_atom_id 
_struct_conn.pdbx_ptnr1_label_alt_id 
_struct_conn.pdbx_ptnr1_PDB_ins_code 
_struct_conn.pdbx_ptnr1_standard_comp_id 
_struct_conn.ptnr1_symmetry 
_struct_conn.ptnr2_label_asym_id 
_struct_conn.ptnr2_label_comp_id 
_struct_conn.ptnr2_label_seq_id 
_struct_conn.ptnr2_label_atom_id 
_struct_conn.pdbx_ptnr2_label_alt_id 
_struct_conn.pdbx_ptnr2_PDB_ins_code 
_struct_conn.ptnr1_auth_asym_id 
_struct_conn.ptnr1_auth_comp_id 
_struct_conn.ptnr1_auth_seq_id 
_struct_conn.ptnr2_auth_asym_id 
_struct_conn.ptnr2_auth_comp_id 
_struct_conn.ptnr2_auth_seq_id 
_struct_conn.ptnr2_symmetry 
_struct_conn.pdbx_ptnr3_label_atom_id 
_struct_conn.pdbx_ptnr3_label_seq_id 
_struct_conn.pdbx_ptnr3_label_comp_id 
_struct_conn.pdbx_ptnr3_label_asym_id 
_struct_conn.pdbx_ptnr3_label_alt_id 
_struct_conn.pdbx_ptnr3_PDB_ins_code 
_struct_conn.details 
_struct_conn.pdbx_dist_value 
_struct_conn.pdbx_value_order 
_struct_conn.pdbx_role 
metalc1 metalc ? ? A HIS 94 NE2 ? ? ? 1_555 B HEM . FE ? ? A HIS 93  A HEM 200 1_555 ? ? ? ? ? ? ? 2.018 ? ? 
metalc2 metalc ? ? B HEM .  FE  ? ? ? 1_555 C XEM . N1 ? ? A HEM 200 A XEM 201 1_555 ? ? ? ? ? ? ? 1.928 ? ? 
metalc3 metalc ? ? B HEM .  FE  ? ? ? 1_555 C XEM . O1 ? ? A HEM 200 A XEM 201 1_555 ? ? ? ? ? ? ? 2.711 ? ? 
# 
_struct_conn_type.id          metalc 
_struct_conn_type.criteria    ? 
_struct_conn_type.reference   ? 
# 
_atom_sites.entry_id                    8F9J 
_atom_sites.Cartn_transf_matrix[1][1]   ? 
_atom_sites.Cartn_transf_matrix[1][2]   ? 
_atom_sites.Cartn_transf_matrix[1][3]   ? 
_atom_sites.Cartn_transf_matrix[2][1]   ? 
_atom_sites.Cartn_transf_matrix[2][2]   ? 
_atom_sites.Cartn_transf_matrix[2][3]   ? 
_atom_sites.Cartn_transf_matrix[3][1]   ? 
_atom_sites.Cartn_transf_matrix[3][2]   ? 
_atom_sites.Cartn_transf_matrix[3][3]   ? 
_atom_sites.Cartn_transf_vector[1]      ? 
_atom_sites.Cartn_transf_vector[2]      ? 
_atom_sites.Cartn_transf_vector[3]      ? 
_atom_sites.fract_transf_matrix[1][1]   0.00753815 
_atom_sites.fract_transf_matrix[1][2]   0.00587516 
_atom_sites.fract_transf_matrix[1][3]   -0.00843407 
_atom_sites.fract_transf_matrix[2][1]   0.00812373 
_atom_sites.fract_transf_matrix[2][2]   -0.00678773 
_atom_sites.fract_transf_matrix[2][3]   -0.00709875 
_atom_sites.fract_transf_matrix[3][1]   -0.01549900 
_atom_sites.fract_transf_matrix[3][2]   -0.00235015 
_atom_sites.fract_transf_matrix[3][3]   -0.01548971 
_atom_sites.fract_transf_vector[1]      -1.141543 
_atom_sites.fract_transf_vector[2]      0.293548 
_atom_sites.fract_transf_vector[3]      0.138782 
_atom_sites.solution_primary            ? 
_atom_sites.solution_secondary          ? 
_atom_sites.solution_hydrogens          ? 
_atom_sites.special_details             ? 
# 
loop_
_atom_type.symbol 
C  
FE 
N  
O  
S  
# 
loop_
_atom_site.group_PDB 
_atom_site.id 
_atom_site.type_symbol 
_atom_site.label_atom_id 
_atom_site.label_alt_id 
_atom_site.label_comp_id 
_atom_site.label_asym_id 
_atom_site.label_entity_id 
_atom_site.label_seq_id 
_atom_site.pdbx_PDB_ins_code 
_atom_site.Cartn_x 
_atom_site.Cartn_y 
_atom_site.Cartn_z 
_atom_site.occupancy 
_atom_site.B_iso_or_equiv 
_atom_site.pdbx_formal_charge 
_atom_site.auth_seq_id 
_atom_site.auth_comp_id 
_atom_site.auth_asym_id 
_atom_site.auth_atom_id 
_atom_site.pdbx_PDB_model_num 
ATOM   1    N  N   . VAL A 1 2   ? 9.147   8.368   14.606  1.00 20.20 ? 1   VAL A N   1 
ATOM   2    C  CA  . VAL A 1 2   ? 9.841   7.050   14.777  1.00 18.17 ? 1   VAL A CA  1 
ATOM   3    C  C   . VAL A 1 2   ? 8.968   6.082   15.590  1.00 15.63 ? 1   VAL A C   1 
ATOM   4    O  O   . VAL A 1 2   ? 8.536   6.421   16.716  1.00 17.51 ? 1   VAL A O   1 
ATOM   5    C  CB  . VAL A 1 2   ? 11.200  7.254   15.458  1.00 21.84 ? 1   VAL A CB  1 
ATOM   6    C  CG1 . VAL A 1 2   ? 11.882  5.929   15.797  1.00 20.24 ? 1   VAL A CG1 1 
ATOM   7    C  CG2 . VAL A 1 2   ? 12.121  8.118   14.592  1.00 23.95 ? 1   VAL A CG2 1 
ATOM   8    N  N   . LEU A 1 3   ? 8.778   4.872   15.080  1.00 12.17 ? 2   LEU A N   1 
ATOM   9    C  CA  . LEU A 1 3   ? 7.940   3.897   15.765  1.00 11.04 ? 2   LEU A CA  1 
ATOM   10   C  C   . LEU A 1 3   ? 8.741   3.240   16.876  1.00 11.15 ? 2   LEU A C   1 
ATOM   11   O  O   . LEU A 1 3   ? 9.965   2.973   16.717  1.00 11.72 ? 2   LEU A O   1 
ATOM   12   C  CB  . LEU A 1 3   ? 7.444   2.823   14.795  1.00 11.45 ? 2   LEU A CB  1 
ATOM   13   C  CG  . LEU A 1 3   ? 6.222   3.222   13.965  1.00 11.67 ? 2   LEU A CG  1 
ATOM   14   C  CD1 . LEU A 1 3   ? 6.613   4.154   12.847  1.00 12.39 ? 2   LEU A CD1 1 
ATOM   15   C  CD2 . LEU A 1 3   ? 5.556   1.986   13.373  1.00 11.60 ? 2   LEU A CD2 1 
ATOM   16   N  N   . SER A 1 4   ? 8.011   2.819   17.882  1.00 11.32 ? 3   SER A N   1 
ATOM   17   C  CA  . SER A 1 4   ? 8.570   1.933   18.917  1.00 11.91 ? 3   SER A CA  1 
ATOM   18   C  C   . SER A 1 4   ? 8.658   0.515   18.376  1.00 11.02 ? 3   SER A C   1 
ATOM   19   O  O   . SER A 1 4   ? 7.930   0.175   17.466  1.00 10.95 ? 3   SER A O   1 
ATOM   20   C  CB  . SER A 1 4   ? 7.754   2.031   20.166  1.00 12.55 ? 3   SER A CB  1 
ATOM   21   O  OG  . SER A 1 4   ? 6.528   1.373   20.007  1.00 12.05 ? 3   SER A OG  1 
ATOM   22   N  N   . GLU A 1 5   ? 9.435   -0.336  19.024  1.00 10.98 ? 4   GLU A N   1 
ATOM   23   C  CA  . GLU A 1 5   ? 9.452   -1.780  18.711  1.00 10.47 ? 4   GLU A CA  1 
ATOM   24   C  C   . GLU A 1 5   ? 8.027   -2.329  18.947  1.00 10.61 ? 4   GLU A C   1 
ATOM   25   O  O   . GLU A 1 5   ? 7.626   -3.202  18.174  1.00 10.49 ? 4   GLU A O   1 
ATOM   26   C  CB  . GLU A 1 5   ? 10.467  -2.540  19.576  1.00 11.48 ? 4   GLU A CB  1 
ATOM   27   C  CG  . GLU A 1 5   ? 10.471  -4.020  19.353  1.00 11.73 ? 4   GLU A CG  1 
ATOM   28   C  CD  . GLU A 1 5   ? 10.845  -4.613  18.017  1.00 13.50 ? 4   GLU A CD  1 
ATOM   29   O  OE1 . GLU A 1 5   ? 11.260  -3.873  17.100  1.00 13.58 ? 4   GLU A OE1 1 
ATOM   30   O  OE2 . GLU A 1 5   ? 10.693  -5.848  17.896  1.00 14.86 ? 4   GLU A OE2 1 
ATOM   31   N  N   . GLY A 1 6   ? 7.338   -1.917  20.005  1.00 11.04 ? 5   GLY A N   1 
ATOM   32   C  CA  . GLY A 1 6   ? 6.006   -2.480  20.265  1.00 11.98 ? 5   GLY A CA  1 
ATOM   33   C  C   . GLY A 1 6   ? 5.053   -2.134  19.129  1.00 11.08 ? 5   GLY A C   1 
ATOM   34   O  O   . GLY A 1 6   ? 4.224   -2.996  18.741  1.00 12.13 ? 5   GLY A O   1 
ATOM   35   N  N   . GLU A 1 7   ? 5.211   -0.936  18.588  1.00 10.66 ? 6   GLU A N   1 
ATOM   36   C  CA  . GLU A 1 7   ? 4.407   -0.458  17.421  1.00 10.57 ? 6   GLU A CA  1 
ATOM   37   C  C   . GLU A 1 7   ? 4.737   -1.325  16.200  1.00 10.27 ? 6   GLU A C   1 
ATOM   38   O  O   . GLU A 1 7   ? 3.819   -1.852  15.529  1.00 10.12 ? 6   GLU A O   1 
ATOM   39   C  CB  . GLU A 1 7   ? 4.609   1.014   17.168  1.00 11.29 ? 6   GLU A CB  1 
ATOM   40   C  CG  . GLU A 1 7   ? 3.885   1.877   18.201  1.00 12.18 ? 6   GLU A CG  1 
ATOM   41   C  CD  . GLU A 1 7   ? 4.241   3.340   18.169  1.00 14.47 ? 6   GLU A CD  1 
ATOM   42   O  OE1 . GLU A 1 7   ? 5.320   3.703   17.663  1.00 12.91 ? 6   GLU A OE1 1 
ATOM   43   O  OE2 . GLU A 1 7   ? 3.419   4.121   18.697  1.00 15.78 ? 6   GLU A OE2 1 
ATOM   44   N  N   . TRP A 1 8   ? 6.018   -1.535  15.918  1.00 10.06 ? 7   TRP A N   1 
ATOM   45   C  CA  . TRP A 1 8   ? 6.437   -2.413  14.802  1.00 9.25  ? 7   TRP A CA  1 
ATOM   46   C  C   . TRP A 1 8   ? 5.836   -3.811  15.005  1.00 9.21  ? 7   TRP A C   1 
ATOM   47   O  O   . TRP A 1 8   ? 5.433   -4.424  14.029  1.00 9.63  ? 7   TRP A O   1 
ATOM   48   C  CB  . TRP A 1 8   ? 7.969   -2.478  14.662  1.00 9.03  ? 7   TRP A CB  1 
ATOM   49   C  CG  . TRP A 1 8   ? 8.533   -1.235  14.039  1.00 8.73  ? 7   TRP A CG  1 
ATOM   50   C  CD1 . TRP A 1 8   ? 9.455   -0.369  14.569  1.00 8.25  ? 7   TRP A CD1 1 
ATOM   51   C  CD2 . TRP A 1 8   ? 8.189   -0.708  12.745  1.00 8.09  ? 7   TRP A CD2 1 
ATOM   52   N  NE1 . TRP A 1 8   ? 9.726   0.631   13.694  1.00 8.18  ? 7   TRP A NE1 1 
ATOM   53   C  CE2 . TRP A 1 8   ? 8.939   0.471   12.582  1.00 8.34  ? 7   TRP A CE2 1 
ATOM   54   C  CE3 . TRP A 1 8   ? 7.360   -1.127  11.701  1.00 9.02  ? 7   TRP A CE3 1 
ATOM   55   C  CZ2 . TRP A 1 8   ? 8.889   1.233   11.418  1.00 8.48  ? 7   TRP A CZ2 1 
ATOM   56   C  CZ3 . TRP A 1 8   ? 7.306   -0.368  10.554  1.00 9.12  ? 7   TRP A CZ3 1 
ATOM   57   C  CH2 . TRP A 1 8   ? 8.058   0.793   10.424  1.00 8.57  ? 7   TRP A CH2 1 
ATOM   58   N  N   . GLN A 1 9   ? 5.806   -4.341  16.235  1.00 10.43 ? 8   GLN A N   1 
ATOM   59   C  CA  . GLN A 1 9   ? 5.291   -5.705  16.434  1.00 10.80 ? 8   GLN A CA  1 
ATOM   60   C  C   . GLN A 1 9   ? 3.791   -5.756  16.124  1.00 10.47 ? 8   GLN A C   1 
ATOM   61   O  O   . GLN A 1 9   ? 3.365   -6.760  15.501  1.00 10.36 ? 8   GLN A O   1 
ATOM   62   C  CB  . GLN A 1 9   ? 5.647   -6.227  17.830  1.00 12.60 ? 8   GLN A CB  1 
ATOM   63   C  CG  . GLN A 1 9   ? 7.143   -6.527  17.922  1.00 16.03 ? 8   GLN A CG  1 
ATOM   64   C  CD  . GLN A 1 9   ? 7.615   -7.567  16.932  1.00 21.28 ? 8   GLN A CD  1 
ATOM   65   O  OE1 . GLN A 1 9   ? 6.888   -8.502  16.572  1.00 27.48 ? 8   GLN A OE1 1 
ATOM   66   N  NE2 . GLN A 1 9   ? 8.840   -7.405  16.440  1.00 24.34 ? 8   GLN A NE2 1 
ATOM   67   N  N   . LEU A 1 10  ? 3.058   -4.709  16.419  1.00 10.73 ? 9   LEU A N   1 
ATOM   68   C  CA  . LEU A 1 10  ? 1.607   -4.702  16.052  1.00 10.59 ? 9   LEU A CA  1 
ATOM   69   C  C   . LEU A 1 10  ? 1.475   -4.660  14.535  1.00 9.55  ? 9   LEU A C   1 
ATOM   70   O  O   . LEU A 1 10  ? 0.605   -5.346  13.991  1.00 10.18 ? 9   LEU A O   1 
ATOM   71   C  CB  . LEU A 1 10  ? 0.921   -3.492  16.661  1.00 11.60 ? 9   LEU A CB  1 
ATOM   72   C  CG  . LEU A 1 10  ? 0.827   -3.522  18.189  1.00 13.77 ? 9   LEU A CG  1 
ATOM   73   C  CD1 . LEU A 1 10  ? 0.327   -2.188  18.674  1.00 14.42 ? 9   LEU A CD1 1 
ATOM   74   C  CD2 . LEU A 1 10  ? -0.074  -4.686  18.618  1.00 16.76 ? 9   LEU A CD2 1 
ATOM   75   N  N   . VAL A 1 11  ? 2.366   -3.934  13.859  1.00 8.71  ? 10  VAL A N   1 
ATOM   76   C  CA  . VAL A 1 11  ? 2.332   -3.878  12.375  1.00 8.78  ? 10  VAL A CA  1 
ATOM   77   C  C   . VAL A 1 11  ? 2.594   -5.286  11.857  1.00 9.11  ? 10  VAL A C   1 
ATOM   78   O  O   . VAL A 1 11  ? 1.918   -5.756  10.909  1.00 8.55  ? 10  VAL A O   1 
ATOM   79   C  CB  . VAL A 1 11  ? 3.370   -2.867  11.881  1.00 8.32  ? 10  VAL A CB  1 
ATOM   80   C  CG1 . VAL A 1 11  ? 3.624   -2.968  10.393  1.00 9.66  ? 10  VAL A CG1 1 
ATOM   81   C  CG2 . VAL A 1 11  ? 2.949   -1.482  12.282  1.00 8.45  ? 10  VAL A CG2 1 
ATOM   82   N  N   . LEU A 1 12  ? 3.691   -5.894  12.310  1.00 9.92  ? 11  LEU A N   1 
ATOM   83   C  CA  . LEU A 1 12  ? 4.140   -7.189  11.778  1.00 11.26 ? 11  LEU A CA  1 
ATOM   84   C  C   . LEU A 1 12  ? 3.195   -8.335  12.192  1.00 11.01 ? 11  LEU A C   1 
ATOM   85   O  O   . LEU A 1 12  ? 3.026   -9.269  11.347  1.00 10.73 ? 11  LEU A O   1 
ATOM   86   C  CB  . LEU A 1 12  ? 5.603   -7.396  12.207  1.00 12.44 ? 11  LEU A CB  1 
ATOM   87   C  CG  . LEU A 1 12  ? 6.568   -6.374  11.645  1.00 13.57 ? 11  LEU A CG  1 
ATOM   88   C  CD1 . LEU A 1 12  ? 7.959   -6.655  12.153  1.00 16.87 ? 11  LEU A CD1 1 
ATOM   89   C  CD2 . LEU A 1 12  ? 6.532   -6.317  10.114  1.00 15.23 ? 11  LEU A CD2 1 
ATOM   90   N  N   . HIS A 1 13  ? 2.484   -8.269  13.318  1.00 12.29 ? 12  HIS A N   1 
ATOM   91   C  CA  . HIS A 1 13  ? 1.475   -9.313  13.677  1.00 14.85 ? 12  HIS A CA  1 
ATOM   92   C  C   . HIS A 1 13  ? 0.316   -9.292  12.702  1.00 12.06 ? 12  HIS A C   1 
ATOM   93   O  O   . HIS A 1 13  ? -0.134  -10.374 12.313  1.00 11.73 ? 12  HIS A O   1 
ATOM   94   C  CB  . HIS A 1 13  ? 0.916   -9.140  15.086  1.00 19.16 ? 12  HIS A CB  1 
ATOM   95   C  CG  . HIS A 1 13  ? 1.733   -9.859  16.082  1.00 31.17 ? 12  HIS A CG  1 
ATOM   96   N  ND1 . HIS A 1 13  ? 3.113   -9.701  16.131  1.00 36.17 ? 12  HIS A ND1 1 
ATOM   97   C  CD2 . HIS A 1 13  ? 1.386   -10.718 17.066  1.00 39.19 ? 12  HIS A CD2 1 
ATOM   98   C  CE1 . HIS A 1 13  ? 3.594   -10.456 17.100  1.00 39.82 ? 12  HIS A CE1 1 
ATOM   99   N  NE2 . HIS A 1 13  ? 2.549   -11.062 17.714  1.00 42.86 ? 12  HIS A NE2 1 
ATOM   100  N  N   . VAL A 1 14  ? -0.198  -8.120  12.315  1.00 9.91  ? 13  VAL A N   1 
ATOM   101  C  CA  . VAL A 1 14  ? -1.301  -8.137  11.319  1.00 8.98  ? 13  VAL A CA  1 
ATOM   102  C  C   . VAL A 1 14  ? -0.741  -8.499  9.946   1.00 8.95  ? 13  VAL A C   1 
ATOM   103  O  O   . VAL A 1 14  ? -1.437  -9.157  9.161   1.00 8.27  ? 13  VAL A O   1 
ATOM   104  C  CB  . VAL A 1 14  ? -2.141  -6.840  11.277  1.00 9.57  ? 13  VAL A CB  1 
ATOM   105  C  CG1 . VAL A 1 14  ? -1.410  -5.678  10.609  1.00 9.80  ? 13  VAL A CG1 1 
ATOM   106  C  CG2 . VAL A 1 14  ? -3.449  -7.084  10.559  1.00 9.52  ? 13  VAL A CG2 1 
ATOM   107  N  N   . TRP A 1 15  ? 0.486   -8.085  9.595   1.00 8.40  ? 14  TRP A N   1 
ATOM   108  C  CA  . TRP A 1 15  ? 1.060   -8.421  8.273   1.00 8.74  ? 14  TRP A CA  1 
ATOM   109  C  C   . TRP A 1 15  ? 1.195   -9.932  8.128   1.00 9.03  ? 14  TRP A C   1 
ATOM   110  O  O   . TRP A 1 15  ? 1.008   -10.467 7.007   1.00 7.81  ? 14  TRP A O   1 
ATOM   111  C  CB  . TRP A 1 15  ? 2.372   -7.684  7.969   1.00 8.90  ? 14  TRP A CB  1 
ATOM   112  C  CG  . TRP A 1 15  ? 2.462   -7.417  6.497   1.00 8.66  ? 14  TRP A CG  1 
ATOM   113  C  CD1 . TRP A 1 15  ? 3.188   -8.085  5.550   1.00 9.59  ? 14  TRP A CD1 1 
ATOM   114  C  CD2 . TRP A 1 15  ? 1.695   -6.442  5.772   1.00 9.10  ? 14  TRP A CD2 1 
ATOM   115  N  NE1 . TRP A 1 15  ? 2.911   -7.604  4.312   1.00 9.69  ? 14  TRP A NE1 1 
ATOM   116  C  CE2 . TRP A 1 15  ? 2.036   -6.570  4.405   1.00 10.19 ? 14  TRP A CE2 1 
ATOM   117  C  CE3 . TRP A 1 15  ? 0.805   -5.450  6.155   1.00 10.59 ? 14  TRP A CE3 1 
ATOM   118  C  CZ2 . TRP A 1 15  ? 1.498   -5.745  3.424   1.00 11.44 ? 14  TRP A CZ2 1 
ATOM   119  C  CZ3 . TRP A 1 15  ? 0.222   -4.684  5.176   1.00 11.43 ? 14  TRP A CZ3 1 
ATOM   120  C  CH2 . TRP A 1 15  ? 0.578   -4.824  3.842   1.00 10.86 ? 14  TRP A CH2 1 
ATOM   121  N  N   . ALA A 1 16  ? 1.460   -10.644 9.213   1.00 9.49  ? 15  ALA A N   1 
ATOM   122  C  CA  . ALA A 1 16  ? 1.598   -12.111 9.165   1.00 10.90 ? 15  ALA A CA  1 
ATOM   123  C  C   . ALA A 1 16  ? 0.257   -12.713 8.710   1.00 9.52  ? 15  ALA A C   1 
ATOM   124  O  O   . ALA A 1 16  ? 0.251   -13.815 8.117   1.00 8.54  ? 15  ALA A O   1 
ATOM   125  C  CB  . ALA A 1 16  ? 2.064   -12.604 10.519  1.00 12.11 ? 15  ALA A CB  1 
ATOM   126  N  N   . LYS A 1 17  ? -0.876  -12.084 9.043   1.00 9.23  ? 16  LYS A N   1 
ATOM   127  C  CA  . LYS A 1 17  ? -2.209  -12.588 8.638   1.00 10.01 ? 16  LYS A CA  1 
ATOM   128  C  C   . LYS A 1 17  ? -2.432  -12.278 7.157   1.00 9.37  ? 16  LYS A C   1 
ATOM   129  O  O   . LYS A 1 17  ? -2.866  -13.114 6.431   1.00 8.95  ? 16  LYS A O   1 
ATOM   130  C  CB  . LYS A 1 17  ? -3.321  -11.997 9.519   1.00 11.30 ? 16  LYS A CB  1 
ATOM   131  C  CG  . LYS A 1 17  ? -3.161  -12.176 11.007  1.00 13.84 ? 16  LYS A CG  1 
ATOM   132  C  CD  . LYS A 1 17  ? -3.006  -13.620 11.390  1.00 16.25 ? 16  LYS A CD  1 
ATOM   133  C  CE  . LYS A 1 17  ? -2.473  -13.814 12.782  1.00 21.88 ? 16  LYS A CE  1 
ATOM   134  N  NZ  . LYS A 1 17  ? -1.868  -15.170 12.884  1.00 25.73 ? 16  LYS A NZ  1 
ATOM   135  N  N   . VAL A 1 18  ? -2.079  -11.069 6.706   1.00 9.03  ? 17  VAL A N   1 
ATOM   136  C  CA  . VAL A 1 18  ? -2.062  -10.754 5.256   1.00 9.14  ? 17  VAL A CA  1 
ATOM   137  C  C   . VAL A 1 18  ? -1.368  -11.874 4.504   1.00 8.38  ? 17  VAL A C   1 
ATOM   138  O  O   . VAL A 1 18  ? -1.823  -12.276 3.401   1.00 8.83  ? 17  VAL A O   1 
ATOM   139  C  CB  . VAL A 1 18  ? -1.409  -9.376  4.978   1.00 9.38  ? 17  VAL A CB  1 
ATOM   140  C  CG1 . VAL A 1 18  ? -1.300  -9.118  3.489   1.00 9.92  ? 17  VAL A CG1 1 
ATOM   141  C  CG2 . VAL A 1 18  ? -2.165  -8.315  5.715   1.00 9.81  ? 17  VAL A CG2 1 
ATOM   142  N  N   . GLU A 1 19  ? -0.214  -12.277 5.017   1.00 9.46  ? 18  GLU A N   1 
ATOM   143  C  CA  . GLU A 1 19  ? 0.650   -13.232 4.290   1.00 9.04  ? 18  GLU A CA  1 
ATOM   144  C  C   . GLU A 1 19  ? 0.063   -14.644 4.225   1.00 8.46  ? 18  GLU A C   1 
ATOM   145  O  O   . GLU A 1 19  ? 0.594   -15.482 3.461   1.00 8.13  ? 18  GLU A O   1 
ATOM   146  C  CB  . GLU A 1 19  ? 2.030   -13.213 4.907   1.00 9.68  ? 18  GLU A CB  1 
ATOM   147  C  CG  . GLU A 1 19  ? 2.772   -11.981 4.517   1.00 10.10 ? 18  GLU A CG  1 
ATOM   148  C  CD  . GLU A 1 19  ? 4.146   -11.888 5.141   1.00 10.66 ? 18  GLU A CD  1 
ATOM   149  O  OE1 . GLU A 1 19  ? 4.340   -12.531 6.164   1.00 10.03 ? 18  GLU A OE1 1 
ATOM   150  O  OE2 . GLU A 1 19  ? 4.982   -11.107 4.611   1.00 11.14 ? 18  GLU A OE2 1 
ATOM   151  N  N   . ALA A 1 20  ? -1.012  -14.921 4.955   1.00 8.89  ? 19  ALA A N   1 
ATOM   152  C  CA  . ALA A 1 20  ? -1.757  -16.189 4.765   1.00 8.82  ? 19  ALA A CA  1 
ATOM   153  C  C   . ALA A 1 20  ? -2.261  -16.236 3.327   1.00 9.04  ? 19  ALA A C   1 
ATOM   154  O  O   . ALA A 1 20  ? -2.356  -17.322 2.775   1.00 8.13  ? 19  ALA A O   1 
ATOM   155  C  CB  . ALA A 1 20  ? -2.955  -16.370 5.706   1.00 9.31  ? 19  ALA A CB  1 
ATOM   156  N  N   . ASP A 1 21  ? -2.555  -15.085 2.707   1.00 9.16  ? 20  ASP A N   1 
ATOM   157  C  CA  . ASP A 1 21  ? -3.175  -15.045 1.366   1.00 8.95  ? 20  ASP A CA  1 
ATOM   158  C  C   . ASP A 1 21  ? -2.922  -13.676 0.751   1.00 9.02  ? 20  ASP A C   1 
ATOM   159  O  O   . ASP A 1 21  ? -3.830  -12.842 0.723   1.00 7.38  ? 20  ASP A O   1 
ATOM   160  C  CB  . ASP A 1 21  ? -4.676  -15.340 1.414   1.00 10.52 ? 20  ASP A CB  1 
ATOM   161  C  CG  . ASP A 1 21  ? -5.393  -15.260 0.068   1.00 10.52 ? 20  ASP A CG  1 
ATOM   162  O  OD1 . ASP A 1 21  ? -4.746  -15.218 -0.997  1.00 10.43 ? 20  ASP A OD1 1 
ATOM   163  O  OD2 . ASP A 1 21  ? -6.649  -15.210 0.095   1.00 14.64 ? 20  ASP A OD2 1 
ATOM   164  N  N   . VAL A 1 22  ? -1.665  -13.404 0.408   1.00 7.21  ? 21  VAL A N   1 
ATOM   165  C  CA  . VAL A 1 22  ? -1.412  -12.022 -0.058  1.00 7.89  ? 21  VAL A CA  1 
ATOM   166  C  C   . VAL A 1 22  ? -2.265  -11.695 -1.300  1.00 7.34  ? 21  VAL A C   1 
ATOM   167  O  O   . VAL A 1 22  ? -2.721  -10.554 -1.446  1.00 6.69  ? 21  VAL A O   1 
ATOM   168  C  CB  . VAL A 1 22  ? 0.097   -11.790 -0.266  1.00 9.87  ? 21  VAL A CB  1 
ATOM   169  C  CG1 . VAL A 1 22  ? 0.687   -12.519 -1.423  1.00 10.59 ? 21  VAL A CG1 1 
ATOM   170  C  CG2 . VAL A 1 22  ? 0.345   -10.299 -0.418  1.00 9.68  ? 21  VAL A CG2 1 
ATOM   171  N  N   . ALA A 1 23  ? -2.490  -12.643 -2.203  1.00 7.26  ? 22  ALA A N   1 
ATOM   172  C  CA  . ALA A 1 23  ? -3.229  -12.344 -3.452  1.00 7.55  ? 22  ALA A CA  1 
ATOM   173  C  C   . ALA A 1 23  ? -4.658  -11.859 -3.135  1.00 7.39  ? 22  ALA A C   1 
ATOM   174  O  O   . ALA A 1 23  ? -5.087  -10.857 -3.671  1.00 7.77  ? 22  ALA A O   1 
ATOM   175  C  CB  . ALA A 1 23  ? -3.270  -13.574 -4.287  1.00 8.02  ? 22  ALA A CB  1 
ATOM   176  N  N   . GLY A 1 24  ? -5.326  -12.530 -2.199  1.00 7.38  ? 23  GLY A N   1 
ATOM   177  C  CA  . GLY A 1 24  ? -6.693  -12.193 -1.794  1.00 7.02  ? 23  GLY A CA  1 
ATOM   178  C  C   . GLY A 1 24  ? -6.757  -10.825 -1.146  1.00 6.68  ? 23  GLY A C   1 
ATOM   179  O  O   . GLY A 1 24  ? -7.713  -10.012 -1.414  1.00 7.26  ? 23  GLY A O   1 
ATOM   180  N  N   . HIS A 1 25  ? -5.793  -10.538 -0.283  1.00 6.63  ? 24  HIS A N   1 
ATOM   181  C  CA  . HIS A 1 25  ? -5.719  -9.227  0.394   1.00 6.59  ? 24  HIS A CA  1 
ATOM   182  C  C   . HIS A 1 25  ? -5.461  -8.159  -0.673  1.00 7.30  ? 24  HIS A C   1 
ATOM   183  O  O   . HIS A 1 25  ? -6.047  -7.088  -0.578  1.00 7.26  ? 24  HIS A O   1 
ATOM   184  C  CB  . HIS A 1 25  ? -4.654  -9.260  1.466   1.00 6.54  ? 24  HIS A CB  1 
ATOM   185  C  CG  . HIS A 1 25  ? -5.046  -9.999  2.706   1.00 6.81  ? 24  HIS A CG  1 
ATOM   186  N  ND1 . HIS A 1 25  ? -4.948  -11.359 2.843   1.00 7.18  ? 24  HIS A ND1 1 
ATOM   187  C  CD2 . HIS A 1 25  ? -5.481  -9.524  3.891   1.00 7.76  ? 24  HIS A CD2 1 
ATOM   188  C  CE1 . HIS A 1 25  ? -5.326  -11.684 4.078   1.00 7.35  ? 24  HIS A CE1 1 
ATOM   189  N  NE2 . HIS A 1 25  ? -5.697  -10.604 4.718   1.00 7.53  ? 24  HIS A NE2 1 
ATOM   190  N  N   . GLY A 1 26  ? -4.581  -8.439  -1.646  1.00 6.52  ? 25  GLY A N   1 
ATOM   191  C  CA  . GLY A 1 26  ? -4.259  -7.455  -2.702  1.00 7.12  ? 25  GLY A CA  1 
ATOM   192  C  C   . GLY A 1 26  ? -5.450  -7.138  -3.576  1.00 7.55  ? 25  GLY A C   1 
ATOM   193  O  O   . GLY A 1 26  ? -5.669  -5.955  -3.906  1.00 7.62  ? 25  GLY A O   1 
ATOM   194  N  N   . GLN A 1 27  ? -6.260  -8.142  -3.911  1.00 7.68  ? 26  GLN A N   1 
ATOM   195  C  CA  . GLN A 1 27  ? -7.488  -7.913  -4.679  1.00 7.86  ? 26  GLN A CA  1 
ATOM   196  C  C   . GLN A 1 27  ? -8.389  -6.992  -3.849  1.00 7.83  ? 26  GLN A C   1 
ATOM   197  O  O   . GLN A 1 27  ? -8.920  -6.010  -4.397  1.00 8.40  ? 26  GLN A O   1 
ATOM   198  C  CB  . GLN A 1 27  ? -8.183  -9.232  -4.992  1.00 8.93  ? 26  GLN A CB  1 
ATOM   199  C  CG  . GLN A 1 27  ? -7.448  -10.072 -6.027  1.00 9.79  ? 26  GLN A CG  1 
ATOM   200  C  CD  . GLN A 1 27  ? -8.070  -11.432 -6.132  1.00 12.76 ? 26  GLN A CD  1 
ATOM   201  O  OE1 . GLN A 1 27  ? -8.212  -12.120 -5.107  1.00 13.02 ? 26  GLN A OE1 1 
ATOM   202  N  NE2 . GLN A 1 27  ? -8.492  -11.769 -7.341  1.00 13.23 ? 26  GLN A NE2 1 
ATOM   203  N  N   . ASP A 1 28  ? -8.605  -7.281  -2.573  1.00 7.68  ? 27  ASP A N   1 
ATOM   204  C  CA  . ASP A 1 28  ? -9.564  -6.451  -1.784  1.00 8.32  ? 27  ASP A CA  1 
ATOM   205  C  C   . ASP A 1 28  ? -9.068  -5.003  -1.676  1.00 8.68  ? 27  ASP A C   1 
ATOM   206  O  O   . ASP A 1 28  ? -9.842  -4.078  -1.822  1.00 7.15  ? 27  ASP A O   1 
ATOM   207  C  CB  . ASP A 1 28  ? -9.790  -6.986  -0.361  1.00 9.17  ? 27  ASP A CB  1 
ATOM   208  C  CG  . ASP A 1 28  ? -10.578 -8.262  -0.250  1.00 12.06 ? 27  ASP A CG  1 
ATOM   209  O  OD1 . ASP A 1 28  ? -11.041 -8.749  -1.319  1.00 11.64 ? 27  ASP A OD1 1 
ATOM   210  O  OD2 . ASP A 1 28  ? -10.710 -8.753  0.905   1.00 12.40 ? 27  ASP A OD2 1 
ATOM   211  N  N   . ILE A 1 29  ? -7.764  -4.807  -1.469  1.00 7.45  ? 28  ILE A N   1 
ATOM   212  C  CA  . ILE A 1 29  ? -7.180  -3.471  -1.275  1.00 7.51  ? 28  ILE A CA  1 
ATOM   213  C  C   . ILE A 1 29  ? -7.228  -2.692  -2.605  1.00 7.50  ? 28  ILE A C   1 
ATOM   214  O  O   . ILE A 1 29  ? -7.625  -1.518  -2.580  1.00 7.18  ? 28  ILE A O   1 
ATOM   215  C  CB  . ILE A 1 29  ? -5.770  -3.604  -0.654  1.00 7.43  ? 28  ILE A CB  1 
ATOM   216  C  CG1 . ILE A 1 29  ? -5.894  -4.013  0.812   1.00 7.75  ? 28  ILE A CG1 1 
ATOM   217  C  CG2 . ILE A 1 29  ? -5.005  -2.307  -0.765  1.00 7.96  ? 28  ILE A CG2 1 
ATOM   218  C  CD1 . ILE A 1 29  ? -4.606  -4.499  1.438   1.00 7.98  ? 28  ILE A CD1 1 
ATOM   219  N  N   . LEU A 1 30  ? -6.843  -3.288  -3.728  1.00 7.52  ? 29  LEU A N   1 
ATOM   220  C  CA  . LEU A 1 30  ? -6.896  -2.542  -4.999  1.00 8.83  ? 29  LEU A CA  1 
ATOM   221  C  C   . LEU A 1 30  ? -8.354  -2.254  -5.334  1.00 9.80  ? 29  LEU A C   1 
ATOM   222  O  O   . LEU A 1 30  ? -8.636  -1.109  -5.764  1.00 11.12 ? 29  LEU A O   1 
ATOM   223  C  CB  . LEU A 1 30  ? -6.193  -3.310  -6.118  1.00 9.12  ? 29  LEU A CB  1 
ATOM   224  C  CG  . LEU A 1 30  ? -4.666  -3.369  -6.026  1.00 11.21 ? 29  LEU A CG  1 
ATOM   225  C  CD1 . LEU A 1 30  ? -4.097  -3.906  -7.318  1.00 11.50 ? 29  LEU A CD1 1 
ATOM   226  C  CD2 . LEU A 1 30  ? -4.051  -2.052  -5.668  1.00 13.89 ? 29  LEU A CD2 1 
ATOM   227  N  N   . ILE A 1 31  ? -9.261  -3.207  -5.152  1.00 8.44  ? 30  ILE A N   1 
ATOM   228  C  CA  . ILE A 1 31  ? -10.681 -2.923  -5.453  1.00 9.52  ? 30  ILE A CA  1 
ATOM   229  C  C   . ILE A 1 31  ? -11.199 -1.779  -4.595  1.00 9.46  ? 30  ILE A C   1 
ATOM   230  O  O   . ILE A 1 31  ? -11.929 -0.908  -5.144  1.00 9.69  ? 30  ILE A O   1 
ATOM   231  C  CB  . ILE A 1 31  ? -11.490 -4.215  -5.347  1.00 9.73  ? 30  ILE A CB  1 
ATOM   232  C  CG1 . ILE A 1 31  ? -11.095 -5.168  -6.484  1.00 11.39 ? 30  ILE A CG1 1 
ATOM   233  C  CG2 . ILE A 1 31  ? -12.966 -3.911  -5.274  1.00 9.67  ? 30  ILE A CG2 1 
ATOM   234  C  CD1 . ILE A 1 31  ? -11.714 -6.549  -6.371  1.00 12.39 ? 30  ILE A CD1 1 
ATOM   235  N  N   . ARG A 1 32  ? -10.830 -1.725  -3.312  1.00 9.19  ? 31  ARG A N   1 
ATOM   236  C  CA  . ARG A 1 32  ? -11.300 -0.658  -2.402  1.00 10.04 ? 31  ARG A CA  1 
ATOM   237  C  C   . ARG A 1 32  ? -10.706 0.662   -2.889  1.00 10.38 ? 31  ARG A C   1 
ATOM   238  O  O   . ARG A 1 32  ? -11.446 1.696   -2.977  1.00 11.06 ? 31  ARG A O   1 
ATOM   239  C  CB  . ARG A 1 32  ? -10.861 -0.974  -0.978  1.00 10.47 ? 31  ARG A CB  1 
ATOM   240  C  CG  . ARG A 1 32  ? -11.103 0.144   0.026   1.00 11.80 ? 31  ARG A CG  1 
ATOM   241  C  CD  . ARG A 1 32  ? -12.610 0.260   0.195   1.00 14.28 ? 31  ARG A CD  1 
ATOM   242  N  NE  . ARG A 1 32  ? -12.793 1.430   1.050   1.00 16.79 ? 31  ARG A NE  1 
ATOM   243  C  CZ  . ARG A 1 32  ? -13.949 1.865   1.510   1.00 17.20 ? 31  ARG A CZ  1 
ATOM   244  N  NH1 . ARG A 1 32  ? -15.075 1.234   1.234   1.00 17.63 ? 31  ARG A NH1 1 
ATOM   245  N  NH2 . ARG A 1 32  ? -13.951 2.964   2.238   1.00 19.82 ? 31  ARG A NH2 1 
ATOM   246  N  N   . LEU A 1 33  ? -9.444  0.626   -3.303  1.00 10.08 ? 32  LEU A N   1 
ATOM   247  C  CA  . LEU A 1 33  ? -8.805  1.853   -3.800  1.00 10.62 ? 32  LEU A CA  1 
ATOM   248  C  C   . LEU A 1 33  ? -9.576  2.358   -5.030  1.00 11.25 ? 32  LEU A C   1 
ATOM   249  O  O   . LEU A 1 33  ? -9.862  3.573   -5.130  1.00 11.38 ? 32  LEU A O   1 
ATOM   250  C  CB  . LEU A 1 33  ? -7.349  1.556   -4.129  1.00 10.23 ? 32  LEU A CB  1 
ATOM   251  C  CG  . LEU A 1 33  ? -6.608  2.682   -4.857  1.00 10.19 ? 32  LEU A CG  1 
ATOM   252  C  CD1 . LEU A 1 33  ? -6.469  3.920   -3.999  1.00 9.76  ? 32  LEU A CD1 1 
ATOM   253  C  CD2 . LEU A 1 33  ? -5.227  2.222   -5.281  1.00 10.15 ? 32  LEU A CD2 1 
ATOM   254  N  N   . PHE A 1 34  ? -9.758  1.494   -6.024  1.00 10.33 ? 33  PHE A N   1 
ATOM   255  C  CA  . PHE A 1 34  ? -10.353 1.910   -7.310  1.00 12.14 ? 33  PHE A CA  1 
ATOM   256  C  C   . PHE A 1 34  ? -11.831 2.275   -7.131  1.00 15.60 ? 33  PHE A C   1 
ATOM   257  O  O   . PHE A 1 34  ? -12.326 3.185   -7.881  1.00 16.89 ? 33  PHE A O   1 
ATOM   258  C  CB  . PHE A 1 34  ? -10.180 0.811   -8.316  1.00 11.31 ? 33  PHE A CB  1 
ATOM   259  C  CG  . PHE A 1 34  ? -8.758  0.461   -8.611  1.00 12.23 ? 33  PHE A CG  1 
ATOM   260  C  CD1 . PHE A 1 34  ? -7.748  1.421   -8.621  1.00 11.56 ? 33  PHE A CD1 1 
ATOM   261  C  CD2 . PHE A 1 34  ? -8.440  -0.850  -8.948  1.00 12.74 ? 33  PHE A CD2 1 
ATOM   262  C  CE1 . PHE A 1 34  ? -6.458  1.045   -8.935  1.00 11.96 ? 33  PHE A CE1 1 
ATOM   263  C  CE2 . PHE A 1 34  ? -7.141  -1.202  -9.271  1.00 13.13 ? 33  PHE A CE2 1 
ATOM   264  C  CZ  . PHE A 1 34  ? -6.147  -0.257  -9.250  1.00 12.57 ? 33  PHE A CZ  1 
ATOM   265  N  N   . LYS A 1 35  ? -12.511 1.694   -6.141  1.00 14.53 ? 34  LYS A N   1 
ATOM   266  C  CA  . LYS A 1 35  ? -13.930 2.067   -5.922  1.00 18.30 ? 34  LYS A CA  1 
ATOM   267  C  C   . LYS A 1 35  ? -13.990 3.410   -5.194  1.00 18.19 ? 34  LYS A C   1 
ATOM   268  O  O   . LYS A 1 35  ? -14.819 4.274   -5.636  1.00 20.01 ? 34  LYS A O   1 
ATOM   269  C  CB  . LYS A 1 35  ? -14.665 0.898   -5.269  1.00 22.21 ? 34  LYS A CB  1 
ATOM   270  C  CG  . LYS A 1 35  ? -14.855 -0.258  -6.253  1.00 27.02 ? 34  LYS A CG  1 
ATOM   271  C  CD  . LYS A 1 35  ? -15.515 -1.505  -5.692  1.00 34.48 ? 34  LYS A CD  1 
ATOM   272  C  CE  . LYS A 1 35  ? -16.990 -1.324  -5.398  1.00 43.85 ? 34  LYS A CE  1 
ATOM   273  N  NZ  . LYS A 1 35  ? -17.207 -1.184  -3.937  1.00 48.82 ? 34  LYS A NZ  1 
ATOM   274  N  N   . SER A 1 36  ? -13.126 3.639   -4.200  1.00 16.25 ? 35  SER A N   1 
ATOM   275  C  CA  . SER A 1 36  ? -13.080 4.851   -3.354  1.00 16.20 ? 35  SER A CA  1 
ATOM   276  C  C   . SER A 1 36  ? -12.543 6.035   -4.181  1.00 16.29 ? 35  SER A C   1 
ATOM   277  O  O   . SER A 1 36  ? -13.101 7.178   -3.995  1.00 15.54 ? 35  SER A O   1 
ATOM   278  C  CB  . SER A 1 36  ? -12.293 4.610   -2.091  1.00 18.32 ? 35  SER A CB  1 
ATOM   279  O  OG  . SER A 1 36  ? -12.986 3.674   -1.264  1.00 18.30 ? 35  SER A OG  1 
ATOM   280  N  N   . HIS A 1 37  ? -11.559 5.804   -5.062  1.00 13.61 ? 36  HIS A N   1 
ATOM   281  C  CA  . HIS A 1 37  ? -10.853 6.876   -5.819  1.00 15.60 ? 36  HIS A CA  1 
ATOM   282  C  C   . HIS A 1 37  ? -10.657 6.417   -7.249  1.00 15.41 ? 36  HIS A C   1 
ATOM   283  O  O   . HIS A 1 37  ? -9.578  5.988   -7.666  1.00 14.04 ? 36  HIS A O   1 
ATOM   284  C  CB  . HIS A 1 37  ? -9.551  7.237   -5.087  1.00 15.96 ? 36  HIS A CB  1 
ATOM   285  C  CG  . HIS A 1 37  ? -9.767  7.541   -3.646  1.00 16.79 ? 36  HIS A CG  1 
ATOM   286  N  ND1 . HIS A 1 37  ? -10.147 8.790   -3.229  1.00 19.45 ? 36  HIS A ND1 1 
ATOM   287  C  CD2 . HIS A 1 37  ? -9.705  6.777   -2.540  1.00 17.89 ? 36  HIS A CD2 1 
ATOM   288  C  CE1 . HIS A 1 37  ? -10.283 8.795   -1.926  1.00 19.21 ? 36  HIS A CE1 1 
ATOM   289  N  NE2 . HIS A 1 37  ? -10.003 7.579   -1.483  1.00 19.83 ? 36  HIS A NE2 1 
ATOM   290  N  N   . PRO A 1 38  ? -11.724 6.403   -8.068  1.00 16.23 ? 37  PRO A N   1 
ATOM   291  C  CA  . PRO A 1 38  ? -11.639 5.839   -9.416  1.00 16.75 ? 37  PRO A CA  1 
ATOM   292  C  C   . PRO A 1 38  ? -10.565 6.465   -10.315 1.00 15.48 ? 37  PRO A C   1 
ATOM   293  O  O   . PRO A 1 38  ? -10.087 5.854   -11.239 1.00 15.83 ? 37  PRO A O   1 
ATOM   294  C  CB  . PRO A 1 38  ? -13.031 6.100   -10.013 1.00 18.48 ? 37  PRO A CB  1 
ATOM   295  C  CG  . PRO A 1 38  ? -13.899 6.160   -8.790  1.00 20.11 ? 37  PRO A CG  1 
ATOM   296  C  CD  . PRO A 1 38  ? -13.081 6.824   -7.698  1.00 18.54 ? 37  PRO A CD  1 
ATOM   297  N  N   . GLU A 1 39  ? -10.190 7.689   -10.001 1.00 17.85 ? 38  GLU A N   1 
ATOM   298  C  CA  . GLU A 1 39  ? -9.115  8.383   -10.749 1.00 17.28 ? 38  GLU A CA  1 
ATOM   299  C  C   . GLU A 1 39  ? -7.803  7.607   -10.645 1.00 16.06 ? 38  GLU A C   1 
ATOM   300  O  O   . GLU A 1 39  ? -7.012  7.666   -11.607 1.00 16.78 ? 38  GLU A O   1 
ATOM   301  C  CB  . GLU A 1 39  ? -8.997  9.837   -10.284 1.00 18.93 ? 38  GLU A CB  1 
ATOM   302  C  CG  . GLU A 1 39  ? -8.471  10.019  -8.880  1.00 20.38 ? 38  GLU A CG  1 
ATOM   303  C  CD  . GLU A 1 39  ? -9.499  10.174  -7.780  1.00 20.79 ? 38  GLU A CD  1 
ATOM   304  O  OE1 . GLU A 1 39  ? -9.213  10.970  -6.852  1.00 27.17 ? 38  GLU A OE1 1 
ATOM   305  O  OE2 . GLU A 1 39  ? -10.608 9.530   -7.851  1.00 22.66 ? 38  GLU A OE2 1 
ATOM   306  N  N   . THR A 1 40  ? -7.564  6.865   -9.547  1.00 14.85 ? 39  THR A N   1 
ATOM   307  C  CA  . THR A 1 40  ? -6.317  6.067   -9.394  1.00 13.90 ? 39  THR A CA  1 
ATOM   308  C  C   . THR A 1 40  ? -6.254  4.975   -10.455 1.00 13.53 ? 39  THR A C   1 
ATOM   309  O  O   . THR A 1 40  ? -5.183  4.579   -10.883 1.00 14.08 ? 39  THR A O   1 
ATOM   310  C  CB  . THR A 1 40  ? -6.185  5.494   -7.987  1.00 13.20 ? 39  THR A CB  1 
ATOM   311  O  OG1 . THR A 1 40  ? -7.294  4.642   -7.685  1.00 11.77 ? 39  THR A OG1 1 
ATOM   312  C  CG2 . THR A 1 40  ? -6.114  6.574   -6.943  1.00 13.15 ? 39  THR A CG2 1 
ATOM   313  N  N   . LEU A 1 41  ? -7.391  4.425   -10.872 1.00 14.60 ? 40  LEU A N   1 
ATOM   314  C  CA  . LEU A 1 41  ? -7.355  3.332   -11.859 1.00 15.39 ? 40  LEU A CA  1 
ATOM   315  C  C   . LEU A 1 41  ? -6.762  3.817   -13.188 1.00 14.80 ? 40  LEU A C   1 
ATOM   316  O  O   . LEU A 1 41  ? -6.219  2.979   -13.894 1.00 15.69 ? 40  LEU A O   1 
ATOM   317  C  CB  . LEU A 1 41  ? -8.797  2.827   -12.015 1.00 16.32 ? 40  LEU A CB  1 
ATOM   318  C  CG  . LEU A 1 41  ? -9.010  1.665   -12.948 1.00 17.92 ? 40  LEU A CG  1 
ATOM   319  C  CD1 . LEU A 1 41  ? -8.211  0.422   -12.586 1.00 16.97 ? 40  LEU A CD1 1 
ATOM   320  C  CD2 . LEU A 1 41  ? -10.498 1.353   -12.946 1.00 19.75 ? 40  LEU A CD2 1 
ATOM   321  N  N   . GLU A 1 42  ? -6.840  5.113   -13.488 1.00 17.13 ? 41  GLU A N   1 
ATOM   322  C  CA  . GLU A 1 42  ? -6.399  5.682   -14.775 1.00 20.36 ? 41  GLU A CA  1 
ATOM   323  C  C   . GLU A 1 42  ? -4.882  5.552   -14.909 1.00 23.51 ? 41  GLU A C   1 
ATOM   324  O  O   . GLU A 1 42  ? -4.368  5.617   -16.039 1.00 20.80 ? 41  GLU A O   1 
ATOM   325  C  CB  . GLU A 1 42  ? -6.770  7.147   -14.880 1.00 23.05 ? 41  GLU A CB  1 
ATOM   326  C  CG  . GLU A 1 42  ? -8.246  7.447   -14.955 1.00 27.29 ? 41  GLU A CG  1 
ATOM   327  C  CD  . GLU A 1 42  ? -8.506  8.957   -14.947 1.00 33.02 ? 41  GLU A CD  1 
ATOM   328  O  OE1 . GLU A 1 42  ? -7.623  9.706   -15.376 1.00 38.24 ? 41  GLU A OE1 1 
ATOM   329  O  OE2 . GLU A 1 42  ? -9.573  9.393   -14.493 1.00 40.50 ? 41  GLU A OE2 1 
ATOM   330  N  N   . LYS A 1 43  ? -4.177  5.331   -13.806 1.00 19.30 ? 42  LYS A N   1 
ATOM   331  C  CA  . LYS A 1 43  ? -2.702  5.235   -13.837 1.00 19.34 ? 42  LYS A CA  1 
ATOM   332  C  C   . LYS A 1 43  ? -2.251  3.895   -14.387 1.00 19.51 ? 42  LYS A C   1 
ATOM   333  O  O   . LYS A 1 43  ? -1.054  3.723   -14.592 1.00 19.17 ? 42  LYS A O   1 
ATOM   334  C  CB  . LYS A 1 43  ? -2.173  5.465   -12.419 1.00 17.71 ? 42  LYS A CB  1 
ATOM   335  C  CG  . LYS A 1 43  ? -2.288  6.889   -11.973 1.00 18.52 ? 42  LYS A CG  1 
ATOM   336  C  CD  . LYS A 1 43  ? -1.411  7.833   -12.786 1.00 20.01 ? 42  LYS A CD  1 
ATOM   337  C  CE  . LYS A 1 43  ? -1.674  9.253   -12.371 1.00 20.87 ? 42  LYS A CE  1 
ATOM   338  N  NZ  . LYS A 1 43  ? -0.717  10.189  -13.005 1.00 20.42 ? 42  LYS A NZ  1 
ATOM   339  N  N   . PHE A 1 44  ? -3.161  2.937   -14.603 1.00 21.34 ? 43  PHE A N   1 
ATOM   340  C  CA  . PHE A 1 44  ? -2.816  1.537   -14.908 1.00 19.40 ? 43  PHE A CA  1 
ATOM   341  C  C   . PHE A 1 44  ? -3.212  1.222   -16.351 1.00 25.98 ? 43  PHE A C   1 
ATOM   342  O  O   . PHE A 1 44  ? -4.361  0.798   -16.580 1.00 21.38 ? 43  PHE A O   1 
ATOM   343  C  CB  . PHE A 1 44  ? -3.536  0.598   -13.941 1.00 18.67 ? 43  PHE A CB  1 
ATOM   344  C  CG  . PHE A 1 44  ? -3.038  0.736   -12.535 1.00 17.57 ? 43  PHE A CG  1 
ATOM   345  C  CD1 . PHE A 1 44  ? -3.567  1.711   -11.719 1.00 17.06 ? 43  PHE A CD1 1 
ATOM   346  C  CD2 . PHE A 1 44  ? -1.986  -0.041  -12.094 1.00 16.41 ? 43  PHE A CD2 1 
ATOM   347  C  CE1 . PHE A 1 44  ? -3.083  1.873   -10.436 1.00 17.08 ? 43  PHE A CE1 1 
ATOM   348  C  CE2 . PHE A 1 44  ? -1.474  0.155   -10.824 1.00 16.68 ? 43  PHE A CE2 1 
ATOM   349  C  CZ  . PHE A 1 44  ? -2.053  1.084   -9.994  1.00 15.71 ? 43  PHE A CZ  1 
ATOM   350  N  N   . ASP A 1 45  ? -2.301  1.388   -17.314 1.00 25.93 ? 44  ASP A N   1 
ATOM   351  C  CA  . ASP A 1 45  ? -2.673  1.111   -18.727 1.00 27.91 ? 44  ASP A CA  1 
ATOM   352  C  C   . ASP A 1 45  ? -3.187  -0.319  -18.873 1.00 24.16 ? 44  ASP A C   1 
ATOM   353  O  O   . ASP A 1 45  ? -4.062  -0.504  -19.704 1.00 21.87 ? 44  ASP A O   1 
ATOM   354  C  CB  . ASP A 1 45  ? -1.530  1.393   -19.705 1.00 32.14 ? 44  ASP A CB  1 
ATOM   355  C  CG  . ASP A 1 45  ? -1.359  2.886   -19.908 1.00 40.53 ? 44  ASP A CG  1 
ATOM   356  O  OD1 . ASP A 1 45  ? -2.388  3.615   -19.953 1.00 45.19 ? 44  ASP A OD1 1 
ATOM   357  O  OD2 . ASP A 1 45  ? -0.202  3.321   -19.980 1.00 45.85 ? 44  ASP A OD2 1 
ATOM   358  N  N   . ARG A 1 46  ? -2.665  -1.282  -18.114 1.00 22.60 ? 45  ARG A N   1 
ATOM   359  C  CA  . ARG A 1 46  ? -2.995  -2.708  -18.313 1.00 26.77 ? 45  ARG A CA  1 
ATOM   360  C  C   . ARG A 1 46  ? -4.451  -2.985  -18.012 1.00 24.71 ? 45  ARG A C   1 
ATOM   361  O  O   . ARG A 1 46  ? -4.970  -3.895  -18.625 1.00 31.02 ? 45  ARG A O   1 
ATOM   362  C  CB  . ARG A 1 46  ? -2.271  -3.649  -17.364 1.00 30.27 ? 45  ARG A CB  1 
ATOM   363  C  CG  . ARG A 1 46  ? -1.096  -4.364  -17.980 1.00 36.50 ? 45  ARG A CG  1 
ATOM   364  C  CD  . ARG A 1 46  ? -0.296  -4.852  -16.806 1.00 40.16 ? 45  ARG A CD  1 
ATOM   365  N  NE  . ARG A 1 46  ? 0.835   -5.567  -17.325 1.00 51.96 ? 45  ARG A NE  1 
ATOM   366  C  CZ  . ARG A 1 46  ? 2.071   -5.087  -17.421 1.00 54.92 ? 45  ARG A CZ  1 
ATOM   367  N  NH1 . ARG A 1 46  ? 3.005   -5.862  -17.927 1.00 58.97 ? 45  ARG A NH1 1 
ATOM   368  N  NH2 . ARG A 1 46  ? 2.392   -3.867  -17.017 1.00 51.82 ? 45  ARG A NH2 1 
ATOM   369  N  N   . PHE A 1 47  ? -5.045  -2.326  -17.037 1.00 21.32 ? 46  PHE A N   1 
ATOM   370  C  CA  . PHE A 1 47  ? -6.410  -2.730  -16.614 1.00 23.07 ? 46  PHE A CA  1 
ATOM   371  C  C   . PHE A 1 47  ? -7.281  -1.516  -16.260 1.00 21.47 ? 46  PHE A C   1 
ATOM   372  O  O   . PHE A 1 47  ? -8.390  -1.740  -15.733 1.00 26.47 ? 46  PHE A O   1 
ATOM   373  C  CB  . PHE A 1 47  ? -6.316  -3.822  -15.531 1.00 21.79 ? 46  PHE A CB  1 
ATOM   374  C  CG  . PHE A 1 47  ? -5.409  -3.512  -14.365 1.00 17.70 ? 46  PHE A CG  1 
ATOM   375  C  CD1 . PHE A 1 47  ? -5.834  -2.615  -13.404 1.00 20.05 ? 46  PHE A CD1 1 
ATOM   376  C  CD2 . PHE A 1 47  ? -4.216  -4.192  -14.173 1.00 21.07 ? 46  PHE A CD2 1 
ATOM   377  C  CE1 . PHE A 1 47  ? -5.024  -2.325  -12.310 1.00 20.01 ? 46  PHE A CE1 1 
ATOM   378  C  CE2 . PHE A 1 47  ? -3.373  -3.847  -13.121 1.00 18.43 ? 46  PHE A CE2 1 
ATOM   379  C  CZ  . PHE A 1 47  ? -3.792  -2.948  -12.193 1.00 17.54 ? 46  PHE A CZ  1 
ATOM   380  N  N   . LYS A 1 48  ? -6.941  -0.296  -16.704 1.00 20.65 ? 47  LYS A N   1 
ATOM   381  C  CA  . LYS A 1 48  ? -7.771  0.923   -16.525 1.00 21.21 ? 47  LYS A CA  1 
ATOM   382  C  C   . LYS A 1 48  ? -9.123  0.810   -17.252 1.00 20.20 ? 47  LYS A C   1 
ATOM   383  O  O   . LYS A 1 48  ? -9.983  1.589   -16.969 1.00 19.96 ? 47  LYS A O   1 
ATOM   384  C  CB  . LYS A 1 48  ? -7.119  2.223   -17.019 1.00 25.16 ? 47  LYS A CB  1 
ATOM   385  C  CG  . LYS A 1 48  ? -6.881  2.315   -18.519 1.00 26.51 ? 47  LYS A CG  1 
ATOM   386  C  CD  . LYS A 1 48  ? -6.014  3.486   -18.875 1.00 32.72 ? 47  LYS A CD  1 
ATOM   387  C  CE  . LYS A 1 48  ? -5.782  3.561   -20.365 1.00 36.46 ? 47  LYS A CE  1 
ATOM   388  N  NZ  . LYS A 1 48  ? -4.969  4.751   -20.709 1.00 44.71 ? 47  LYS A NZ  1 
ATOM   389  N  N   . HIS A 1 49  ? -9.306  -0.153  -18.145 1.00 18.17 ? 48  HIS A N   1 
ATOM   390  C  CA  . HIS A 1 49  ? -10.593 -0.389  -18.874 1.00 17.01 ? 48  HIS A CA  1 
ATOM   391  C  C   . HIS A 1 49  ? -11.605 -1.128  -17.979 1.00 17.18 ? 48  HIS A C   1 
ATOM   392  O  O   . HIS A 1 49  ? -12.814 -1.139  -18.321 1.00 14.40 ? 48  HIS A O   1 
ATOM   393  C  CB  . HIS A 1 49  ? -10.335 -1.184  -20.155 1.00 17.17 ? 48  HIS A CB  1 
ATOM   394  C  CG  . HIS A 1 49  ? -9.820  -2.551  -19.902 1.00 19.38 ? 48  HIS A CG  1 
ATOM   395  N  ND1 . HIS A 1 49  ? -8.498  -2.780  -19.575 1.00 20.80 ? 48  HIS A ND1 1 
ATOM   396  C  CD2 . HIS A 1 49  ? -10.429 -3.754  -19.891 1.00 20.02 ? 48  HIS A CD2 1 
ATOM   397  C  CE1 . HIS A 1 49  ? -8.319  -4.067  -19.346 1.00 20.49 ? 48  HIS A CE1 1 
ATOM   398  N  NE2 . HIS A 1 49  ? -9.500  -4.702  -19.552 1.00 23.07 ? 48  HIS A NE2 1 
ATOM   399  N  N   . LEU A 1 50  ? -11.173 -1.741  -16.874 1.00 15.54 ? 49  LEU A N   1 
ATOM   400  C  CA  . LEU A 1 50  ? -12.125 -2.529  -16.037 1.00 15.37 ? 49  LEU A CA  1 
ATOM   401  C  C   . LEU A 1 50  ? -13.248 -1.635  -15.501 1.00 13.76 ? 49  LEU A C   1 
ATOM   402  O  O   . LEU A 1 50  ? -13.040 -0.523  -15.005 1.00 14.94 ? 49  LEU A O   1 
ATOM   403  C  CB  . LEU A 1 50  ? -11.420 -3.278  -14.890 1.00 17.87 ? 49  LEU A CB  1 
ATOM   404  C  CG  . LEU A 1 50  ? -10.273 -4.218  -15.258 1.00 20.34 ? 49  LEU A CG  1 
ATOM   405  C  CD1 . LEU A 1 50  ? -9.516  -4.591  -13.988 1.00 20.97 ? 49  LEU A CD1 1 
ATOM   406  C  CD2 . LEU A 1 50  ? -10.701 -5.482  -16.004 1.00 22.13 ? 49  LEU A CD2 1 
ATOM   407  N  N   . LYS A 1 51  ? -14.506 -2.086  -15.672 1.00 12.73 ? 50  LYS A N   1 
ATOM   408  C  CA  . LYS A 1 51  ? -15.706 -1.258  -15.436 1.00 13.48 ? 50  LYS A CA  1 
ATOM   409  C  C   . LYS A 1 51  ? -16.408 -1.567  -14.108 1.00 14.40 ? 50  LYS A C   1 
ATOM   410  O  O   . LYS A 1 51  ? -17.149 -0.676  -13.616 1.00 16.62 ? 50  LYS A O   1 
ATOM   411  C  CB  . LYS A 1 51  ? -16.714 -1.561  -16.542 1.00 13.11 ? 50  LYS A CB  1 
ATOM   412  C  CG  . LYS A 1 51  ? -16.242 -1.171  -17.923 1.00 12.56 ? 50  LYS A CG  1 
ATOM   413  C  CD  . LYS A 1 51  ? -17.373 -1.191  -18.982 1.00 13.39 ? 50  LYS A CD  1 
ATOM   414  C  CE  . LYS A 1 51  ? -16.879 -0.832  -20.362 1.00 13.77 ? 50  LYS A CE  1 
ATOM   415  N  NZ  . LYS A 1 51  ? -16.698 0.628   -20.516 1.00 14.33 ? 50  LYS A NZ  1 
ATOM   416  N  N   . THR A 1 52  ? -16.239 -2.771  -13.585 1.00 13.08 ? 51  THR A N   1 
ATOM   417  C  CA  . THR A 1 52  ? -16.991 -3.303  -12.429 1.00 12.86 ? 51  THR A CA  1 
ATOM   418  C  C   . THR A 1 52  ? -16.075 -4.031  -11.447 1.00 12.37 ? 51  THR A C   1 
ATOM   419  O  O   . THR A 1 52  ? -15.002 -4.479  -11.818 1.00 11.69 ? 51  THR A O   1 
ATOM   420  C  CB  . THR A 1 52  ? -18.084 -4.272  -12.905 1.00 12.51 ? 51  THR A CB  1 
ATOM   421  O  OG1 . THR A 1 52  ? -17.491 -5.439  -13.453 1.00 12.68 ? 51  THR A OG1 1 
ATOM   422  C  CG2 . THR A 1 52  ? -19.005 -3.570  -13.867 1.00 13.97 ? 51  THR A CG2 1 
ATOM   423  N  N   . GLU A 1 53  ? -16.549 -4.192  -10.223 1.00 13.23 ? 52  GLU A N   1 
ATOM   424  C  CA  . GLU A 1 53  ? -15.880 -5.012  -9.201  1.00 12.78 ? 52  GLU A CA  1 
ATOM   425  C  C   . GLU A 1 53  ? -15.774 -6.451  -9.684  1.00 12.79 ? 52  GLU A C   1 
ATOM   426  O  O   . GLU A 1 53  ? -14.731 -7.073  -9.492  1.00 11.05 ? 52  GLU A O   1 
ATOM   427  C  CB  . GLU A 1 53  ? -16.589 -4.836  -7.855  1.00 14.79 ? 52  GLU A CB  1 
ATOM   428  C  CG  . GLU A 1 53  ? -16.046 -5.795  -6.820  1.00 16.73 ? 52  GLU A CG  1 
ATOM   429  C  CD  . GLU A 1 53  ? -16.523 -5.539  -5.395  1.00 21.36 ? 52  GLU A CD  1 
ATOM   430  O  OE1 . GLU A 1 53  ? -17.330 -4.615  -5.232  1.00 21.91 ? 52  GLU A OE1 1 
ATOM   431  O  OE2 . GLU A 1 53  ? -15.980 -6.192  -4.478  1.00 19.95 ? 52  GLU A OE2 1 
ATOM   432  N  N   . ALA A 1 54  ? -16.786 -6.981  -10.381 1.00 12.34 ? 53  ALA A N   1 
ATOM   433  C  CA  . ALA A 1 54  ? -16.718 -8.343  -10.898 1.00 11.99 ? 53  ALA A CA  1 
ATOM   434  C  C   . ALA A 1 54  ? -15.555 -8.482  -11.876 1.00 11.39 ? 53  ALA A C   1 
ATOM   435  O  O   . ALA A 1 54  ? -14.818 -9.489  -11.781 1.00 11.55 ? 53  ALA A O   1 
ATOM   436  C  CB  . ALA A 1 54  ? -18.054 -8.763  -11.490 1.00 13.73 ? 53  ALA A CB  1 
ATOM   437  N  N   . GLU A 1 55  ? -15.403 -7.552  -12.816 1.00 11.13 ? 54  GLU A N   1 
ATOM   438  C  CA  . GLU A 1 55  ? -14.250 -7.542  -13.752 1.00 11.42 ? 54  GLU A CA  1 
ATOM   439  C  C   . GLU A 1 55  ? -12.938 -7.459  -12.971 1.00 10.53 ? 54  GLU A C   1 
ATOM   440  O  O   . GLU A 1 55  ? -12.006 -8.199  -13.312 1.00 10.39 ? 54  GLU A O   1 
ATOM   441  C  CB  . GLU A 1 55  ? -14.430 -6.416  -14.747 1.00 12.87 ? 54  GLU A CB  1 
ATOM   442  C  CG  . GLU A 1 55  ? -15.521 -6.775  -15.754 1.00 13.49 ? 54  GLU A CG  1 
ATOM   443  C  CD  . GLU A 1 55  ? -15.656 -5.727  -16.833 1.00 15.65 ? 54  GLU A CD  1 
ATOM   444  O  OE1 . GLU A 1 55  ? -15.012 -4.687  -16.719 1.00 16.04 ? 54  GLU A OE1 1 
ATOM   445  O  OE2 . GLU A 1 55  ? -16.448 -5.972  -17.786 1.00 15.93 ? 54  GLU A OE2 1 
ATOM   446  N  N   . MET A 1 56  ? -12.882 -6.590  -11.973 1.00 11.51 ? 55  MET A N   1 
ATOM   447  C  CA  . MET A 1 56  ? -11.666 -6.454  -11.155 1.00 11.42 ? 55  MET A CA  1 
ATOM   448  C  C   . MET A 1 56  ? -11.314 -7.800  -10.469 1.00 11.32 ? 55  MET A C   1 
ATOM   449  O  O   . MET A 1 56  ? -10.133 -8.174  -10.437 1.00 10.94 ? 55  MET A O   1 
ATOM   450  C  CB  . MET A 1 56  ? -11.868 -5.334  -10.146 1.00 12.09 ? 55  MET A CB  1 
ATOM   451  C  CG  . MET A 1 56  ? -11.871 -4.013  -10.793 1.00 12.69 ? 55  MET A CG  1 
ATOM   452  S  SD  . MET A 1 56  ? -12.172 -2.723  -9.608  1.00 14.14 ? 55  MET A SD  1 
ATOM   453  C  CE  . MET A 1 56  ? -12.517 -1.390  -10.760 1.00 17.12 ? 55  MET A CE  1 
ATOM   454  N  N   . LYS A 1 57  ? -12.293 -8.492  -9.892  1.00 12.46 ? 56  LYS A N   1 
ATOM   455  C  CA  . LYS A 1 57  ? -12.063 -9.770  -9.157  1.00 14.55 ? 56  LYS A CA  1 
ATOM   456  C  C   . LYS A 1 57  ? -11.584 -10.876 -10.089 1.00 13.61 ? 56  LYS A C   1 
ATOM   457  O  O   . LYS A 1 57  ? -10.840 -11.781 -9.649  1.00 14.44 ? 56  LYS A O   1 
ATOM   458  C  CB  . LYS A 1 57  ? -13.355 -10.183 -8.454  1.00 17.32 ? 56  LYS A CB  1 
ATOM   459  C  CG  . LYS A 1 57  ? -13.663 -9.340  -7.241  1.00 21.16 ? 56  LYS A CG  1 
ATOM   460  C  CD  . LYS A 1 57  ? -14.792 -9.903  -6.439  1.00 25.15 ? 56  LYS A CD  1 
ATOM   461  C  CE  . LYS A 1 57  ? -15.100 -9.090  -5.214  1.00 26.85 ? 56  LYS A CE  1 
ATOM   462  N  NZ  . LYS A 1 57  ? -16.543 -9.226  -4.904  1.00 33.24 ? 56  LYS A NZ  1 
ATOM   463  N  N   . ALA A 1 58  ? -11.985 -10.802 -11.370 1.00 13.49 ? 57  ALA A N   1 
ATOM   464  C  CA  . ALA A 1 58  ? -11.687 -11.808 -12.409 1.00 13.41 ? 57  ALA A CA  1 
ATOM   465  C  C   . ALA A 1 58  ? -10.369 -11.511 -13.109 1.00 12.98 ? 57  ALA A C   1 
ATOM   466  O  O   . ALA A 1 58  ? -9.879  -12.388 -13.853 1.00 15.49 ? 57  ALA A O   1 
ATOM   467  C  CB  . ALA A 1 58  ? -12.811 -11.917 -13.415 1.00 14.35 ? 57  ALA A CB  1 
ATOM   468  N  N   . SER A 1 59  ? -9.753  -10.354 -12.848 1.00 11.53 ? 58  SER A N   1 
ATOM   469  C  CA  . SER A 1 59  ? -8.566  -9.887  -13.596 1.00 11.30 ? 58  SER A CA  1 
ATOM   470  C  C   . SER A 1 59  ? -7.296  -10.532 -13.033 1.00 11.78 ? 58  SER A C   1 
ATOM   471  O  O   . SER A 1 59  ? -6.859  -10.195 -11.926 1.00 11.31 ? 58  SER A O   1 
ATOM   472  C  CB  . SER A 1 59  ? -8.448  -8.405  -13.592 1.00 11.80 ? 58  SER A CB  1 
ATOM   473  O  OG  . SER A 1 59  ? -7.172  -8.040  -14.117 1.00 10.75 ? 58  SER A OG  1 
ATOM   474  N  N   . GLU A 1 60  ? -6.644  -11.375 -13.819 1.00 12.50 ? 59  GLU A N   1 
ATOM   475  C  CA  . GLU A 1 60  ? -5.375  -11.988 -13.348 1.00 14.26 ? 59  GLU A CA  1 
ATOM   476  C  C   . GLU A 1 60  ? -4.322  -10.888 -13.223 1.00 12.67 ? 59  GLU A C   1 
ATOM   477  O  O   . GLU A 1 60  ? -3.533  -10.915 -12.259 1.00 12.08 ? 59  GLU A O   1 
ATOM   478  C  CB  . GLU A 1 60  ? -4.909  -13.090 -14.293 1.00 17.48 ? 59  GLU A CB  1 
ATOM   479  C  CG  . GLU A 1 60  ? -3.667  -13.821 -13.780 1.00 23.32 ? 59  GLU A CG  1 
ATOM   480  C  CD  . GLU A 1 60  ? -3.860  -14.723 -12.553 1.00 30.47 ? 59  GLU A CD  1 
ATOM   481  O  OE1 . GLU A 1 60  ? -5.044  -14.959 -12.106 1.00 30.88 ? 59  GLU A OE1 1 
ATOM   482  O  OE2 . GLU A 1 60  ? -2.808  -15.206 -12.018 1.00 40.55 ? 59  GLU A OE2 1 
ATOM   483  N  N   . ASP A 1 61  ? -4.329  -9.920  -14.132 1.00 13.36 ? 60  ASP A N   1 
ATOM   484  C  CA  . ASP A 1 61  ? -3.357  -8.793  -14.081 1.00 13.68 ? 60  ASP A CA  1 
ATOM   485  C  C   . ASP A 1 61  ? -3.520  -7.958  -12.791 1.00 11.96 ? 60  ASP A C   1 
ATOM   486  O  O   . ASP A 1 61  ? -2.494  -7.585  -12.182 1.00 11.44 ? 60  ASP A O   1 
ATOM   487  C  CB  . ASP A 1 61  ? -3.543  -7.887  -15.307 1.00 15.14 ? 60  ASP A CB  1 
ATOM   488  C  CG  . ASP A 1 61  ? -2.857  -8.382  -16.573 1.00 17.92 ? 60  ASP A CG  1 
ATOM   489  O  OD1 . ASP A 1 61  ? -2.086  -9.348  -16.495 1.00 20.71 ? 60  ASP A OD1 1 
ATOM   490  O  OD2 . ASP A 1 61  ? -3.086  -7.776  -17.607 1.00 19.81 ? 60  ASP A OD2 1 
ATOM   491  N  N   . LEU A 1 62  ? -4.740  -7.611  -12.420 1.00 10.87 ? 61  LEU A N   1 
ATOM   492  C  CA  . LEU A 1 62  ? -5.024  -6.914  -11.127 1.00 10.14 ? 61  LEU A CA  1 
ATOM   493  C  C   . LEU A 1 62  ? -4.567  -7.768  -9.940  1.00 9.43  ? 61  LEU A C   1 
ATOM   494  O  O   . LEU A 1 62  ? -3.909  -7.224  -9.008  1.00 9.82  ? 61  LEU A O   1 
ATOM   495  C  CB  . LEU A 1 62  ? -6.502  -6.589  -11.040 1.00 10.18 ? 61  LEU A CB  1 
ATOM   496  C  CG  . LEU A 1 62  ? -6.852  -5.667  -9.883  1.00 9.81  ? 61  LEU A CG  1 
ATOM   497  C  CD1 . LEU A 1 62  ? -8.011  -4.796  -10.292 1.00 10.50 ? 61  LEU A CD1 1 
ATOM   498  C  CD2 . LEU A 1 62  ? -7.172  -6.392  -8.614  1.00 10.66 ? 61  LEU A CD2 1 
ATOM   499  N  N   . LYS A 1 63  ? -4.814  -9.075  -9.959  1.00 8.79  ? 62  LYS A N   1 
ATOM   500  C  CA  . LYS A 1 63  ? -4.343  -9.965  -8.865  1.00 9.53  ? 62  LYS A CA  1 
ATOM   501  C  C   . LYS A 1 63  ? -2.817  -9.932  -8.758  1.00 9.45  ? 62  LYS A C   1 
ATOM   502  O  O   . LYS A 1 63  ? -2.282  -9.791  -7.622  1.00 8.50  ? 62  LYS A O   1 
ATOM   503  C  CB  . LYS A 1 63  ? -4.859  -11.375 -9.092  1.00 10.42 ? 62  LYS A CB  1 
ATOM   504  C  CG  . LYS A 1 63  ? -4.562  -12.315 -7.962  1.00 12.41 ? 62  LYS A CG  1 
ATOM   505  C  CD  . LYS A 1 63  ? -5.002  -13.701 -8.442  1.00 16.67 ? 62  LYS A CD  1 
ATOM   506  C  CE  . LYS A 1 63  ? -5.323  -14.681 -7.352  1.00 25.46 ? 62  LYS A CE  1 
ATOM   507  N  NZ  . LYS A 1 63  ? -5.770  -15.973 -7.945  1.00 27.81 ? 62  LYS A NZ  1 
ATOM   508  N  N   . LYS A 1 64  ? -2.103  -9.954  -9.874  1.00 9.78  ? 63  LYS A N   1 
ATOM   509  C  CA  . LYS A 1 64  ? -0.628  -9.850  -9.868  1.00 10.78 ? 63  LYS A CA  1 
ATOM   510  C  C   . LYS A 1 64  ? -0.204  -8.488  -9.294  1.00 9.54  ? 63  LYS A C   1 
ATOM   511  O  O   . LYS A 1 64  ? 0.761   -8.458  -8.508  1.00 10.64 ? 63  LYS A O   1 
ATOM   512  C  CB  . LYS A 1 64  ? -0.079  -10.032 -11.276 1.00 12.14 ? 63  LYS A CB  1 
ATOM   513  C  CG  . LYS A 1 64  ? -0.150  -11.462 -11.766 1.00 15.73 ? 63  LYS A CG  1 
ATOM   514  C  CD  . LYS A 1 64  ? 0.326   -11.632 -13.213 1.00 21.41 ? 63  LYS A CD  1 
ATOM   515  C  CE  . LYS A 1 64  ? 0.163   -13.061 -13.684 1.00 26.19 ? 63  LYS A CE  1 
ATOM   516  N  NZ  . LYS A 1 64  ? 0.788   -13.240 -15.015 1.00 31.30 ? 63  LYS A NZ  1 
ATOM   517  N  N   . ALA A 1 65  ? -0.896  -7.412  -9.626  1.00 8.27  ? 64  ALA A N   1 
ATOM   518  C  CA  . ALA A 1 65  ? -0.538  -6.059  -9.154  1.00 8.47  ? 64  ALA A CA  1 
ATOM   519  C  C   . ALA A 1 65  ? -0.691  -6.052  -7.629  1.00 8.20  ? 64  ALA A C   1 
ATOM   520  O  O   . ALA A 1 65  ? 0.101   -5.385  -6.940  1.00 8.99  ? 64  ALA A O   1 
ATOM   521  C  CB  . ALA A 1 65  ? -1.364  -5.039  -9.857  1.00 8.35  ? 64  ALA A CB  1 
ATOM   522  N  N   . GLY A 1 66  ? -1.746  -6.713  -7.139  1.00 7.36  ? 65  GLY A N   1 
ATOM   523  C  CA  . GLY A 1 66  ? -2.023  -6.740  -5.702  1.00 7.23  ? 65  GLY A CA  1 
ATOM   524  C  C   . GLY A 1 66  ? -0.906  -7.471  -4.966  1.00 6.98  ? 65  GLY A C   1 
ATOM   525  O  O   . GLY A 1 66  ? -0.485  -7.028  -3.925  1.00 7.30  ? 65  GLY A O   1 
ATOM   526  N  N   . VAL A 1 67  ? -0.474  -8.593  -5.497  1.00 6.76  ? 66  VAL A N   1 
ATOM   527  C  CA  . VAL A 1 67  ? 0.638   -9.356  -4.886  1.00 7.54  ? 66  VAL A CA  1 
ATOM   528  C  C   . VAL A 1 67  ? 1.897   -8.491  -4.887  1.00 7.55  ? 66  VAL A C   1 
ATOM   529  O  O   . VAL A 1 67  ? 2.609   -8.460  -3.850  1.00 8.02  ? 66  VAL A O   1 
ATOM   530  C  CB  . VAL A 1 67  ? 0.843   -10.678 -5.631  1.00 8.14  ? 66  VAL A CB  1 
ATOM   531  C  CG1 . VAL A 1 67  ? 2.119   -11.351 -5.154  1.00 8.64  ? 66  VAL A CG1 1 
ATOM   532  C  CG2 . VAL A 1 67  ? -0.364  -11.566 -5.404  1.00 8.46  ? 66  VAL A CG2 1 
ATOM   533  N  N   . THR A 1 68  ? 2.172   -7.838  -5.996  1.00 7.60  ? 67  THR A N   1 
ATOM   534  C  CA  . THR A 1 68  ? 3.400   -7.003  -6.116  1.00 8.35  ? 67  THR A CA  1 
ATOM   535  C  C   . THR A 1 68  ? 3.368   -5.874  -5.071  1.00 8.19  ? 67  THR A C   1 
ATOM   536  O  O   . THR A 1 68  ? 4.397   -5.605  -4.430  1.00 7.84  ? 67  THR A O   1 
ATOM   537  C  CB  . THR A 1 68  ? 3.496   -6.459  -7.540  1.00 9.33  ? 67  THR A CB  1 
ATOM   538  O  OG1 . THR A 1 68  ? 3.683   -7.564  -8.422  1.00 9.61  ? 67  THR A OG1 1 
ATOM   539  C  CG2 . THR A 1 68  ? 4.594   -5.447  -7.649  1.00 10.64 ? 67  THR A CG2 1 
ATOM   540  N  N   . VAL A 1 69  ? 2.279   -5.119  -4.973  1.00 7.94  ? 68  VAL A N   1 
ATOM   541  C  CA  . VAL A 1 69  ? 2.222   -3.968  -4.055  1.00 7.51  ? 68  VAL A CA  1 
ATOM   542  C  C   . VAL A 1 69  ? 2.383   -4.435  -2.609  1.00 7.64  ? 68  VAL A C   1 
ATOM   543  O  O   . VAL A 1 69  ? 3.179   -3.859  -1.848  1.00 7.62  ? 68  VAL A O   1 
ATOM   544  C  CB  . VAL A 1 69  ? 0.959   -3.088  -4.190  1.00 7.30  ? 68  VAL A CB  1 
ATOM   545  C  CG1 . VAL A 1 69  ? -0.341  -3.731  -3.753  1.00 8.65  ? 68  VAL A CG1 1 
ATOM   546  C  CG2 . VAL A 1 69  ? 1.186   -1.796  -3.463  1.00 8.07  ? 68  VAL A CG2 1 
ATOM   547  N  N   . LEU A 1 70  ? 1.685   -5.497  -2.243  1.00 6.88  ? 69  LEU A N   1 
ATOM   548  C  CA  . LEU A 1 70  ? 1.712   -5.892  -0.809  1.00 7.05  ? 69  LEU A CA  1 
ATOM   549  C  C   . LEU A 1 70  ? 3.032   -6.553  -0.442  1.00 6.48  ? 69  LEU A C   1 
ATOM   550  O  O   . LEU A 1 70  ? 3.445   -6.420  0.714   1.00 5.88  ? 69  LEU A O   1 
ATOM   551  C  CB  . LEU A 1 70  ? 0.529   -6.802  -0.529  1.00 7.04  ? 69  LEU A CB  1 
ATOM   552  C  CG  . LEU A 1 70  ? -0.863  -6.154  -0.600  1.00 7.21  ? 69  LEU A CG  1 
ATOM   553  C  CD1 . LEU A 1 70  ? -1.922  -7.112  -0.068  1.00 7.77  ? 69  LEU A CD1 1 
ATOM   554  C  CD2 . LEU A 1 70  ? -0.940  -4.804  0.142   1.00 7.58  ? 69  LEU A CD2 1 
ATOM   555  N  N   . THR A 1 71  ? 3.660   -7.265  -1.370  1.00 6.61  ? 70  THR A N   1 
ATOM   556  C  CA  . THR A 1 71  ? 4.977   -7.892  -1.125  1.00 7.49  ? 70  THR A CA  1 
ATOM   557  C  C   . THR A 1 71  ? 6.039   -6.809  -0.960  1.00 7.41  ? 70  THR A C   1 
ATOM   558  O  O   . THR A 1 71  ? 6.866   -6.878  -0.043  1.00 6.73  ? 70  THR A O   1 
ATOM   559  C  CB  . THR A 1 71  ? 5.310   -8.937  -2.206  1.00 7.92  ? 70  THR A CB  1 
ATOM   560  O  OG1 . THR A 1 71  ? 4.256   -9.912  -2.197  1.00 9.17  ? 70  THR A OG1 1 
ATOM   561  C  CG2 . THR A 1 71  ? 6.669   -9.571  -2.005  1.00 9.06  ? 70  THR A CG2 1 
ATOM   562  N  N   . ALA A 1 72  ? 6.047   -5.817  -1.842  1.00 7.26  ? 71  ALA A N   1 
ATOM   563  C  CA  . ALA A 1 72  ? 6.999   -4.679  -1.737  1.00 7.48  ? 71  ALA A CA  1 
ATOM   564  C  C   . ALA A 1 72  ? 6.767   -3.918  -0.431  1.00 7.83  ? 71  ALA A C   1 
ATOM   565  O  O   . ALA A 1 72  ? 7.739   -3.589  0.284   1.00 7.18  ? 71  ALA A O   1 
ATOM   566  C  CB  . ALA A 1 72  ? 6.870   -3.801  -2.933  1.00 7.33  ? 71  ALA A CB  1 
ATOM   567  N  N   . LEU A 1 73  ? 5.507   -3.636  -0.095  1.00 7.37  ? 72  LEU A N   1 
ATOM   568  C  CA  . LEU A 1 73  ? 5.221   -2.934  1.175   1.00 7.53  ? 72  LEU A CA  1 
ATOM   569  C  C   . LEU A 1 73  ? 5.605   -3.795  2.368   1.00 7.17  ? 72  LEU A C   1 
ATOM   570  O  O   . LEU A 1 73  ? 6.156   -3.251  3.353   1.00 7.50  ? 72  LEU A O   1 
ATOM   571  C  CB  . LEU A 1 73  ? 3.746   -2.570  1.238   1.00 7.85  ? 72  LEU A CB  1 
ATOM   572  C  CG  . LEU A 1 73  ? 3.329   -1.821  2.492   1.00 7.92  ? 72  LEU A CG  1 
ATOM   573  C  CD1 . LEU A 1 73  ? 4.141   -0.539  2.673   1.00 8.76  ? 72  LEU A CD1 1 
ATOM   574  C  CD2 . LEU A 1 73  ? 1.860   -1.470  2.415   1.00 8.72  ? 72  LEU A CD2 1 
ATOM   575  N  N   . GLY A 1 74  ? 5.298   -5.084  2.330   1.00 8.03  ? 73  GLY A N   1 
ATOM   576  C  CA  . GLY A 1 74  ? 5.728   -6.025  3.374   1.00 8.54  ? 73  GLY A CA  1 
ATOM   577  C  C   . GLY A 1 74  ? 7.237   -5.934  3.623   1.00 8.05  ? 73  GLY A C   1 
ATOM   578  O  O   . GLY A 1 74  ? 7.667   -5.907  4.790   1.00 8.03  ? 73  GLY A O   1 
ATOM   579  N  N   . ALA A 1 75  ? 8.045   -5.933  2.564   1.00 8.72  ? 74  ALA A N   1 
ATOM   580  C  CA  . ALA A 1 75  ? 9.520   -5.887  2.682   1.00 8.49  ? 74  ALA A CA  1 
ATOM   581  C  C   . ALA A 1 75  ? 9.906   -4.585  3.377   1.00 8.86  ? 74  ALA A C   1 
ATOM   582  O  O   . ALA A 1 75  ? 10.823  -4.614  4.244   1.00 9.15  ? 74  ALA A O   1 
ATOM   583  C  CB  . ALA A 1 75  ? 10.180  -6.040  1.351   1.00 9.16  ? 74  ALA A CB  1 
ATOM   584  N  N   . ILE A 1 76  ? 9.221   -3.504  3.049   1.00 7.34  ? 75  ILE A N   1 
ATOM   585  C  CA  . ILE A 1 76  ? 9.499   -2.177  3.660   1.00 7.89  ? 75  ILE A CA  1 
ATOM   586  C  C   . ILE A 1 76  ? 9.144   -2.227  5.151   1.00 7.83  ? 75  ILE A C   1 
ATOM   587  O  O   . ILE A 1 76  ? 9.986   -1.853  5.986   1.00 7.79  ? 75  ILE A O   1 
ATOM   588  C  CB  . ILE A 1 76  ? 8.739   -1.081  2.909   1.00 8.57  ? 75  ILE A CB  1 
ATOM   589  C  CG1 . ILE A 1 76  ? 9.374   -0.864  1.541   1.00 9.78  ? 75  ILE A CG1 1 
ATOM   590  C  CG2 . ILE A 1 76  ? 8.659   0.192   3.765   1.00 8.68  ? 75  ILE A CG2 1 
ATOM   591  C  CD1 . ILE A 1 76  ? 8.483   -0.159  0.560   1.00 11.54 ? 75  ILE A CD1 1 
ATOM   592  N  N   . LEU A 1 77  ? 7.969   -2.753  5.491   1.00 7.71  ? 76  LEU A N   1 
ATOM   593  C  CA  . LEU A 1 77  ? 7.534   -2.792  6.899   1.00 7.66  ? 76  LEU A CA  1 
ATOM   594  C  C   . LEU A 1 77  ? 8.485   -3.666  7.727   1.00 7.65  ? 76  LEU A C   1 
ATOM   595  O  O   . LEU A 1 77  ? 8.849   -3.275  8.855   1.00 8.84  ? 76  LEU A O   1 
ATOM   596  C  CB  . LEU A 1 77  ? 6.092   -3.302  6.940   1.00 7.87  ? 76  LEU A CB  1 
ATOM   597  C  CG  . LEU A 1 77  ? 5.034   -2.385  6.350   1.00 8.28  ? 76  LEU A CG  1 
ATOM   598  C  CD1 . LEU A 1 77  ? 3.667   -3.080  6.338   1.00 8.83  ? 76  LEU A CD1 1 
ATOM   599  C  CD2 . LEU A 1 77  ? 4.934   -1.049  7.011   1.00 10.08 ? 76  LEU A CD2 1 
ATOM   600  N  N   . LYS A 1 78  ? 8.944   -4.773  7.178   1.00 7.21  ? 77  LYS A N   1 
ATOM   601  C  CA  . LYS A 1 78  ? 9.873   -5.670  7.883   1.00 7.68  ? 77  LYS A CA  1 
ATOM   602  C  C   . LYS A 1 78  ? 11.201  -4.982  8.180   1.00 8.60  ? 77  LYS A C   1 
ATOM   603  O  O   . LYS A 1 78  ? 11.901  -5.467  9.081   1.00 8.95  ? 77  LYS A O   1 
ATOM   604  C  CB  . LYS A 1 78  ? 10.044  -6.968  7.102   1.00 8.07  ? 77  LYS A CB  1 
ATOM   605  C  CG  . LYS A 1 78  ? 8.817   -7.847  7.180   1.00 8.48  ? 77  LYS A CG  1 
ATOM   606  C  CD  . LYS A 1 78  ? 8.832   -8.930  6.120   1.00 9.22  ? 77  LYS A CD  1 
ATOM   607  C  CE  . LYS A 1 78  ? 7.465   -9.598  6.002   1.00 10.81 ? 77  LYS A CE  1 
ATOM   608  N  NZ  . LYS A 1 78  ? 7.535   -10.872 5.264   1.00 10.85 ? 77  LYS A NZ  1 
ATOM   609  N  N   . LYS A 1 79  ? 11.596  -3.959  7.429   1.00 8.91  ? 78  LYS A N   1 
ATOM   610  C  CA  . LYS A 1 79  ? 12.811  -3.143  7.748   1.00 9.65  ? 78  LYS A CA  1 
ATOM   611  C  C   . LYS A 1 79  ? 12.602  -2.217  8.962   1.00 8.43  ? 78  LYS A C   1 
ATOM   612  O  O   . LYS A 1 79  ? 13.629  -1.684  9.513   1.00 8.39  ? 78  LYS A O   1 
ATOM   613  C  CB  . LYS A 1 79  ? 13.257  -2.306  6.549   1.00 10.73 ? 78  LYS A CB  1 
ATOM   614  C  CG  . LYS A 1 79  ? 13.799  -3.122  5.377   1.00 13.42 ? 78  LYS A CG  1 
ATOM   615  C  CD  . LYS A 1 79  ? 14.780  -4.138  5.741   1.00 17.66 ? 78  LYS A CD  1 
ATOM   616  C  CE  . LYS A 1 79  ? 16.175  -3.615  5.839   1.00 25.15 ? 78  LYS A CE  1 
ATOM   617  N  NZ  . LYS A 1 79  ? 16.823  -3.752  4.501   1.00 31.05 ? 78  LYS A NZ  1 
ATOM   618  N  N   . LYS A 1 80  ? 11.361  -2.036  9.419   1.00 8.58  ? 79  LYS A N   1 
ATOM   619  C  CA  . LYS A 1 80  ? 11.043  -1.284  10.664  1.00 8.61  ? 79  LYS A CA  1 
ATOM   620  C  C   . LYS A 1 80  ? 11.705  0.082   10.610  1.00 9.35  ? 79  LYS A C   1 
ATOM   621  O  O   . LYS A 1 80  ? 12.343  0.501   11.576  1.00 8.99  ? 79  LYS A O   1 
ATOM   622  C  CB  . LYS A 1 80  ? 11.461  -2.073  11.904  1.00 9.76  ? 79  LYS A CB  1 
ATOM   623  C  CG  . LYS A 1 80  ? 10.822  -3.442  12.004  1.00 11.81 ? 79  LYS A CG  1 
ATOM   624  C  CD  . LYS A 1 80  ? 10.957  -4.038  13.401  1.00 15.85 ? 79  LYS A CD  1 
ATOM   625  C  CE  . LYS A 1 80  ? 12.348  -4.448  13.774  1.00 19.80 ? 79  LYS A CE  1 
ATOM   626  N  NZ  . LYS A 1 80  ? 12.278  -5.378  14.950  1.00 19.90 ? 79  LYS A NZ  1 
ATOM   627  N  N   . GLY A 1 81  ? 11.559  0.748   9.467   1.00 8.06  ? 80  GLY A N   1 
ATOM   628  C  CA  . GLY A 1 81  ? 12.002  2.136   9.252   1.00 9.43  ? 80  GLY A CA  1 
ATOM   629  C  C   . GLY A 1 81  ? 13.369  2.215   8.569   1.00 9.04  ? 80  GLY A C   1 
ATOM   630  O  O   . GLY A 1 81  ? 13.757  3.346   8.121   1.00 10.46 ? 80  GLY A O   1 
ATOM   631  N  N   . HIS A 1 82  ? 14.141  1.136   8.548   1.00 8.92  ? 81  HIS A N   1 
ATOM   632  C  CA  . HIS A 1 82  ? 15.484  1.103   7.884   1.00 9.69  ? 81  HIS A CA  1 
ATOM   633  C  C   . HIS A 1 82  ? 15.346  0.737   6.395   1.00 10.10 ? 81  HIS A C   1 
ATOM   634  O  O   . HIS A 1 82  ? 15.897  -0.313  5.967   1.00 10.33 ? 81  HIS A O   1 
ATOM   635  C  CB  . HIS A 1 82  ? 16.397  0.146   8.628   1.00 9.75  ? 81  HIS A CB  1 
ATOM   636  C  CG  . HIS A 1 82  ? 16.735  0.576   10.003  1.00 10.80 ? 81  HIS A CG  1 
ATOM   637  N  ND1 . HIS A 1 82  ? 16.058  0.135   11.130  1.00 12.84 ? 81  HIS A ND1 1 
ATOM   638  C  CD2 . HIS A 1 82  ? 17.697  1.406   10.438  1.00 10.84 ? 81  HIS A CD2 1 
ATOM   639  C  CE1 . HIS A 1 82  ? 16.620  0.665   12.213  1.00 11.06 ? 81  HIS A CE1 1 
ATOM   640  N  NE2 . HIS A 1 82  ? 17.613  1.434   11.819  1.00 14.85 ? 81  HIS A NE2 1 
ATOM   641  N  N   . HIS A 1 83  ? 14.528  1.499   5.660   1.00 9.84  ? 82  HIS A N   1 
ATOM   642  C  CA  . HIS A 1 83  ? 14.007  1.106   4.327   1.00 9.90  ? 82  HIS A CA  1 
ATOM   643  C  C   . HIS A 1 83  ? 14.582  2.010   3.238   1.00 11.91 ? 82  HIS A C   1 
ATOM   644  O  O   . HIS A 1 83  ? 14.000  2.024   2.138   1.00 11.23 ? 82  HIS A O   1 
ATOM   645  C  CB  . HIS A 1 83  ? 12.465  1.108   4.415   1.00 9.61  ? 82  HIS A CB  1 
ATOM   646  C  CG  . HIS A 1 83  ? 11.921  2.412   4.887   1.00 9.79  ? 82  HIS A CG  1 
ATOM   647  N  ND1 . HIS A 1 83  ? 10.815  2.454   5.704   1.00 9.64  ? 82  HIS A ND1 1 
ATOM   648  C  CD2 . HIS A 1 83  ? 12.310  3.694   4.690   1.00 9.45  ? 82  HIS A CD2 1 
ATOM   649  C  CE1 . HIS A 1 83  ? 10.553  3.719   5.987   1.00 10.00 ? 82  HIS A CE1 1 
ATOM   650  N  NE2 . HIS A 1 83  ? 11.430  4.515   5.351   1.00 9.07  ? 82  HIS A NE2 1 
ATOM   651  N  N   . GLU A 1 84  ? 15.724  2.664   3.506   1.00 12.69 ? 83  GLU A N   1 
ATOM   652  C  CA  . GLU A 1 84  ? 16.335  3.575   2.494   1.00 16.03 ? 83  GLU A CA  1 
ATOM   653  C  C   . GLU A 1 84  ? 16.555  2.834   1.172   1.00 13.73 ? 83  GLU A C   1 
ATOM   654  O  O   . GLU A 1 84  ? 16.248  3.414   0.110   1.00 13.17 ? 83  GLU A O   1 
ATOM   655  C  CB  . GLU A 1 84  ? 17.612  4.175   3.071   1.00 21.06 ? 83  GLU A CB  1 
ATOM   656  C  CG  . GLU A 1 84  ? 17.260  5.368   3.953   1.00 29.40 ? 83  GLU A CG  1 
ATOM   657  C  CD  . GLU A 1 84  ? 17.903  5.564   5.322   1.00 42.35 ? 83  GLU A CD  1 
ATOM   658  O  OE1 . GLU A 1 84  ? 17.612  4.736   6.258   1.00 47.16 ? 83  GLU A OE1 1 
ATOM   659  O  OE2 . GLU A 1 84  ? 18.635  6.609   5.480   1.00 49.43 ? 83  GLU A OE2 1 
ATOM   660  N  N   . ALA A 1 85  ? 17.071  1.629   1.213   1.00 12.06 ? 84  ALA A N   1 
ATOM   661  C  CA  . ALA A 1 85  ? 17.433  0.887   -0.025  1.00 14.05 ? 84  ALA A CA  1 
ATOM   662  C  C   . ALA A 1 85  ? 16.173  0.524   -0.807  1.00 14.69 ? 84  ALA A C   1 
ATOM   663  O  O   . ALA A 1 85  ? 16.199  0.631   -2.090  1.00 13.03 ? 84  ALA A O   1 
ATOM   664  C  CB  . ALA A 1 85  ? 18.243  -0.346  0.251   1.00 15.65 ? 84  ALA A CB  1 
ATOM   665  N  N   . GLU A 1 86  ? 15.119  0.136   -0.091  1.00 12.08 ? 85  GLU A N   1 
ATOM   666  C  CA  . GLU A 1 86  ? 13.839  -0.325  -0.702  1.00 11.75 ? 85  GLU A CA  1 
ATOM   667  C  C   . GLU A 1 86  ? 13.138  0.888   -1.318  1.00 11.59 ? 85  GLU A C   1 
ATOM   668  O  O   . GLU A 1 86  ? 12.417  0.742   -2.338  1.00 10.66 ? 85  GLU A O   1 
ATOM   669  C  CB  . GLU A 1 86  ? 12.945  -0.967  0.365   1.00 11.48 ? 85  GLU A CB  1 
ATOM   670  C  CG  . GLU A 1 86  ? 13.461  -2.333  0.805   1.00 12.75 ? 85  GLU A CG  1 
ATOM   671  C  CD  . GLU A 1 86  ? 14.643  -2.332  1.753   1.00 13.93 ? 85  GLU A CD  1 
ATOM   672  O  OE1 . GLU A 1 86  ? 15.002  -1.241  2.298   1.00 13.87 ? 85  GLU A OE1 1 
ATOM   673  O  OE2 . GLU A 1 86  ? 15.242  -3.433  1.945   1.00 16.49 ? 85  GLU A OE2 1 
ATOM   674  N  N   . LEU A 1 87  ? 13.262  2.063   -0.699  1.00 11.46 ? 86  LEU A N   1 
ATOM   675  C  CA  . LEU A 1 87  ? 12.461  3.208   -1.177  1.00 11.97 ? 86  LEU A CA  1 
ATOM   676  C  C   . LEU A 1 87  ? 13.120  3.825   -2.411  1.00 12.51 ? 86  LEU A C   1 
ATOM   677  O  O   . LEU A 1 87  ? 12.399  4.490   -3.192  1.00 10.98 ? 86  LEU A O   1 
ATOM   678  C  CB  . LEU A 1 87  ? 12.262  4.297   -0.117  1.00 14.01 ? 86  LEU A CB  1 
ATOM   679  C  CG  . LEU A 1 87  ? 11.497  3.967   1.142   1.00 16.11 ? 86  LEU A CG  1 
ATOM   680  C  CD1 . LEU A 1 87  ? 11.028  5.291   1.770   1.00 14.89 ? 86  LEU A CD1 1 
ATOM   681  C  CD2 . LEU A 1 87  ? 10.365  3.008   0.937   1.00 16.62 ? 86  LEU A CD2 1 
ATOM   682  N  N   . LYS A 1 88  ? 14.426  3.633   -2.628  1.00 12.81 ? 87  LYS A N   1 
ATOM   683  C  CA  . LYS A 1 88  ? 15.075  4.346   -3.745  1.00 13.38 ? 87  LYS A CA  1 
ATOM   684  C  C   . LYS A 1 88  ? 14.462  3.990   -5.092  1.00 11.77 ? 87  LYS A C   1 
ATOM   685  O  O   . LYS A 1 88  ? 14.001  4.877   -5.821  1.00 10.10 ? 87  LYS A O   1 
ATOM   686  C  CB  . LYS A 1 88  ? 16.574  4.059   -3.787  1.00 16.31 ? 87  LYS A CB  1 
ATOM   687  C  CG  . LYS A 1 88  ? 17.420  5.069   -3.080  1.00 20.98 ? 87  LYS A CG  1 
ATOM   688  C  CD  . LYS A 1 88  ? 18.894  4.761   -3.238  1.00 23.67 ? 87  LYS A CD  1 
ATOM   689  C  CE  . LYS A 1 88  ? 19.676  5.256   -2.044  1.00 29.07 ? 87  LYS A CE  1 
ATOM   690  N  NZ  . LYS A 1 88  ? 21.123  5.348   -2.341  1.00 30.93 ? 87  LYS A NZ  1 
ATOM   691  N  N   . PRO A 1 89  ? 14.449  2.710   -5.525  1.00 11.15 ? 88  PRO A N   1 
ATOM   692  C  CA  . PRO A 1 89  ? 13.881  2.374   -6.822  1.00 11.09 ? 88  PRO A CA  1 
ATOM   693  C  C   . PRO A 1 89  ? 12.377  2.652   -6.923  1.00 9.51  ? 88  PRO A C   1 
ATOM   694  O  O   . PRO A 1 89  ? 11.862  3.009   -8.005  1.00 10.13 ? 88  PRO A O   1 
ATOM   695  C  CB  . PRO A 1 89  ? 14.213  0.882   -6.992  1.00 11.85 ? 88  PRO A CB  1 
ATOM   696  C  CG  . PRO A 1 89  ? 14.308  0.369   -5.544  1.00 12.71 ? 88  PRO A CG  1 
ATOM   697  C  CD  . PRO A 1 89  ? 14.949  1.518   -4.794  1.00 11.84 ? 88  PRO A CD  1 
ATOM   698  N  N   . LEU A 1 90  ? 11.655  2.451   -5.806  1.00 9.69  ? 89  LEU A N   1 
ATOM   699  C  CA  . LEU A 1 90  ? 10.185  2.677   -5.772  1.00 9.98  ? 89  LEU A CA  1 
ATOM   700  C  C   . LEU A 1 90  ? 9.886   4.160   -6.013  1.00 8.78  ? 89  LEU A C   1 
ATOM   701  O  O   . LEU A 1 90  ? 8.979   4.493   -6.797  1.00 9.19  ? 89  LEU A O   1 
ATOM   702  C  CB  . LEU A 1 90  ? 9.667   2.143   -4.421  1.00 11.89 ? 89  LEU A CB  1 
ATOM   703  C  CG  . LEU A 1 90  ? 8.170   2.197   -4.223  1.00 16.09 ? 89  LEU A CG  1 
ATOM   704  C  CD1 . LEU A 1 90  ? 7.483   1.252   -5.189  1.00 17.99 ? 89  LEU A CD1 1 
ATOM   705  C  CD2 . LEU A 1 90  ? 7.792   1.858   -2.771  1.00 17.80 ? 89  LEU A CD2 1 
ATOM   706  N  N   . ALA A 1 91  ? 10.549  5.035   -5.246  1.00 8.45  ? 90  ALA A N   1 
ATOM   707  C  CA  . ALA A 1 91  ? 10.406  6.493   -5.420  1.00 8.22  ? 90  ALA A CA  1 
ATOM   708  C  C   . ALA A 1 91  ? 10.703  6.841   -6.871  1.00 8.74  ? 90  ALA A C   1 
ATOM   709  O  O   . ALA A 1 91  ? 9.972   7.664   -7.448  1.00 8.07  ? 90  ALA A O   1 
ATOM   710  C  CB  . ALA A 1 91  ? 11.284  7.273   -4.474  1.00 8.72  ? 90  ALA A CB  1 
ATOM   711  N  N   . GLN A 1 92  ? 11.805  6.315   -7.409  1.00 8.70  ? 91  GLN A N   1 
ATOM   712  C  CA  . GLN A 1 92  ? 12.168  6.757   -8.776  1.00 8.98  ? 91  GLN A CA  1 
ATOM   713  C  C   . GLN A 1 92  ? 11.085  6.307   -9.763  1.00 9.18  ? 91  GLN A C   1 
ATOM   714  O  O   . GLN A 1 92  ? 10.660  7.103   -10.586 1.00 9.02  ? 91  GLN A O   1 
ATOM   715  C  CB  . GLN A 1 92  ? 13.548  6.287   -9.194  1.00 8.92  ? 91  GLN A CB  1 
ATOM   716  C  CG  . GLN A 1 92  ? 13.844  6.731   -10.623 1.00 9.62  ? 91  GLN A CG  1 
ATOM   717  C  CD  . GLN A 1 92  ? 15.255  6.426   -11.081 1.00 9.87  ? 91  GLN A CD  1 
ATOM   718  O  OE1 . GLN A 1 92  ? 15.929  7.288   -11.693 1.00 11.12 ? 91  GLN A OE1 1 
ATOM   719  N  NE2 . GLN A 1 92  ? 15.697  5.195   -10.880 1.00 9.27  ? 91  GLN A NE2 1 
ATOM   720  N  N   . SER A 1 93  ? 10.631  5.066   -9.722  1.00 8.63  ? 92  SER A N   1 
ATOM   721  C  CA  . SER A 1 93  ? 9.644   4.600   -10.717 1.00 9.04  ? 92  SER A CA  1 
ATOM   722  C  C   . SER A 1 93  ? 8.340   5.389   -10.546 1.00 9.21  ? 92  SER A C   1 
ATOM   723  O  O   . SER A 1 93  ? 7.682   5.737   -11.564 1.00 8.48  ? 92  SER A O   1 
ATOM   724  C  CB  . SER A 1 93  ? 9.461   3.136   -10.668 1.00 10.11 ? 92  SER A CB  1 
ATOM   725  O  OG  . SER A 1 93  ? 8.769   2.676   -9.510  1.00 10.91 ? 92  SER A OG  1 
ATOM   726  N  N   . HIS A 1 94  ? 7.903   5.592   -9.294  1.00 8.56  ? 93  HIS A N   1 
ATOM   727  C  CA  . HIS A 1 94  ? 6.556   6.131   -9.002  1.00 9.37  ? 93  HIS A CA  1 
ATOM   728  C  C   . HIS A 1 94  ? 6.581   7.634   -9.282  1.00 9.98  ? 93  HIS A C   1 
ATOM   729  O  O   . HIS A 1 94  ? 5.533   8.194   -9.660  1.00 11.76 ? 93  HIS A O   1 
ATOM   730  C  CB  . HIS A 1 94  ? 6.056   5.715   -7.620  1.00 9.03  ? 93  HIS A CB  1 
ATOM   731  C  CG  . HIS A 1 94  ? 5.636   4.270   -7.566  1.00 9.24  ? 93  HIS A CG  1 
ATOM   732  N  ND1 . HIS A 1 94  ? 6.488   3.214   -7.838  1.00 9.47  ? 93  HIS A ND1 1 
ATOM   733  C  CD2 . HIS A 1 94  ? 4.410   3.715   -7.390  1.00 10.02 ? 93  HIS A CD2 1 
ATOM   734  C  CE1 . HIS A 1 94  ? 5.782   2.073   -7.789  1.00 10.75 ? 93  HIS A CE1 1 
ATOM   735  N  NE2 . HIS A 1 94  ? 4.511   2.357   -7.544  1.00 9.42  ? 93  HIS A NE2 1 
ATOM   736  N  N   . ALA A 1 95  ? 7.724   8.277   -9.131  1.00 9.60  ? 94  ALA A N   1 
ATOM   737  C  CA  . ALA A 1 95  ? 7.826   9.724   -9.408  1.00 9.90  ? 94  ALA A CA  1 
ATOM   738  C  C   . ALA A 1 95  ? 7.874   9.875   -10.934 1.00 11.11 ? 94  ALA A C   1 
ATOM   739  O  O   . ALA A 1 95  ? 7.196   10.729  -11.504 1.00 14.01 ? 94  ALA A O   1 
ATOM   740  C  CB  . ALA A 1 95  ? 9.034   10.294  -8.732  1.00 10.37 ? 94  ALA A CB  1 
ATOM   741  N  N   . THR A 1 96  ? 8.748   9.115   -11.590 1.00 12.02 ? 95  THR A N   1 
ATOM   742  C  CA  . THR A 1 96  ? 9.269   9.486   -12.931 1.00 11.96 ? 95  THR A CA  1 
ATOM   743  C  C   . THR A 1 96  ? 8.533   8.730   -14.031 1.00 13.97 ? 95  THR A C   1 
ATOM   744  O  O   . THR A 1 96  ? 8.347   9.340   -15.139 1.00 16.87 ? 95  THR A O   1 
ATOM   745  C  CB  . THR A 1 96  ? 10.778  9.273   -13.022 1.00 13.60 ? 95  THR A CB  1 
ATOM   746  O  OG1 . THR A 1 96  ? 11.354  9.896   -11.884 1.00 14.71 ? 95  THR A OG1 1 
ATOM   747  C  CG2 . THR A 1 96  ? 11.378  9.850   -14.280 1.00 12.87 ? 95  THR A CG2 1 
ATOM   748  N  N   . LYS A 1 97  ? 8.172   7.472   -13.812 1.00 13.62 ? 96  LYS A N   1 
ATOM   749  C  CA  . LYS A 1 97  ? 7.471   6.693   -14.837 1.00 15.04 ? 96  LYS A CA  1 
ATOM   750  C  C   . LYS A 1 97  ? 5.969   6.707   -14.567 1.00 15.47 ? 96  LYS A C   1 
ATOM   751  O  O   . LYS A 1 97  ? 5.202   7.185   -15.414 1.00 15.45 ? 96  LYS A O   1 
ATOM   752  C  CB  . LYS A 1 97  ? 7.978   5.263   -14.864 1.00 17.02 ? 96  LYS A CB  1 
ATOM   753  C  CG  . LYS A 1 97  ? 7.243   4.369   -15.870 1.00 19.85 ? 96  LYS A CG  1 
ATOM   754  C  CD  . LYS A 1 97  ? 7.994   3.104   -16.098 1.00 24.43 ? 96  LYS A CD  1 
ATOM   755  C  CE  . LYS A 1 97  ? 7.205   1.950   -16.692 1.00 30.32 ? 96  LYS A CE  1 
ATOM   756  N  NZ  . LYS A 1 97  ? 6.416   2.396   -17.850 1.00 35.59 ? 96  LYS A NZ  1 
ATOM   757  N  N   . HIS A 1 98  ? 5.527   6.280   -13.389 1.00 13.62 ? 97  HIS A N   1 
ATOM   758  C  CA  . HIS A 1 98  ? 4.076   6.087   -13.153 1.00 13.56 ? 97  HIS A CA  1 
ATOM   759  C  C   . HIS A 1 98  ? 3.399   7.435   -12.863 1.00 13.77 ? 97  HIS A C   1 
ATOM   760  O  O   . HIS A 1 98  ? 2.202   7.532   -13.095 1.00 16.73 ? 97  HIS A O   1 
ATOM   761  C  CB  . HIS A 1 98  ? 3.901   5.038   -12.039 1.00 11.52 ? 97  HIS A CB  1 
ATOM   762  C  CG  . HIS A 1 98  ? 4.707   3.814   -12.221 1.00 11.68 ? 97  HIS A CG  1 
ATOM   763  N  ND1 . HIS A 1 98  ? 4.783   3.114   -13.413 1.00 12.48 ? 97  HIS A ND1 1 
ATOM   764  C  CD2 . HIS A 1 98  ? 5.393   3.078   -11.307 1.00 11.29 ? 97  HIS A CD2 1 
ATOM   765  C  CE1 . HIS A 1 98  ? 5.563   2.068   -13.229 1.00 11.54 ? 97  HIS A CE1 1 
ATOM   766  N  NE2 . HIS A 1 98  ? 5.966   2.039   -11.951 1.00 11.42 ? 97  HIS A NE2 1 
ATOM   767  N  N   . LYS A 1 99  ? 4.103   8.415   -12.283 1.00 15.26 ? 98  LYS A N   1 
ATOM   768  C  CA  . LYS A 1 99  ? 3.601   9.752   -11.868 1.00 18.88 ? 98  LYS A CA  1 
ATOM   769  C  C   . LYS A 1 99  ? 2.471   9.589   -10.844 1.00 17.34 ? 98  LYS A C   1 
ATOM   770  O  O   . LYS A 1 99  ? 1.319   9.962   -11.102 1.00 15.20 ? 98  LYS A O   1 
ATOM   771  C  CB  . LYS A 1 99  ? 3.267   10.559  -13.128 1.00 26.28 ? 98  LYS A CB  1 
ATOM   772  C  CG  . LYS A 1 99  ? 4.433   10.680  -14.124 1.00 33.82 ? 98  LYS A CG  1 
ATOM   773  C  CD  . LYS A 1 99  ? 5.131   12.048  -14.081 1.00 45.14 ? 98  LYS A CD  1 
ATOM   774  C  CE  . LYS A 1 99  ? 6.645   12.046  -14.266 1.00 48.58 ? 98  LYS A CE  1 
ATOM   775  N  NZ  . LYS A 1 99  ? 7.342   12.890  -13.251 1.00 46.74 ? 98  LYS A NZ  1 
ATOM   776  N  N   . ILE A 1 100 ? 2.827   9.048   -9.682  1.00 15.76 ? 99  ILE A N   1 
ATOM   777  C  CA  . ILE A 1 100 ? 1.885   8.819   -8.548  1.00 14.80 ? 99  ILE A CA  1 
ATOM   778  C  C   . ILE A 1 100 ? 2.039   9.902   -7.504  1.00 14.17 ? 99  ILE A C   1 
ATOM   779  O  O   . ILE A 1 100 ? 3.010   9.917   -6.710  1.00 13.13 ? 99  ILE A O   1 
ATOM   780  C  CB  . ILE A 1 100 ? 2.127   7.433   -7.938  1.00 12.55 ? 99  ILE A CB  1 
ATOM   781  C  CG1 . ILE A 1 100 ? 2.130   6.334   -8.996  1.00 11.72 ? 99  ILE A CG1 1 
ATOM   782  C  CG2 . ILE A 1 100 ? 1.127   7.202   -6.835  1.00 11.90 ? 99  ILE A CG2 1 
ATOM   783  C  CD1 . ILE A 1 100 ? 0.932   6.377   -9.955  1.00 12.11 ? 99  ILE A CD1 1 
ATOM   784  N  N   . PRO A 1 101 ? 1.053   10.828  -7.391  1.00 13.92 ? 100 PRO A N   1 
ATOM   785  C  CA  . PRO A 1 101 ? 1.097   11.822  -6.338  1.00 15.96 ? 100 PRO A CA  1 
ATOM   786  C  C   . PRO A 1 101 ? 1.038   11.232  -4.920  1.00 17.57 ? 100 PRO A C   1 
ATOM   787  O  O   . PRO A 1 101 ? 0.464   10.205  -4.676  1.00 16.03 ? 100 PRO A O   1 
ATOM   788  C  CB  . PRO A 1 101 ? -0.141  12.715  -6.517  1.00 17.27 ? 100 PRO A CB  1 
ATOM   789  C  CG  . PRO A 1 101 ? -0.881  12.138  -7.680  1.00 16.43 ? 100 PRO A CG  1 
ATOM   790  C  CD  . PRO A 1 101 ? -0.120  10.962  -8.248  1.00 16.43 ? 100 PRO A CD  1 
ATOM   791  N  N   . ILE A 1 102 ? 1.629   11.924  -3.970  1.00 17.05 ? 101 ILE A N   1 
ATOM   792  C  CA  . ILE A 1 102 ? 1.544   11.513  -2.545  1.00 17.46 ? 101 ILE A CA  1 
ATOM   793  C  C   . ILE A 1 102 ? 0.063   11.342  -2.196  1.00 17.60 ? 101 ILE A C   1 
ATOM   794  O  O   . ILE A 1 102 ? -0.239  10.421  -1.448  1.00 15.79 ? 101 ILE A O   1 
ATOM   795  C  CB  . ILE A 1 102 ? 2.222   12.547  -1.625  1.00 19.24 ? 101 ILE A CB  1 
ATOM   796  C  CG1 . ILE A 1 102 ? 3.722   12.648  -1.934  1.00 20.05 ? 101 ILE A CG1 1 
ATOM   797  C  CG2 . ILE A 1 102 ? 1.947   12.227  -0.167  1.00 18.77 ? 101 ILE A CG2 1 
ATOM   798  C  CD1 . ILE A 1 102 ? 4.499   11.378  -1.750  1.00 22.05 ? 101 ILE A CD1 1 
ATOM   799  N  N   . LYS A 1 103 ? -0.832  12.205  -2.698  1.00 15.19 ? 102 LYS A N   1 
ATOM   800  C  CA  . LYS A 1 103 ? -2.276  12.061  -2.416  1.00 16.79 ? 102 LYS A CA  1 
ATOM   801  C  C   . LYS A 1 103 ? -2.688  10.633  -2.730  1.00 13.38 ? 102 LYS A C   1 
ATOM   802  O  O   . LYS A 1 103 ? -3.586  10.125  -2.011  1.00 12.84 ? 102 LYS A O   1 
ATOM   803  C  CB  . LYS A 1 103 ? -3.095  13.004  -3.316  1.00 23.05 ? 102 LYS A CB  1 
ATOM   804  C  CG  . LYS A 1 103 ? -4.396  13.501  -2.728  1.00 35.28 ? 102 LYS A CG  1 
ATOM   805  C  CD  . LYS A 1 103 ? -4.217  14.570  -1.622  1.00 39.81 ? 102 LYS A CD  1 
ATOM   806  C  CE  . LYS A 1 103 ? -5.510  15.278  -1.236  1.00 45.75 ? 102 LYS A CE  1 
ATOM   807  N  NZ  . LYS A 1 103 ? -6.654  14.332  -1.041  1.00 41.82 ? 102 LYS A NZ  1 
ATOM   808  N  N   . TYR A 1 104 ? -2.170  10.017  -3.784  1.00 11.29 ? 103 TYR A N   1 
ATOM   809  C  CA  . TYR A 1 104 ? -2.631  8.648   -4.181  1.00 10.50 ? 103 TYR A CA  1 
ATOM   810  C  C   . TYR A 1 104 ? -2.029  7.612   -3.227  1.00 10.58 ? 103 TYR A C   1 
ATOM   811  O  O   . TYR A 1 104 ? -2.686  6.586   -2.967  1.00 9.01  ? 103 TYR A O   1 
ATOM   812  C  CB  . TYR A 1 104 ? -2.276  8.285   -5.618  1.00 11.88 ? 103 TYR A CB  1 
ATOM   813  C  CG  . TYR A 1 104 ? -3.071  8.965   -6.713  1.00 10.94 ? 103 TYR A CG  1 
ATOM   814  C  CD1 . TYR A 1 104 ? -3.958  9.989   -6.458  1.00 13.29 ? 103 TYR A CD1 1 
ATOM   815  C  CD2 . TYR A 1 104 ? -2.953  8.474   -8.008  1.00 12.66 ? 103 TYR A CD2 1 
ATOM   816  C  CE1 . TYR A 1 104 ? -4.687  10.584  -7.488  1.00 14.15 ? 103 TYR A CE1 1 
ATOM   817  C  CE2 . TYR A 1 104 ? -3.645  9.071   -9.051  1.00 13.17 ? 103 TYR A CE2 1 
ATOM   818  C  CZ  . TYR A 1 104 ? -4.512  10.113  -8.779  1.00 14.65 ? 103 TYR A CZ  1 
ATOM   819  O  OH  . TYR A 1 104 ? -5.209  10.701  -9.799  1.00 17.01 ? 103 TYR A OH  1 
ATOM   820  N  N   . LEU A 1 105 ? -0.859  7.913   -2.661  1.00 9.77  ? 104 LEU A N   1 
ATOM   821  C  CA  . LEU A 1 105 ? -0.263  7.010   -1.631  1.00 9.59  ? 104 LEU A CA  1 
ATOM   822  C  C   . LEU A 1 105 ? -1.101  7.119   -0.374  1.00 9.22  ? 104 LEU A C   1 
ATOM   823  O  O   . LEU A 1 105 ? -1.214  6.141   0.358   1.00 8.98  ? 104 LEU A O   1 
ATOM   824  C  CB  . LEU A 1 105 ? 1.184   7.378   -1.369  1.00 9.82  ? 104 LEU A CB  1 
ATOM   825  C  CG  . LEU A 1 105 ? 2.107   7.254   -2.588  1.00 11.16 ? 104 LEU A CG  1 
ATOM   826  C  CD1 . LEU A 1 105 ? 3.542   7.539   -2.183  1.00 13.26 ? 104 LEU A CD1 1 
ATOM   827  C  CD2 . LEU A 1 105 ? 2.024   5.896   -3.277  1.00 12.65 ? 104 LEU A CD2 1 
ATOM   828  N  N   . GLU A 1 106 ? -1.641  8.292   -0.099  1.00 9.67  ? 105 GLU A N   1 
ATOM   829  C  CA  . GLU A 1 106 ? -2.571  8.457   1.047   1.00 10.12 ? 105 GLU A CA  1 
ATOM   830  C  C   . GLU A 1 106 ? -3.795  7.588   0.757   1.00 9.68  ? 105 GLU A C   1 
ATOM   831  O  O   . GLU A 1 106 ? -4.257  6.831   1.660   1.00 8.87  ? 105 GLU A O   1 
ATOM   832  C  CB  . GLU A 1 106 ? -2.973  9.908   1.263   1.00 11.84 ? 105 GLU A CB  1 
ATOM   833  C  CG  . GLU A 1 106 ? -1.839  10.790  1.696   1.00 14.01 ? 105 GLU A CG  1 
ATOM   834  C  CD  . GLU A 1 106 ? -2.082  12.281  1.698   1.00 17.66 ? 105 GLU A CD  1 
ATOM   835  O  OE1 . GLU A 1 106 ? -3.157  12.734  1.192   1.00 16.86 ? 105 GLU A OE1 1 
ATOM   836  O  OE2 . GLU A 1 106 ? -1.130  12.966  2.125   1.00 18.06 ? 105 GLU A OE2 1 
ATOM   837  N  N   . PHE A 1 107 ? -4.327  7.643   -0.462  1.00 8.94  ? 106 PHE A N   1 
ATOM   838  C  CA  . PHE A 1 107 ? -5.531  6.833   -0.803  1.00 8.72  ? 106 PHE A CA  1 
ATOM   839  C  C   . PHE A 1 107 ? -5.288  5.331   -0.624  1.00 7.80  ? 106 PHE A C   1 
ATOM   840  O  O   . PHE A 1 107 ? -6.168  4.634   -0.076  1.00 7.58  ? 106 PHE A O   1 
ATOM   841  C  CB  . PHE A 1 107 ? -6.001  7.061   -2.230  1.00 9.13  ? 106 PHE A CB  1 
ATOM   842  C  CG  . PHE A 1 107 ? -6.473  8.479   -2.525  1.00 10.44 ? 106 PHE A CG  1 
ATOM   843  C  CD1 . PHE A 1 107 ? -6.935  9.300   -1.530  1.00 12.10 ? 106 PHE A CD1 1 
ATOM   844  C  CD2 . PHE A 1 107 ? -6.469  8.939   -3.831  1.00 11.22 ? 106 PHE A CD2 1 
ATOM   845  C  CE1 . PHE A 1 107 ? -7.409  10.580  -1.836  1.00 13.86 ? 106 PHE A CE1 1 
ATOM   846  C  CE2 . PHE A 1 107 ? -6.860  10.242  -4.132  1.00 11.65 ? 106 PHE A CE2 1 
ATOM   847  C  CZ  . PHE A 1 107 ? -7.403  11.020  -3.142  1.00 12.94 ? 106 PHE A CZ  1 
ATOM   848  N  N   . ILE A 1 108 ? -4.146  4.824   -1.060  1.00 7.97  ? 107 ILE A N   1 
ATOM   849  C  CA  . ILE A 1 108 ? -3.914  3.360   -0.907  1.00 7.73  ? 107 ILE A CA  1 
ATOM   850  C  C   . ILE A 1 108 ? -3.681  3.042   0.567   1.00 7.17  ? 107 ILE A C   1 
ATOM   851  O  O   . ILE A 1 108 ? -4.104  1.946   1.003   1.00 6.42  ? 107 ILE A O   1 
ATOM   852  C  CB  . ILE A 1 108 ? -2.804  2.810   -1.814  1.00 7.97  ? 107 ILE A CB  1 
ATOM   853  C  CG1 . ILE A 1 108 ? -2.996  1.291   -1.990  1.00 8.34  ? 107 ILE A CG1 1 
ATOM   854  C  CG2 . ILE A 1 108 ? -1.412  3.201   -1.309  1.00 7.83  ? 107 ILE A CG2 1 
ATOM   855  C  CD1 . ILE A 1 108 ? -2.090  0.648   -3.010  1.00 9.13  ? 107 ILE A CD1 1 
ATOM   856  N  N   . SER A 1 109 ? -3.112  3.961   1.343   1.00 7.73  ? 108 SER A N   1 
ATOM   857  C  CA  . SER A 1 109 ? -2.920  3.731   2.800   1.00 7.50  ? 108 SER A CA  1 
ATOM   858  C  C   . SER A 1 109 ? -4.306  3.563   3.433   1.00 8.00  ? 108 SER A C   1 
ATOM   859  O  O   . SER A 1 109 ? -4.533  2.693   4.269   1.00 8.51  ? 108 SER A O   1 
ATOM   860  C  CB  . SER A 1 109 ? -2.168  4.871   3.463   1.00 7.56  ? 108 SER A CB  1 
ATOM   861  O  OG  . SER A 1 109 ? -0.837  4.992   2.913   1.00 8.23  ? 108 SER A OG  1 
ATOM   862  N  N   . GLU A 1 110 ? -5.231  4.433   3.045   1.00 8.21  ? 109 GLU A N   1 
ATOM   863  C  CA  . GLU A 1 110 ? -6.633  4.368   3.566   1.00 9.80  ? 109 GLU A CA  1 
ATOM   864  C  C   . GLU A 1 110 ? -7.281  3.039   3.172   1.00 8.22  ? 109 GLU A C   1 
ATOM   865  O  O   . GLU A 1 110 ? -8.008  2.438   4.034   1.00 8.80  ? 109 GLU A O   1 
ATOM   866  C  CB  . GLU A 1 110 ? -7.440  5.560   3.014   1.00 12.82 ? 109 GLU A CB  1 
ATOM   867  C  CG  . GLU A 1 110 ? -6.932  6.886   3.569   1.00 17.67 ? 109 GLU A CG  1 
ATOM   868  C  CD  . GLU A 1 110 ? -7.221  8.169   2.776   1.00 23.13 ? 109 GLU A CD  1 
ATOM   869  O  OE1 . GLU A 1 110 ? -8.056  8.134   1.829   1.00 26.93 ? 109 GLU A OE1 1 
ATOM   870  O  OE2 . GLU A 1 110 ? -6.540  9.202   3.068   1.00 28.87 ? 109 GLU A OE2 1 
ATOM   871  N  N   . ALA A 1 111 ? -7.061  2.565   1.945   1.00 8.34  ? 110 ALA A N   1 
ATOM   872  C  CA  . ALA A 1 111 ? -7.593  1.278   1.466   1.00 7.55  ? 110 ALA A CA  1 
ATOM   873  C  C   . ALA A 1 111 ? -7.014  0.127   2.300   1.00 7.31  ? 110 ALA A C   1 
ATOM   874  O  O   . ALA A 1 111 ? -7.773  -0.813  2.667   1.00 7.23  ? 110 ALA A O   1 
ATOM   875  C  CB  . ALA A 1 111 ? -7.339  1.094   0.008   1.00 7.70  ? 110 ALA A CB  1 
ATOM   876  N  N   . ILE A 1 112 ? -5.720  0.168   2.579   1.00 6.80  ? 111 ILE A N   1 
ATOM   877  C  CA  . ILE A 1 112 ? -5.056  -0.912  3.371   1.00 7.06  ? 111 ILE A CA  1 
ATOM   878  C  C   . ILE A 1 112 ? -5.652  -0.956  4.764   1.00 7.22  ? 111 ILE A C   1 
ATOM   879  O  O   . ILE A 1 112 ? -6.075  -2.039  5.243   1.00 7.78  ? 111 ILE A O   1 
ATOM   880  C  CB  . ILE A 1 112 ? -3.526  -0.687  3.425   1.00 7.06  ? 111 ILE A CB  1 
ATOM   881  C  CG1 . ILE A 1 112 ? -2.887  -0.938  2.060   1.00 7.34  ? 111 ILE A CG1 1 
ATOM   882  C  CG2 . ILE A 1 112 ? -2.906  -1.575  4.494   1.00 7.14  ? 111 ILE A CG2 1 
ATOM   883  C  CD1 . ILE A 1 112 ? -1.537  -0.236  1.862   1.00 7.95  ? 111 ILE A CD1 1 
ATOM   884  N  N   . ILE A 1 113 ? -5.808  0.212   5.378   1.00 7.59  ? 112 ILE A N   1 
ATOM   885  C  CA  . ILE A 1 113 ? -6.379  0.277   6.746   1.00 7.89  ? 112 ILE A CA  1 
ATOM   886  C  C   . ILE A 1 113 ? -7.816  -0.219  6.731   1.00 8.14  ? 112 ILE A C   1 
ATOM   887  O  O   . ILE A 1 113 ? -8.223  -0.994  7.650   1.00 8.69  ? 112 ILE A O   1 
ATOM   888  C  CB  . ILE A 1 113 ? -6.229  1.701   7.300   1.00 8.20  ? 112 ILE A CB  1 
ATOM   889  C  CG1 . ILE A 1 113 ? -4.777  1.960   7.672   1.00 9.20  ? 112 ILE A CG1 1 
ATOM   890  C  CG2 . ILE A 1 113 ? -7.163  1.944   8.498   1.00 8.68  ? 112 ILE A CG2 1 
ATOM   891  C  CD1 . ILE A 1 113 ? -4.488  3.420   7.924   1.00 9.42  ? 112 ILE A CD1 1 
ATOM   892  N  N   . HIS A 1 114 ? -8.600  0.205   5.760   1.00 8.66  ? 113 HIS A N   1 
ATOM   893  C  CA  . HIS A 1 114 ? -10.003 -0.244  5.623   1.00 9.86  ? 113 HIS A CA  1 
ATOM   894  C  C   . HIS A 1 114 ? -10.093 -1.769  5.525   1.00 9.21  ? 113 HIS A C   1 
ATOM   895  O  O   . HIS A 1 114 ? -10.860 -2.372  6.275   1.00 9.38  ? 113 HIS A O   1 
ATOM   896  C  CB  . HIS A 1 114 ? -10.669 0.458   4.438   1.00 10.57 ? 113 HIS A CB  1 
ATOM   897  C  CG  . HIS A 1 114 ? -12.035 -0.057  4.199   1.00 14.13 ? 113 HIS A CG  1 
ATOM   898  N  ND1 . HIS A 1 114 ? -13.145 0.591   4.685   1.00 19.67 ? 113 HIS A ND1 1 
ATOM   899  C  CD2 . HIS A 1 114 ? -12.456 -1.117  3.486   1.00 17.52 ? 113 HIS A CD2 1 
ATOM   900  C  CE1 . HIS A 1 114 ? -14.217 -0.107  4.333   1.00 20.01 ? 113 HIS A CE1 1 
ATOM   901  N  NE2 . HIS A 1 114 ? -13.827 -1.164  3.609   1.00 20.66 ? 113 HIS A NE2 1 
ATOM   902  N  N   . VAL A 1 115 ? -9.276  -2.401  4.700   1.00 8.55  ? 114 VAL A N   1 
ATOM   903  C  CA  . VAL A 1 115 ? -9.350  -3.867  4.477   1.00 8.13  ? 114 VAL A CA  1 
ATOM   904  C  C   . VAL A 1 115 ? -8.853  -4.615  5.715   1.00 7.93  ? 114 VAL A C   1 
ATOM   905  O  O   . VAL A 1 115 ? -9.499  -5.604  6.131   1.00 8.19  ? 114 VAL A O   1 
ATOM   906  C  CB  . VAL A 1 115 ? -8.609  -4.273  3.205   1.00 8.01  ? 114 VAL A CB  1 
ATOM   907  C  CG1 . VAL A 1 115 ? -8.487  -5.766  3.126   1.00 8.18  ? 114 VAL A CG1 1 
ATOM   908  C  CG2 . VAL A 1 115 ? -9.336  -3.716  1.977   1.00 8.31  ? 114 VAL A CG2 1 
ATOM   909  N  N   . LEU A 1 116 ? -7.730  -4.164  6.310   1.00 7.67  ? 115 LEU A N   1 
ATOM   910  C  CA  . LEU A 1 116 ? -7.234  -4.824  7.545   1.00 7.56  ? 115 LEU A CA  1 
ATOM   911  C  C   . LEU A 1 116 ? -8.305  -4.702  8.635   1.00 7.44  ? 115 LEU A C   1 
ATOM   912  O  O   . LEU A 1 116 ? -8.523  -5.677  9.383   1.00 6.51  ? 115 LEU A O   1 
ATOM   913  C  CB  . LEU A 1 116 ? -5.890  -4.254  7.994   1.00 8.40  ? 115 LEU A CB  1 
ATOM   914  C  CG  . LEU A 1 116 ? -4.766  -4.457  6.978   1.00 10.05 ? 115 LEU A CG  1 
ATOM   915  C  CD1 . LEU A 1 116 ? -3.449  -3.944  7.513   1.00 9.71  ? 115 LEU A CD1 1 
ATOM   916  C  CD2 . LEU A 1 116 ? -4.668  -5.857  6.459   1.00 12.58 ? 115 LEU A CD2 1 
ATOM   917  N  N   . HIS A 1 117 ? -8.958  -3.532  8.739   1.00 7.64  ? 116 HIS A N   1 
ATOM   918  C  CA  . HIS A 1 117 ? -9.961  -3.357  9.826   1.00 8.39  ? 116 HIS A CA  1 
ATOM   919  C  C   . HIS A 1 117 ? -11.114 -4.352  9.634   1.00 8.68  ? 116 HIS A C   1 
ATOM   920  O  O   . HIS A 1 117 ? -11.611 -4.951  10.651  1.00 8.28  ? 116 HIS A O   1 
ATOM   921  C  CB  . HIS A 1 117 ? -10.448 -1.926  9.802   1.00 9.01  ? 116 HIS A CB  1 
ATOM   922  C  CG  . HIS A 1 117 ? -11.557 -1.684  10.772  1.00 9.89  ? 116 HIS A CG  1 
ATOM   923  N  ND1 . HIS A 1 117 ? -12.892 -1.660  10.389  1.00 10.91 ? 116 HIS A ND1 1 
ATOM   924  C  CD2 . HIS A 1 117 ? -11.531 -1.477  12.096  1.00 11.47 ? 116 HIS A CD2 1 
ATOM   925  C  CE1 . HIS A 1 117 ? -13.605 -1.364  11.475  1.00 11.79 ? 116 HIS A CE1 1 
ATOM   926  N  NE2 . HIS A 1 117 ? -12.830 -1.284  12.518  1.00 10.91 ? 116 HIS A NE2 1 
ATOM   927  N  N   . SER A 1 118 ? -11.521 -4.556  8.379   1.00 8.92  ? 117 SER A N   1 
ATOM   928  C  CA  . SER A 1 118 ? -12.615 -5.473  8.004   1.00 9.73  ? 117 SER A CA  1 
ATOM   929  C  C   . SER A 1 118 ? -12.232 -6.938  8.238   1.00 8.62  ? 117 SER A C   1 
ATOM   930  O  O   . SER A 1 118 ? -13.037 -7.717  8.818   1.00 8.23  ? 117 SER A O   1 
ATOM   931  C  CB  . SER A 1 118 ? -13.015 -5.221  6.601   1.00 10.89 ? 117 SER A CB  1 
ATOM   932  O  OG  . SER A 1 118 ? -14.120 -6.046  6.250   1.00 16.06 ? 117 SER A OG  1 
ATOM   933  N  N   . ARG A 1 119 ? -11.067 -7.330  7.759   1.00 6.99  ? 118 ARG A N   1 
ATOM   934  C  CA  . ARG A 1 119 ? -10.628 -8.744  7.721   1.00 7.21  ? 118 ARG A CA  1 
ATOM   935  C  C   . ARG A 1 119 ? -10.080 -9.216  9.059   1.00 6.90  ? 118 ARG A C   1 
ATOM   936  O  O   . ARG A 1 119 ? -10.188 -10.433 9.324   1.00 6.37  ? 118 ARG A O   1 
ATOM   937  C  CB  . ARG A 1 119 ? -9.597  -8.955  6.604   1.00 8.81  ? 118 ARG A CB  1 
ATOM   938  C  CG  . ARG A 1 119 ? -10.187 -8.943  5.212   1.00 10.46 ? 118 ARG A CG  1 
ATOM   939  C  CD  . ARG A 1 119 ? -9.255  -9.161  4.032   1.00 12.41 ? 118 ARG A CD  1 
ATOM   940  N  NE  . ARG A 1 119 ? -8.911  -10.519 3.997   1.00 17.09 ? 118 ARG A NE  1 
ATOM   941  C  CZ  . ARG A 1 119 ? -8.852  -11.308 2.931   1.00 13.74 ? 118 ARG A CZ  1 
ATOM   942  N  NH1 . ARG A 1 119 ? -9.159  -10.973 1.690   1.00 15.24 ? 118 ARG A NH1 1 
ATOM   943  N  NH2 . ARG A 1 119 ? -8.441  -12.502 3.149   1.00 15.15 ? 118 ARG A NH2 1 
ATOM   944  N  N   . HIS A 1 120 ? -9.422  -8.359  9.840   1.00 6.26  ? 119 HIS A N   1 
ATOM   945  C  CA  . HIS A 1 120 ? -8.527  -8.762  10.933  1.00 7.10  ? 119 HIS A CA  1 
ATOM   946  C  C   . HIS A 1 120 ? -8.900  -8.033  12.211  1.00 7.42  ? 119 HIS A C   1 
ATOM   947  O  O   . HIS A 1 120 ? -8.023  -7.495  12.877  1.00 7.91  ? 119 HIS A O   1 
ATOM   948  C  CB  . HIS A 1 120 ? -7.052  -8.531  10.558  1.00 6.98  ? 119 HIS A CB  1 
ATOM   949  C  CG  . HIS A 1 120 ? -6.670  -9.427  9.437   1.00 7.18  ? 119 HIS A CG  1 
ATOM   950  N  ND1 . HIS A 1 120 ? -6.735  -10.819 9.605   1.00 7.88  ? 119 HIS A ND1 1 
ATOM   951  C  CD2 . HIS A 1 120 ? -6.367  -9.196  8.136   1.00 7.14  ? 119 HIS A CD2 1 
ATOM   952  C  CE1 . HIS A 1 120 ? -6.475  -11.406 8.452   1.00 7.59  ? 119 HIS A CE1 1 
ATOM   953  N  NE2 . HIS A 1 120 ? -6.271  -10.436 7.501   1.00 6.85  ? 119 HIS A NE2 1 
ATOM   954  N  N   . PRO A 1 121 ? -10.154 -8.098  12.670  1.00 7.81  ? 120 PRO A N   1 
ATOM   955  C  CA  . PRO A 1 121 ? -10.459 -7.476  13.954  1.00 8.83  ? 120 PRO A CA  1 
ATOM   956  C  C   . PRO A 1 121 ? -9.698  -8.125  15.127  1.00 8.99  ? 120 PRO A C   1 
ATOM   957  O  O   . PRO A 1 121 ? -9.447  -7.412  16.101  1.00 12.53 ? 120 PRO A O   1 
ATOM   958  C  CB  . PRO A 1 121 ? -11.964 -7.705  14.104  1.00 8.50  ? 120 PRO A CB  1 
ATOM   959  C  CG  . PRO A 1 121 ? -12.246 -8.923  13.270  1.00 8.00  ? 120 PRO A CG  1 
ATOM   960  C  CD  . PRO A 1 121 ? -11.320 -8.743  12.064  1.00 7.56  ? 120 PRO A CD  1 
ATOM   961  N  N   . GLY A 1 122 ? -9.210  -9.349  14.964  1.00 10.74 ? 121 GLY A N   1 
ATOM   962  C  CA  . GLY A 1 122 ? -8.333  -10.084 15.904  1.00 10.10 ? 121 GLY A CA  1 
ATOM   963  C  C   . GLY A 1 122 ? -6.942  -9.473  16.102  1.00 10.52 ? 121 GLY A C   1 
ATOM   964  O  O   . GLY A 1 122 ? -6.280  -9.676  17.183  1.00 11.91 ? 121 GLY A O   1 
ATOM   965  N  N   . ASN A 1 123 ? -6.442  -8.784  15.085  1.00 10.31 ? 122 ASN A N   1 
ATOM   966  C  CA  . ASN A 1 123 ? -5.057  -8.242  15.057  1.00 9.86  ? 122 ASN A CA  1 
ATOM   967  C  C   . ASN A 1 123 ? -5.084  -6.764  14.627  1.00 9.11  ? 122 ASN A C   1 
ATOM   968  O  O   . ASN A 1 123 ? -4.002  -6.221  14.324  1.00 9.88  ? 122 ASN A O   1 
ATOM   969  C  CB  . ASN A 1 123 ? -4.150  -9.086  14.194  1.00 10.54 ? 122 ASN A CB  1 
ATOM   970  C  CG  . ASN A 1 123 ? -3.917  -10.452 14.810  1.00 11.73 ? 122 ASN A CG  1 
ATOM   971  O  OD1 . ASN A 1 123 ? -4.643  -11.445 14.474  1.00 12.82 ? 122 ASN A OD1 1 
ATOM   972  N  ND2 . ASN A 1 123 ? -2.988  -10.464 15.759  1.00 10.89 ? 122 ASN A ND2 1 
ATOM   973  N  N   . PHE A 1 124 ? -6.251  -6.138  14.533  1.00 8.95  ? 123 PHE A N   1 
ATOM   974  C  CA  . PHE A 1 124 ? -6.352  -4.770  13.985  1.00 8.53  ? 123 PHE A CA  1 
ATOM   975  C  C   . PHE A 1 124 ? -7.307  -3.983  14.851  1.00 9.67  ? 123 PHE A C   1 
ATOM   976  O  O   . PHE A 1 124 ? -8.179  -3.319  14.308  1.00 9.76  ? 123 PHE A O   1 
ATOM   977  C  CB  . PHE A 1 124 ? -6.668  -4.747  12.514  1.00 8.09  ? 123 PHE A CB  1 
ATOM   978  C  CG  . PHE A 1 124 ? -6.057  -3.547  11.801  1.00 7.69  ? 123 PHE A CG  1 
ATOM   979  C  CD1 . PHE A 1 124 ? -4.667  -3.478  11.635  1.00 7.64  ? 123 PHE A CD1 1 
ATOM   980  C  CD2 . PHE A 1 124 ? -6.842  -2.526  11.280  1.00 7.80  ? 123 PHE A CD2 1 
ATOM   981  C  CE1 . PHE A 1 124 ? -4.089  -2.406  10.947  1.00 7.48  ? 123 PHE A CE1 1 
ATOM   982  C  CE2 . PHE A 1 124 ? -6.253  -1.476  10.596  1.00 7.53  ? 123 PHE A CE2 1 
ATOM   983  C  CZ  . PHE A 1 124 ? -4.884  -1.404  10.439  1.00 7.59  ? 123 PHE A CZ  1 
ATOM   984  N  N   . GLY A 1 125 ? -7.121  -4.071  16.173  1.00 10.11 ? 124 GLY A N   1 
ATOM   985  C  CA  . GLY A 1 125 ? -7.767  -3.151  17.103  1.00 10.76 ? 124 GLY A CA  1 
ATOM   986  C  C   . GLY A 1 125 ? -7.160  -1.761  17.039  1.00 10.71 ? 124 GLY A C   1 
ATOM   987  O  O   . GLY A 1 125 ? -6.362  -1.462  16.129  1.00 9.03  ? 124 GLY A O   1 
ATOM   988  N  N   . ALA A 1 126 ? -7.639  -0.859  17.887  1.00 11.81 ? 125 ALA A N   1 
ATOM   989  C  CA  . ALA A 1 126 ? -7.301  0.579   17.817  1.00 12.46 ? 125 ALA A CA  1 
ATOM   990  C  C   . ALA A 1 126 ? -5.773  0.765   17.885  1.00 11.69 ? 125 ALA A C   1 
ATOM   991  O  O   . ALA A 1 126 ? -5.225  1.565   17.127  1.00 10.97 ? 125 ALA A O   1 
ATOM   992  C  CB  . ALA A 1 126 ? -7.980  1.342   18.945  1.00 15.19 ? 125 ALA A CB  1 
ATOM   993  N  N   . ASP A 1 127 ? -5.117  0.146   18.859  1.00 12.02 ? 126 ASP A N   1 
ATOM   994  C  CA  . ASP A 1 127 ? -3.648  0.283   18.993  1.00 11.79 ? 126 ASP A CA  1 
ATOM   995  C  C   . ASP A 1 127 ? -2.931  -0.231  17.732  1.00 10.11 ? 126 ASP A C   1 
ATOM   996  O  O   . ASP A 1 127 ? -1.985  0.475   17.260  1.00 9.15  ? 126 ASP A O   1 
ATOM   997  C  CB  . ASP A 1 127 ? -3.149  -0.412  20.227  1.00 13.39 ? 126 ASP A CB  1 
ATOM   998  C  CG  . ASP A 1 127 ? -3.538  0.311   21.534  1.00 16.24 ? 126 ASP A CG  1 
ATOM   999  O  OD1 . ASP A 1 127 ? -3.981  1.493   21.510  1.00 17.30 ? 126 ASP A OD1 1 
ATOM   1000 O  OD2 . ASP A 1 127 ? -3.402  -0.335  22.541  1.00 21.36 ? 126 ASP A OD2 1 
ATOM   1001 N  N   . ALA A 1 128 ? -3.336  -1.369  17.187  1.00 9.90  ? 127 ALA A N   1 
ATOM   1002 C  CA  . ALA A 1 128 ? -2.676  -1.922  15.985  1.00 8.81  ? 127 ALA A CA  1 
ATOM   1003 C  C   . ALA A 1 128 ? -2.928  -0.967  14.806  1.00 8.83  ? 127 ALA A C   1 
ATOM   1004 O  O   . ALA A 1 128 ? -2.037  -0.780  13.959  1.00 8.67  ? 127 ALA A O   1 
ATOM   1005 C  CB  . ALA A 1 128 ? -3.239  -3.313  15.722  1.00 9.23  ? 127 ALA A CB  1 
ATOM   1006 N  N   . GLN A 1 129 ? -4.133  -0.437  14.662  1.00 8.60  ? 128 GLN A N   1 
ATOM   1007 C  CA  . GLN A 1 129 ? -4.429  0.474   13.529  1.00 8.68  ? 128 GLN A CA  1 
ATOM   1008 C  C   . GLN A 1 129 ? -3.591  1.748   13.668  1.00 8.54  ? 128 GLN A C   1 
ATOM   1009 O  O   . GLN A 1 129 ? -3.077  2.263   12.666  1.00 7.80  ? 128 GLN A O   1 
ATOM   1010 C  CB  . GLN A 1 129 ? -5.916  0.788   13.418  1.00 9.12  ? 128 GLN A CB  1 
ATOM   1011 C  CG  . GLN A 1 129 ? -6.226  1.786   12.313  1.00 9.51  ? 128 GLN A CG  1 
ATOM   1012 C  CD  . GLN A 1 129 ? -7.719  1.987   12.126  1.00 9.38  ? 128 GLN A CD  1 
ATOM   1013 O  OE1 . GLN A 1 129 ? -8.491  1.054   12.326  1.00 11.20 ? 128 GLN A OE1 1 
ATOM   1014 N  NE2 . GLN A 1 129 ? -8.100  3.137   11.607  1.00 9.86  ? 128 GLN A NE2 1 
ATOM   1015 N  N   . GLY A 1 130 ? -3.475  2.268   14.876  1.00 8.64  ? 129 GLY A N   1 
ATOM   1016 C  CA  . GLY A 1 130 ? -2.588  3.425   15.134  1.00 8.51  ? 129 GLY A CA  1 
ATOM   1017 C  C   . GLY A 1 130 ? -1.130  3.131   14.722  1.00 8.66  ? 129 GLY A C   1 
ATOM   1018 O  O   . GLY A 1 130 ? -0.487  4.000   14.117  1.00 9.65  ? 129 GLY A O   1 
ATOM   1019 N  N   . ALA A 1 131 ? -0.596  1.967   15.090  1.00 7.87  ? 130 ALA A N   1 
ATOM   1020 C  CA  . ALA A 1 131 ? 0.784   1.567   14.719  1.00 8.29  ? 130 ALA A CA  1 
ATOM   1021 C  C   . ALA A 1 131 ? 0.873   1.521   13.188  1.00 7.58  ? 130 ALA A C   1 
ATOM   1022 O  O   . ALA A 1 131 ? 1.855   1.975   12.629  1.00 7.65  ? 130 ALA A O   1 
ATOM   1023 C  CB  . ALA A 1 131 ? 1.109   0.236   15.316  1.00 8.65  ? 130 ALA A CB  1 
ATOM   1024 N  N   . MET A 1 132 ? -0.080  0.878   12.535  1.00 7.69  ? 131 MET A N   1 
ATOM   1025 C  CA  . MET A 1 132 ? -0.045  0.767   11.048  1.00 7.81  ? 131 MET A CA  1 
ATOM   1026 C  C   . MET A 1 132 ? -0.139  2.156   10.424  1.00 7.62  ? 131 MET A C   1 
ATOM   1027 O  O   . MET A 1 132 ? 0.617   2.463   9.456   1.00 8.06  ? 131 MET A O   1 
ATOM   1028 C  CB  . MET A 1 132 ? -1.147  -0.150  10.517  1.00 7.71  ? 131 MET A CB  1 
ATOM   1029 C  CG  . MET A 1 132 ? -1.225  -0.253  9.037   1.00 7.71  ? 131 MET A CG  1 
ATOM   1030 S  SD  . MET A 1 132 ? 0.242   -1.094  8.353   1.00 8.35  ? 131 MET A SD  1 
ATOM   1031 C  CE  . MET A 1 132 ? -0.093  -2.801  8.822   1.00 7.27  ? 131 MET A CE  1 
ATOM   1032 N  N   . ASN A 1 133 ? -1.003  3.035   10.953  1.00 8.09  ? 132 ASN A N   1 
ATOM   1033 C  CA  . ASN A 1 133 ? -1.069  4.401   10.423  1.00 8.16  ? 132 ASN A CA  1 
ATOM   1034 C  C   . ASN A 1 133 ? 0.316   5.063   10.568  1.00 8.25  ? 132 ASN A C   1 
ATOM   1035 O  O   . ASN A 1 133 ? 0.779   5.757   9.597   1.00 9.36  ? 132 ASN A O   1 
ATOM   1036 C  CB  . ASN A 1 133 ? -2.174  5.199   11.084  1.00 8.55  ? 132 ASN A CB  1 
ATOM   1037 C  CG  . ASN A 1 133 ? -2.137  6.616   10.578  1.00 8.82  ? 132 ASN A CG  1 
ATOM   1038 O  OD1 . ASN A 1 133 ? -2.262  6.854   9.374   1.00 10.44 ? 132 ASN A OD1 1 
ATOM   1039 N  ND2 . ASN A 1 133 ? -1.921  7.518   11.518  1.00 10.61 ? 132 ASN A ND2 1 
ATOM   1040 N  N   . LYS A 1 134 ? 0.950   4.928   11.730  1.00 8.85  ? 133 LYS A N   1 
ATOM   1041 C  CA  . LYS A 1 134 ? 2.290   5.508   11.941  1.00 10.35 ? 133 LYS A CA  1 
ATOM   1042 C  C   . LYS A 1 134 ? 3.290   4.962   10.901  1.00 8.58  ? 133 LYS A C   1 
ATOM   1043 O  O   . LYS A 1 134 ? 4.059   5.769   10.354  1.00 8.43  ? 133 LYS A O   1 
ATOM   1044 C  CB  . LYS A 1 134 ? 2.731   5.260   13.377  1.00 13.35 ? 133 LYS A CB  1 
ATOM   1045 C  CG  . LYS A 1 134 ? 3.387   6.410   14.071  1.00 18.17 ? 133 LYS A CG  1 
ATOM   1046 C  CD  . LYS A 1 134 ? 3.759   6.039   15.506  1.00 19.49 ? 133 LYS A CD  1 
ATOM   1047 C  CE  . LYS A 1 134 ? 5.004   6.766   15.947  1.00 23.82 ? 133 LYS A CE  1 
ATOM   1048 N  NZ  . LYS A 1 134 ? 5.370   6.449   17.345  1.00 24.51 ? 133 LYS A NZ  1 
ATOM   1049 N  N   . ALA A 1 135 ? 3.269   3.670   10.619  1.00 8.08  ? 134 ALA A N   1 
ATOM   1050 C  CA  . ALA A 1 135 ? 4.233   3.033   9.690   1.00 7.70  ? 134 ALA A CA  1 
ATOM   1051 C  C   . ALA A 1 135 ? 3.949   3.544   8.287   1.00 7.81  ? 134 ALA A C   1 
ATOM   1052 O  O   . ALA A 1 135 ? 4.917   3.836   7.528   1.00 7.00  ? 134 ALA A O   1 
ATOM   1053 C  CB  . ALA A 1 135 ? 4.125   1.529   9.734   1.00 7.55  ? 134 ALA A CB  1 
ATOM   1054 N  N   . LEU A 1 136 ? 2.679   3.685   7.914   1.00 7.58  ? 135 LEU A N   1 
ATOM   1055 C  CA  . LEU A 1 136 ? 2.340   4.156   6.559   1.00 8.39  ? 135 LEU A CA  1 
ATOM   1056 C  C   . LEU A 1 136 ? 2.625   5.651   6.445   1.00 8.44  ? 135 LEU A C   1 
ATOM   1057 O  O   . LEU A 1 136 ? 3.143   6.066   5.375   1.00 9.26  ? 135 LEU A O   1 
ATOM   1058 C  CB  . LEU A 1 136 ? 0.900   3.832   6.183   1.00 8.32  ? 135 LEU A CB  1 
ATOM   1059 C  CG  . LEU A 1 136 ? 0.619   2.330   6.125   1.00 9.13  ? 135 LEU A CG  1 
ATOM   1060 C  CD1 . LEU A 1 136 ? -0.869  2.071   5.888   1.00 9.14  ? 135 LEU A CD1 1 
ATOM   1061 C  CD2 . LEU A 1 136 ? 1.398   1.680   5.032   1.00 10.59 ? 135 LEU A CD2 1 
ATOM   1062 N  N   . GLU A 1 137 ? 2.447   6.428   7.510   1.00 8.99  ? 136 GLU A N   1 
ATOM   1063 C  CA  . GLU A 1 137 ? 2.779   7.878   7.471   1.00 9.46  ? 136 GLU A CA  1 
ATOM   1064 C  C   . GLU A 1 137 ? 4.303   8.041   7.303   1.00 9.22  ? 136 GLU A C   1 
ATOM   1065 O  O   . GLU A 1 137 ? 4.753   8.946   6.547   1.00 9.12  ? 136 GLU A O   1 
ATOM   1066 C  CB  . GLU A 1 137 ? 2.335   8.592   8.745   1.00 12.28 ? 136 GLU A CB  1 
ATOM   1067 C  CG  . GLU A 1 137 ? 0.863   8.772   8.876   1.00 15.47 ? 136 GLU A CG  1 
ATOM   1068 C  CD  . GLU A 1 137 ? 0.367   9.683   9.997   1.00 21.41 ? 136 GLU A CD  1 
ATOM   1069 O  OE1 . GLU A 1 137 ? 1.153   10.021  10.835  1.00 27.59 ? 136 GLU A OE1 1 
ATOM   1070 O  OE2 . GLU A 1 137 ? -0.851  9.976   10.044  1.00 26.74 ? 136 GLU A OE2 1 
ATOM   1071 N  N   . LEU A 1 138 ? 5.087   7.164   7.940   1.00 9.16  ? 137 LEU A N   1 
ATOM   1072 C  CA  . LEU A 1 138 ? 6.576   7.161   7.862   1.00 8.95  ? 137 LEU A CA  1 
ATOM   1073 C  C   . LEU A 1 138 ? 6.990   6.842   6.435   1.00 9.30  ? 137 LEU A C   1 
ATOM   1074 O  O   . LEU A 1 138 ? 7.846   7.580   5.869   1.00 9.69  ? 137 LEU A O   1 
ATOM   1075 C  CB  . LEU A 1 138 ? 7.166   6.144   8.839   1.00 9.56  ? 137 LEU A CB  1 
ATOM   1076 C  CG  . LEU A 1 138 ? 8.678   6.004   8.760   1.00 9.57  ? 137 LEU A CG  1 
ATOM   1077 C  CD1 . LEU A 1 138 ? 9.389   7.323   9.053   1.00 11.79 ? 137 LEU A CD1 1 
ATOM   1078 C  CD2 . LEU A 1 138 ? 9.164   4.930   9.717   1.00 10.39 ? 137 LEU A CD2 1 
ATOM   1079 N  N   . PHE A 1 139 ? 6.375   5.807   5.867   1.00 8.04  ? 138 PHE A N   1 
ATOM   1080 C  CA  . PHE A 1 139 ? 6.608   5.435   4.449   1.00 8.21  ? 138 PHE A CA  1 
ATOM   1081 C  C   . PHE A 1 139 ? 6.337   6.637   3.557   1.00 8.25  ? 138 PHE A C   1 
ATOM   1082 O  O   . PHE A 1 139 ? 7.168   6.955   2.713   1.00 8.35  ? 138 PHE A O   1 
ATOM   1083 C  CB  . PHE A 1 139 ? 5.752   4.217   4.114   1.00 8.10  ? 138 PHE A CB  1 
ATOM   1084 C  CG  . PHE A 1 139 ? 5.589   3.960   2.648   1.00 9.00  ? 138 PHE A CG  1 
ATOM   1085 C  CD1 . PHE A 1 139 ? 6.652   3.477   1.897   1.00 8.49  ? 138 PHE A CD1 1 
ATOM   1086 C  CD2 . PHE A 1 139 ? 4.381   4.247   2.017   1.00 8.87  ? 138 PHE A CD2 1 
ATOM   1087 C  CE1 . PHE A 1 139 ? 6.474   3.248   0.533   1.00 8.70  ? 138 PHE A CE1 1 
ATOM   1088 C  CE2 . PHE A 1 139 ? 4.235   4.060   0.664   1.00 10.50 ? 138 PHE A CE2 1 
ATOM   1089 C  CZ  . PHE A 1 139 ? 5.279   3.565   -0.073  1.00 9.75  ? 138 PHE A CZ  1 
ATOM   1090 N  N   . ARG A 1 140 ? 5.184   7.290   3.690   1.00 7.29  ? 139 ARG A N   1 
ATOM   1091 C  CA  . ARG A 1 140 ? 4.805   8.390   2.774   1.00 8.27  ? 139 ARG A CA  1 
ATOM   1092 C  C   . ARG A 1 140 ? 5.725   9.587   3.030   1.00 8.28  ? 139 ARG A C   1 
ATOM   1093 O  O   . ARG A 1 140 ? 6.029   10.303  2.064   1.00 8.90  ? 139 ARG A O   1 
ATOM   1094 C  CB  . ARG A 1 140 ? 3.338   8.793   2.989   1.00 8.20  ? 139 ARG A CB  1 
ATOM   1095 C  CG  . ARG A 1 140 ? 2.323   7.711   2.611   1.00 9.12  ? 139 ARG A CG  1 
ATOM   1096 C  CD  . ARG A 1 140 ? 0.937   8.297   2.492   1.00 9.13  ? 139 ARG A CD  1 
ATOM   1097 N  NE  . ARG A 1 140 ? 0.499   9.039   3.652   1.00 10.52 ? 139 ARG A NE  1 
ATOM   1098 C  CZ  . ARG A 1 140 ? -0.068  8.499   4.726   1.00 10.94 ? 139 ARG A CZ  1 
ATOM   1099 N  NH1 . ARG A 1 140 ? -0.303  7.182   4.786   1.00 10.80 ? 139 ARG A NH1 1 
ATOM   1100 N  NH2 . ARG A 1 140 ? -0.426  9.292   5.721   1.00 12.61 ? 139 ARG A NH2 1 
ATOM   1101 N  N   . LYS A 1 141 ? 6.097   9.843   4.276   1.00 9.24  ? 140 LYS A N   1 
ATOM   1102 C  CA  . LYS A 1 141 ? 7.014   10.968  4.588   1.00 10.03 ? 140 LYS A CA  1 
ATOM   1103 C  C   . LYS A 1 141 ? 8.347   10.727  3.862   1.00 9.99  ? 140 LYS A C   1 
ATOM   1104 O  O   . LYS A 1 141 ? 8.849   11.693  3.208   1.00 8.39  ? 140 LYS A O   1 
ATOM   1105 C  CB  . LYS A 1 141 ? 7.225   11.091  6.090   1.00 12.47 ? 140 LYS A CB  1 
ATOM   1106 C  CG  . LYS A 1 141 ? 8.303   12.044  6.586   1.00 17.27 ? 140 LYS A CG  1 
ATOM   1107 C  CD  . LYS A 1 141 ? 8.537   11.793  8.105   1.00 21.25 ? 140 LYS A CD  1 
ATOM   1108 C  CE  . LYS A 1 141 ? 9.733   12.475  8.727   1.00 28.28 ? 140 LYS A CE  1 
ATOM   1109 N  NZ  . LYS A 1 141 ? 9.588   13.934  8.583   1.00 30.91 ? 140 LYS A NZ  1 
ATOM   1110 N  N   . ASP A 1 142 ? 8.896   9.525   3.979   1.00 8.59  ? 141 ASP A N   1 
ATOM   1111 C  CA  . ASP A 1 142 ? 10.230  9.235   3.383   1.00 9.54  ? 141 ASP A CA  1 
ATOM   1112 C  C   . ASP A 1 142 ? 10.099  9.225   1.859   1.00 9.52  ? 141 ASP A C   1 
ATOM   1113 O  O   . ASP A 1 142 ? 11.008  9.750   1.185   1.00 9.71  ? 141 ASP A O   1 
ATOM   1114 C  CB  . ASP A 1 142 ? 10.790  7.978   4.004   1.00 9.64  ? 141 ASP A CB  1 
ATOM   1115 C  CG  . ASP A 1 142 ? 11.239  8.150   5.440   1.00 10.83 ? 141 ASP A CG  1 
ATOM   1116 O  OD1 . ASP A 1 142 ? 11.242  9.328   5.958   1.00 11.41 ? 141 ASP A OD1 1 
ATOM   1117 O  OD2 . ASP A 1 142 ? 11.691  7.128   6.000   1.00 11.48 ? 141 ASP A OD2 1 
ATOM   1118 N  N   . ILE A 1 143 ? 9.014   8.687   1.299   1.00 9.69  ? 142 ILE A N   1 
ATOM   1119 C  CA  . ILE A 1 143 ? 8.810   8.733   -0.181  1.00 11.02 ? 142 ILE A CA  1 
ATOM   1120 C  C   . ILE A 1 143 ? 8.709   10.186  -0.640  1.00 11.68 ? 142 ILE A C   1 
ATOM   1121 O  O   . ILE A 1 143 ? 9.287   10.525  -1.709  1.00 11.95 ? 142 ILE A O   1 
ATOM   1122 C  CB  . ILE A 1 143 ? 7.536   7.978   -0.603  1.00 12.63 ? 142 ILE A CB  1 
ATOM   1123 C  CG1 . ILE A 1 143 ? 7.854   6.494   -0.596  1.00 14.71 ? 142 ILE A CG1 1 
ATOM   1124 C  CG2 . ILE A 1 143 ? 7.051   8.424   -1.985  1.00 16.02 ? 142 ILE A CG2 1 
ATOM   1125 C  CD1 . ILE A 1 143 ? 8.549   6.054   -1.892  1.00 15.61 ? 142 ILE A CD1 1 
ATOM   1126 N  N   . ALA A 1 144 ? 7.942   11.005  0.075   1.00 10.38 ? 143 ALA A N   1 
ATOM   1127 C  CA  . ALA A 1 144 ? 7.748   12.413  -0.317  1.00 11.60 ? 143 ALA A CA  1 
ATOM   1128 C  C   . ALA A 1 144 ? 9.116   13.101  -0.327  1.00 10.73 ? 143 ALA A C   1 
ATOM   1129 O  O   . ALA A 1 144 ? 9.358   13.827  -1.311  1.00 11.55 ? 143 ALA A O   1 
ATOM   1130 C  CB  . ALA A 1 144 ? 6.793   13.111  0.612   1.00 12.48 ? 143 ALA A CB  1 
ATOM   1131 N  N   . ALA A 1 145 ? 9.991   12.825  0.644   1.00 10.69 ? 144 ALA A N   1 
ATOM   1132 C  CA  . ALA A 1 145 ? 11.346  13.435  0.720   1.00 10.46 ? 144 ALA A CA  1 
ATOM   1133 C  C   . ALA A 1 145 ? 12.150  12.996  -0.504  1.00 11.19 ? 144 ALA A C   1 
ATOM   1134 O  O   . ALA A 1 145 ? 12.849  13.836  -1.121  1.00 12.39 ? 144 ALA A O   1 
ATOM   1135 C  CB  . ALA A 1 145 ? 12.054  13.099  1.999   1.00 11.74 ? 144 ALA A CB  1 
ATOM   1136 N  N   . LYS A 1 146 ? 12.004  11.741  -0.914  1.00 10.28 ? 145 LYS A N   1 
ATOM   1137 C  CA  . LYS A 1 146 ? 12.753  11.218  -2.105  1.00 11.20 ? 145 LYS A CA  1 
ATOM   1138 C  C   . LYS A 1 146 ? 12.170  11.812  -3.375  1.00 10.73 ? 145 LYS A C   1 
ATOM   1139 O  O   . LYS A 1 146 ? 12.968  12.147  -4.275  1.00 10.71 ? 145 LYS A O   1 
ATOM   1140 C  CB  . LYS A 1 146 ? 12.748  9.694   -2.240  1.00 12.92 ? 145 LYS A CB  1 
ATOM   1141 C  CG  . LYS A 1 146 ? 13.428  8.996   -1.096  1.00 17.79 ? 145 LYS A CG  1 
ATOM   1142 C  CD  . LYS A 1 146 ? 14.907  9.357   -0.963  1.00 21.65 ? 145 LYS A CD  1 
ATOM   1143 C  CE  . LYS A 1 146 ? 15.821  8.718   -1.978  1.00 23.41 ? 145 LYS A CE  1 
ATOM   1144 N  NZ  . LYS A 1 146 ? 17.255  9.062   -1.732  1.00 23.55 ? 145 LYS A NZ  1 
ATOM   1145 N  N   . TYR A 1 147 ? 10.849  11.976  -3.472  1.00 9.92  ? 146 TYR A N   1 
ATOM   1146 C  CA  . TYR A 1 147 ? 10.194  12.601  -4.648  1.00 10.59 ? 146 TYR A CA  1 
ATOM   1147 C  C   . TYR A 1 147 ? 10.844  13.966  -4.868  1.00 11.99 ? 146 TYR A C   1 
ATOM   1148 O  O   . TYR A 1 147 ? 11.197  14.297  -6.028  1.00 11.97 ? 146 TYR A O   1 
ATOM   1149 C  CB  . TYR A 1 147 ? 8.704   12.800  -4.418  1.00 11.44 ? 146 TYR A CB  1 
ATOM   1150 C  CG  . TYR A 1 147 ? 7.809   11.648  -4.807  1.00 11.54 ? 146 TYR A CG  1 
ATOM   1151 C  CD1 . TYR A 1 147 ? 8.271   10.398  -5.109  1.00 10.44 ? 146 TYR A CD1 1 
ATOM   1152 C  CD2 . TYR A 1 147 ? 6.446   11.827  -4.758  1.00 13.02 ? 146 TYR A CD2 1 
ATOM   1153 C  CE1 . TYR A 1 147 ? 7.420   9.374   -5.473  1.00 11.81 ? 146 TYR A CE1 1 
ATOM   1154 C  CE2 . TYR A 1 147 ? 5.577   10.843  -5.186  1.00 13.52 ? 146 TYR A CE2 1 
ATOM   1155 C  CZ  . TYR A 1 147 ? 6.070   9.608   -5.577  1.00 12.42 ? 146 TYR A CZ  1 
ATOM   1156 O  OH  . TYR A 1 147 ? 5.179   8.656   -6.000  1.00 13.22 ? 146 TYR A OH  1 
ATOM   1157 N  N   . LYS A 1 148 ? 11.013  14.702  -3.787  1.00 12.88 ? 147 LYS A N   1 
ATOM   1158 C  CA  . LYS A 1 148 ? 11.568  16.096  -3.841  1.00 15.50 ? 147 LYS A CA  1 
ATOM   1159 C  C   . LYS A 1 148 ? 13.006  16.043  -4.364  1.00 13.84 ? 147 LYS A C   1 
ATOM   1160 O  O   . LYS A 1 148 ? 13.294  16.819  -5.305  1.00 13.17 ? 147 LYS A O   1 
ATOM   1161 C  CB  . LYS A 1 148 ? 11.454  16.782  -2.487  1.00 17.98 ? 147 LYS A CB  1 
ATOM   1162 C  CG  . LYS A 1 148 ? 11.977  18.207  -2.489  1.00 25.50 ? 147 LYS A CG  1 
ATOM   1163 C  CD  . LYS A 1 148 ? 11.869  18.963  -1.166  1.00 29.30 ? 147 LYS A CD  1 
ATOM   1164 C  CE  . LYS A 1 148 ? 12.318  20.413  -1.375  1.00 31.56 ? 147 LYS A CE  1 
ATOM   1165 N  NZ  . LYS A 1 148 ? 12.047  21.236  -0.179  1.00 36.18 ? 147 LYS A NZ  1 
ATOM   1166 N  N   . GLU A 1 149 ? 13.824  15.115  -3.881  1.00 12.27 ? 148 GLU A N   1 
ATOM   1167 C  CA  . GLU A 1 149 ? 15.227  14.904  -4.341  1.00 12.25 ? 148 GLU A CA  1 
ATOM   1168 C  C   . GLU A 1 149 ? 15.215  14.597  -5.837  1.00 12.61 ? 148 GLU A C   1 
ATOM   1169 O  O   . GLU A 1 149 ? 16.133  15.026  -6.550  1.00 11.57 ? 148 GLU A O   1 
ATOM   1170 C  CB  . GLU A 1 149 ? 15.954  13.787  -3.590  1.00 14.02 ? 148 GLU A CB  1 
ATOM   1171 C  CG  . GLU A 1 149 ? 16.140  14.081  -2.103  1.00 14.74 ? 148 GLU A CG  1 
ATOM   1172 C  CD  . GLU A 1 149 ? 16.696  12.920  -1.292  1.00 18.40 ? 148 GLU A CD  1 
ATOM   1173 O  OE1 . GLU A 1 149 ? 17.084  11.894  -1.836  1.00 20.86 ? 148 GLU A OE1 1 
ATOM   1174 O  OE2 . GLU A 1 149 ? 16.784  13.075  -0.076  1.00 26.25 ? 148 GLU A OE2 1 
ATOM   1175 N  N   . LEU A 1 150 ? 14.235  13.830  -6.287  1.00 11.21 ? 149 LEU A N   1 
ATOM   1176 C  CA  . LEU A 1 150 ? 14.155  13.344  -7.691  1.00 11.25 ? 149 LEU A CA  1 
ATOM   1177 C  C   . LEU A 1 150 ? 13.566  14.380  -8.650  1.00 12.00 ? 149 LEU A C   1 
ATOM   1178 O  O   . LEU A 1 150 ? 13.570  14.112  -9.856  1.00 15.17 ? 149 LEU A O   1 
ATOM   1179 C  CB  . LEU A 1 150 ? 13.295  12.085  -7.693  1.00 11.66 ? 149 LEU A CB  1 
ATOM   1180 C  CG  . LEU A 1 150 ? 13.944  10.858  -7.084  1.00 12.67 ? 149 LEU A CG  1 
ATOM   1181 C  CD1 . LEU A 1 150 ? 12.859  9.827   -6.748  1.00 12.97 ? 149 LEU A CD1 1 
ATOM   1182 C  CD2 . LEU A 1 150 ? 14.946  10.251  -8.033  1.00 13.27 ? 149 LEU A CD2 1 
ATOM   1183 N  N   . GLY A 1 151 ? 13.039  15.476  -8.130  1.00 12.94 ? 150 GLY A N   1 
ATOM   1184 C  CA  . GLY A 1 151 ? 12.513  16.616  -8.897  1.00 14.78 ? 150 GLY A CA  1 
ATOM   1185 C  C   . GLY A 1 151 ? 11.014  16.546  -9.097  1.00 15.79 ? 150 GLY A C   1 
ATOM   1186 O  O   . GLY A 1 151 ? 10.512  17.219  -10.032 1.00 15.51 ? 150 GLY A O   1 
ATOM   1187 N  N   . TYR A 1 152 ? 10.302  15.733  -8.338  1.00 14.16 ? 151 TYR A N   1 
ATOM   1188 C  CA  . TYR A 1 152 ? 8.847   15.546  -8.542  1.00 16.00 ? 151 TYR A CA  1 
ATOM   1189 C  C   . TYR A 1 152 ? 8.130   16.193  -7.369  1.00 18.33 ? 151 TYR A C   1 
ATOM   1190 O  O   . TYR A 1 152 ? 8.435   15.858  -6.189  1.00 16.99 ? 151 TYR A O   1 
ATOM   1191 C  CB  . TYR A 1 152 ? 8.495   14.056  -8.668  1.00 16.87 ? 151 TYR A CB  1 
ATOM   1192 C  CG  . TYR A 1 152 ? 7.030   13.692  -8.805  1.00 19.15 ? 151 TYR A CG  1 
ATOM   1193 C  CD1 . TYR A 1 152 ? 6.248   14.202  -9.830  1.00 22.63 ? 151 TYR A CD1 1 
ATOM   1194 C  CD2 . TYR A 1 152 ? 6.424   12.746  -7.982  1.00 21.18 ? 151 TYR A CD2 1 
ATOM   1195 C  CE1 . TYR A 1 152 ? 4.909   13.865  -9.987  1.00 24.05 ? 151 TYR A CE1 1 
ATOM   1196 C  CE2 . TYR A 1 152 ? 5.080   12.399  -8.133  1.00 20.98 ? 151 TYR A CE2 1 
ATOM   1197 C  CZ  . TYR A 1 152 ? 4.314   12.948  -9.149  1.00 22.39 ? 151 TYR A CZ  1 
ATOM   1198 O  OH  . TYR A 1 152 ? 2.967   12.652  -9.287  1.00 24.04 ? 151 TYR A OH  1 
ATOM   1199 N  N   . GLN A 1 153 ? 7.177   17.048  -7.717  1.00 23.09 ? 152 GLN A N   1 
ATOM   1200 C  CA  . GLN A 1 153 ? 6.314   17.783  -6.761  1.00 31.72 ? 152 GLN A CA  1 
ATOM   1201 C  C   . GLN A 1 153 ? 5.485   16.771  -5.947  1.00 33.25 ? 152 GLN A C   1 
ATOM   1202 O  O   . GLN A 1 153 ? 5.417   16.945  -4.723  1.00 37.79 ? 152 GLN A O   1 
ATOM   1203 C  CB  . GLN A 1 153 ? 5.466   18.818  -7.523  1.00 40.18 ? 152 GLN A CB  1 
ATOM   1204 C  CG  . GLN A 1 153 ? 4.529   18.238  -8.590  1.00 46.63 ? 152 GLN A CG  1 
ATOM   1205 C  CD  . GLN A 1 153 ? 5.175   17.861  -9.915  1.00 54.02 ? 152 GLN A CD  1 
ATOM   1206 O  OE1 . GLN A 1 153 ? 6.375   18.070  -10.157 1.00 48.93 ? 152 GLN A OE1 1 
ATOM   1207 N  NE2 . GLN A 1 153 ? 4.367   17.306  -10.810 1.00 52.22 ? 152 GLN A NE2 1 
ATOM   1208 N  N   . GLY A 1 154 ? 4.930   15.731  -6.585  1.00 32.04 ? 153 GLY A N   1 
ATOM   1209 C  CA  . GLY A 1 154 ? 4.118   14.679  -5.913  1.00 28.83 ? 153 GLY A CA  1 
ATOM   1210 C  C   . GLY A 1 154 ? 2.776   15.193  -5.489  1.00 29.63 ? 153 GLY A C   1 
ATOM   1211 O  O   . GLY A 1 154 ? 2.352   16.220  -6.078  1.00 28.60 ? 153 GLY A O   1 
ATOM   1212 O  OXT . GLY A 1 154 ? 2.127   14.616  -4.596  1.00 23.35 ? 153 GLY A OXT 1 
HETATM 1213 C  CHA . HEM B 2 .   ? 4.298   -0.662  -10.092 1.00 9.43  ? 200 HEM A CHA 1 
HETATM 1214 C  CHB . HEM B 2 .   ? 5.070   -0.844  -5.303  1.00 9.87  ? 200 HEM A CHB 1 
HETATM 1215 C  CHC . HEM B 2 .   ? 1.561   2.421   -4.727  1.00 8.93  ? 200 HEM A CHC 1 
HETATM 1216 C  CHD . HEM B 2 .   ? 0.978   2.755   -9.454  1.00 9.88  ? 200 HEM A CHD 1 
HETATM 1217 C  C1A . HEM B 2 .   ? 4.760   -1.014  -8.826  1.00 10.50 ? 200 HEM A C1A 1 
HETATM 1218 C  C2A . HEM B 2 .   ? 5.777   -1.940  -8.587  1.00 11.22 ? 200 HEM A C2A 1 
HETATM 1219 C  C3A . HEM B 2 .   ? 5.998   -2.003  -7.257  1.00 11.47 ? 200 HEM A C3A 1 
HETATM 1220 C  C4A . HEM B 2 .   ? 5.121   -1.082  -6.673  1.00 9.68  ? 200 HEM A C4A 1 
HETATM 1221 C  CMA . HEM B 2 .   ? 6.973   -2.903  -6.553  1.00 10.77 ? 200 HEM A CMA 1 
HETATM 1222 C  CAA . HEM B 2 .   ? 6.502   -2.739  -9.648  1.00 11.35 ? 200 HEM A CAA 1 
HETATM 1223 C  CBA . HEM B 2 .   ? 7.922   -2.173  -9.906  1.00 12.45 ? 200 HEM A CBA 1 
HETATM 1224 C  CGA . HEM B 2 .   ? 7.958   -0.663  -10.178 1.00 13.23 ? 200 HEM A CGA 1 
HETATM 1225 O  O1A . HEM B 2 .   ? 8.491   0.107   -9.315  1.00 14.37 ? 200 HEM A O1A 1 
HETATM 1226 O  O2A . HEM B 2 .   ? 7.433   -0.198  -11.217 1.00 14.39 ? 200 HEM A O2A 1 
HETATM 1227 C  C1B . HEM B 2 .   ? 4.162   0.034   -4.727  1.00 8.81  ? 200 HEM A C1B 1 
HETATM 1228 C  C2B . HEM B 2 .   ? 4.027   0.270   -3.296  1.00 9.18  ? 200 HEM A C2B 1 
HETATM 1229 C  C3B . HEM B 2 .   ? 3.038   1.217   -3.120  1.00 8.73  ? 200 HEM A C3B 1 
HETATM 1230 C  C4B . HEM B 2 .   ? 2.576   1.544   -4.466  1.00 9.12  ? 200 HEM A C4B 1 
HETATM 1231 C  CMB . HEM B 2 .   ? 4.823   -0.439  -2.283  1.00 8.57  ? 200 HEM A CMB 1 
HETATM 1232 C  CAB . HEM B 2 .   ? 2.363   1.742   -1.896  1.00 9.58  ? 200 HEM A CAB 1 
HETATM 1233 C  CBB . HEM B 2 .   ? 2.247   1.098   -0.777  1.00 10.05 ? 200 HEM A CBB 1 
HETATM 1234 C  C1C . HEM B 2 .   ? 1.044   2.813   -5.964  1.00 8.19  ? 200 HEM A C1C 1 
HETATM 1235 C  C2C . HEM B 2 .   ? -0.128  3.568   -6.173  1.00 8.67  ? 200 HEM A C2C 1 
HETATM 1236 C  C3C . HEM B 2 .   ? -0.312  3.647   -7.540  1.00 9.71  ? 200 HEM A C3C 1 
HETATM 1237 C  C4C . HEM B 2 .   ? 0.765   2.959   -8.113  1.00 8.76  ? 200 HEM A C4C 1 
HETATM 1238 C  CMC . HEM B 2 .   ? -0.998  4.172   -5.144  1.00 8.77  ? 200 HEM A CMC 1 
HETATM 1239 C  CAC . HEM B 2 .   ? -1.364  4.357   -8.329  1.00 9.13  ? 200 HEM A CAC 1 
HETATM 1240 C  CBC . HEM B 2 .   ? -2.442  4.944   -7.913  1.00 10.60 ? 200 HEM A CBC 1 
HETATM 1241 C  C1D . HEM B 2 .   ? 1.842   1.831   -9.974  1.00 10.01 ? 200 HEM A C1D 1 
HETATM 1242 C  C2D . HEM B 2 .   ? 1.875   1.552   -11.429 1.00 10.61 ? 200 HEM A C2D 1 
HETATM 1243 C  C3D . HEM B 2 .   ? 2.751   0.590   -11.620 1.00 11.18 ? 200 HEM A C3D 1 
HETATM 1244 C  C4D . HEM B 2 .   ? 3.321   0.324   -10.291 1.00 9.81  ? 200 HEM A C4D 1 
HETATM 1245 C  CMD . HEM B 2 .   ? 1.036   2.219   -12.452 1.00 12.62 ? 200 HEM A CMD 1 
HETATM 1246 C  CAD . HEM B 2 .   ? 3.104   -0.095  -12.928 1.00 12.85 ? 200 HEM A CAD 1 
HETATM 1247 C  CBD . HEM B 2 .   ? 2.016   -1.212  -13.131 1.00 16.21 ? 200 HEM A CBD 1 
HETATM 1248 C  CGD . HEM B 2 .   ? 2.005   -1.796  -14.548 1.00 22.13 ? 200 HEM A CGD 1 
HETATM 1249 O  O1D . HEM B 2 .   ? 1.049   -2.512  -14.920 1.00 21.81 ? 200 HEM A O1D 1 
HETATM 1250 O  O2D . HEM B 2 .   ? 2.951   -1.534  -15.352 1.00 21.97 ? 200 HEM A O2D 1 
HETATM 1251 N  NA  . HEM B 2 .   ? 4.358   -0.406  -7.623  1.00 9.73  ? 200 HEM A NA  1 
HETATM 1252 N  NB  . HEM B 2 .   ? 3.330   0.836   -5.352  1.00 9.30  ? 200 HEM A NB  1 
HETATM 1253 N  NC  . HEM B 2 .   ? 1.540   2.366   -7.144  1.00 9.34  ? 200 HEM A NC  1 
HETATM 1254 N  ND  . HEM B 2 .   ? 2.737   1.050   -9.331  1.00 9.35  ? 200 HEM A ND  1 
HETATM 1255 FE FE  . HEM B 2 .   ? 3.030   0.995   -7.389  1.00 10.69 ? 200 HEM A FE  1 
HETATM 1256 C  C1  . XEM C 3 .   ? -1.206  -0.175  -6.349  1.00 14.61 ? 201 XEM A C1  1 
HETATM 1257 C  C2  . XEM C 3 .   ? -0.642  -1.088  -7.385  1.00 14.13 ? 201 XEM A C2  1 
HETATM 1258 C  C3  . XEM C 3 .   ? 0.583   -0.486  -8.060  1.00 13.97 ? 201 XEM A C3  1 
HETATM 1259 N  N1  . XEM C 3 .   ? 1.675   -0.352  -7.129  1.00 12.26 ? 201 XEM A N1  1 
HETATM 1260 O  O1  . XEM C 3 .   ? 2.188   -1.491  -6.706  1.00 13.40 ? 201 XEM A O1  1 
HETATM 1261 S  S   . SO4 D 4 .   ? -20.200 -4.305  -9.698  1.00 25.75 ? 202 SO4 A S   1 
HETATM 1262 O  O1  . SO4 D 4 .   ? -19.224 -3.209  -9.392  1.00 19.54 ? 202 SO4 A O1  1 
HETATM 1263 O  O2  . SO4 D 4 .   ? -21.061 -4.497  -8.539  1.00 26.78 ? 202 SO4 A O2  1 
HETATM 1264 O  O3  . SO4 D 4 .   ? -19.528 -5.628  -9.943  1.00 18.84 ? 202 SO4 A O3  1 
HETATM 1265 O  O4  . SO4 D 4 .   ? -20.935 -3.831  -10.786 1.00 20.04 ? 202 SO4 A O4  1 
HETATM 1266 S  S   . SO4 E 4 .   ? -7.068  -2.523  21.206  0.80 28.70 ? 203 SO4 A S   1 
HETATM 1267 O  O1  . SO4 E 4 .   ? -6.216  -1.403  20.978  0.80 23.26 ? 203 SO4 A O1  1 
HETATM 1268 O  O2  . SO4 E 4 .   ? -7.393  -2.570  22.617  0.80 29.00 ? 203 SO4 A O2  1 
HETATM 1269 O  O3  . SO4 E 4 .   ? -8.290  -2.393  20.451  0.80 27.96 ? 203 SO4 A O3  1 
HETATM 1270 O  O4  . SO4 E 4 .   ? -6.401  -3.760  20.830  0.80 32.08 ? 203 SO4 A O4  1 
HETATM 1271 S  S   . SO4 F 4 .   ? 5.288   1.007   23.259  1.00 47.02 ? 204 SO4 A S   1 
HETATM 1272 O  O1  . SO4 F 4 .   ? 6.645   1.205   23.700  1.00 43.93 ? 204 SO4 A O1  1 
HETATM 1273 O  O2  . SO4 F 4 .   ? 4.385   1.614   24.210  1.00 45.95 ? 204 SO4 A O2  1 
HETATM 1274 O  O3  . SO4 F 4 .   ? 5.031   -0.411  23.180  1.00 43.66 ? 204 SO4 A O3  1 
HETATM 1275 O  O4  . SO4 F 4 .   ? 5.061   1.606   21.965  1.00 38.02 ? 204 SO4 A O4  1 
HETATM 1276 S  S   . SO4 G 4 .   ? -17.830 3.317   2.668   0.50 31.55 ? 205 SO4 A S   1 
HETATM 1277 O  O1  . SO4 G 4 .   ? -16.627 4.062   2.935   0.50 28.76 ? 205 SO4 A O1  1 
HETATM 1278 O  O2  . SO4 G 4 .   ? -18.692 3.391   3.807   0.50 31.61 ? 205 SO4 A O2  1 
HETATM 1279 O  O3  . SO4 G 4 .   ? -18.487 3.903   1.536   0.50 30.62 ? 205 SO4 A O3  1 
HETATM 1280 O  O4  . SO4 G 4 .   ? -17.538 1.944   2.394   0.50 28.24 ? 205 SO4 A O4  1 
HETATM 1281 O  O   . HOH H 5 .   ? -10.011 -0.962  20.417  1.00 27.63 ? 301 HOH A O   1 
HETATM 1282 O  O   . HOH H 5 .   ? -21.020 -1.533  -10.678 1.00 26.23 ? 302 HOH A O   1 
HETATM 1283 O  O   . HOH H 5 .   ? -16.410 -8.115  -18.827 1.00 23.03 ? 303 HOH A O   1 
HETATM 1284 O  O   . HOH H 5 .   ? -9.878  6.747   1.102   1.00 28.42 ? 304 HOH A O   1 
HETATM 1285 O  O   . HOH H 5 .   ? 1.549   14.044  -10.680 1.00 24.46 ? 305 HOH A O   1 
HETATM 1286 O  O   . HOH H 5 .   ? -0.817  -1.060  -15.732 1.00 23.01 ? 306 HOH A O   1 
HETATM 1287 O  O   . HOH H 5 .   ? -0.225  14.785  -3.757  1.00 19.58 ? 307 HOH A O   1 
HETATM 1288 O  O   . HOH H 5 .   ? -16.837 4.211   -7.141  1.00 30.67 ? 308 HOH A O   1 
HETATM 1289 O  O   . HOH H 5 .   ? -10.626 11.046  -4.759  1.00 31.14 ? 309 HOH A O   1 
HETATM 1290 O  O   . HOH H 5 .   ? -4.920  -3.254  18.844  1.00 17.36 ? 310 HOH A O   1 
HETATM 1291 O  O   . HOH H 5 .   ? 18.285  0.474   -3.518  1.00 20.87 ? 311 HOH A O   1 
HETATM 1292 O  O   . HOH H 5 .   ? 5.666   -12.209 8.307   1.00 23.91 ? 312 HOH A O   1 
HETATM 1293 O  O   . HOH H 5 .   ? -11.254 5.372   -13.466 1.00 25.31 ? 313 HOH A O   1 
HETATM 1294 O  O   . HOH H 5 .   ? 11.318  -1.476  -3.006  1.00 26.98 ? 314 HOH A O   1 
HETATM 1295 O  O   . HOH H 5 .   ? -6.888  11.397  1.787   1.00 26.86 ? 315 HOH A O   1 
HETATM 1296 O  O   . HOH H 5 .   ? 10.145  -7.330  19.923  1.00 26.97 ? 316 HOH A O   1 
HETATM 1297 O  O   . HOH H 5 .   ? -2.169  9.092   8.017   1.00 19.69 ? 317 HOH A O   1 
HETATM 1298 O  O   . HOH H 5 .   ? -5.237  11.941  -0.140  1.00 22.80 ? 318 HOH A O   1 
HETATM 1299 O  O   . HOH H 5 .   ? 14.196  -5.809  1.925   1.00 18.14 ? 319 HOH A O   1 
HETATM 1300 O  O   . HOH H 5 .   ? -12.651 -10.403 1.478   1.00 23.71 ? 320 HOH A O   1 
HETATM 1301 O  O   . HOH H 5 .   ? 15.887  2.859   -9.724  1.00 19.75 ? 321 HOH A O   1 
HETATM 1302 O  O   . HOH H 5 .   ? -0.386  -6.741  -13.484 1.00 17.64 ? 322 HOH A O   1 
HETATM 1303 O  O   . HOH H 5 .   ? -13.738 0.701   -19.938 1.00 18.59 ? 323 HOH A O   1 
HETATM 1304 O  O   . HOH H 5 .   ? 12.088  11.784  5.599   1.00 30.06 ? 324 HOH A O   1 
HETATM 1305 O  O   . HOH H 5 .   ? 8.191   -12.710 7.022   1.00 24.95 ? 325 HOH A O   1 
HETATM 1306 O  O   . HOH H 5 .   ? -7.414  -7.614  -16.698 1.00 19.89 ? 326 HOH A O   1 
HETATM 1307 O  O   . HOH H 5 .   ? 12.600  -6.551  4.224   1.00 12.05 ? 327 HOH A O   1 
HETATM 1308 O  O   . HOH H 5 .   ? -8.023  -14.983 2.367   1.00 16.12 ? 328 HOH A O   1 
HETATM 1309 O  O   . HOH H 5 .   ? -3.833  -9.270  -5.364  1.00 11.25 ? 329 HOH A O   1 
HETATM 1310 O  O   . HOH H 5 .   ? -10.981 -5.590  17.249  1.00 28.81 ? 330 HOH A O   1 
HETATM 1311 O  O   . HOH H 5 .   ? -13.830 -4.777  12.097  1.00 20.92 ? 331 HOH A O   1 
HETATM 1312 O  O   . HOH H 5 .   ? 15.614  -3.316  10.212  1.00 13.62 ? 332 HOH A O   1 
HETATM 1313 O  O   . HOH H 5 .   ? 4.501   -9.504  2.538   1.00 9.56  ? 333 HOH A O   1 
HETATM 1314 O  O   . HOH H 5 .   ? -5.307  9.595   -12.297 1.00 23.06 ? 334 HOH A O   1 
HETATM 1315 O  O   . HOH H 5 .   ? 8.763   14.313  3.707   1.00 14.78 ? 335 HOH A O   1 
HETATM 1316 O  O   . HOH H 5 .   ? 15.545  11.305  1.493   1.00 31.43 ? 336 HOH A O   1 
HETATM 1317 O  O   . HOH H 5 .   ? -1.557  -6.455  15.374  1.00 9.05  ? 337 HOH A O   1 
HETATM 1318 O  O   . HOH H 5 .   ? -16.564 -3.458  -2.684  1.00 34.16 ? 338 HOH A O   1 
HETATM 1319 O  O   . HOH H 5 .   ? -15.648 -11.911 -11.005 1.00 15.30 ? 339 HOH A O   1 
HETATM 1320 O  O   . HOH H 5 .   ? -6.613  -0.977  -20.363 1.00 24.59 ? 340 HOH A O   1 
HETATM 1321 O  O   . HOH H 5 .   ? -16.762 1.904   -14.225 1.00 25.37 ? 341 HOH A O   1 
HETATM 1322 O  O   . HOH H 5 .   ? 11.194  -7.546  13.798  1.00 29.44 ? 342 HOH A O   1 
HETATM 1323 O  O   . HOH H 5 .   ? -4.657  -8.407  18.903  1.00 25.18 ? 343 HOH A O   1 
HETATM 1324 O  O   . HOH H 5 .   ? 13.131  2.231   -10.240 1.00 15.82 ? 344 HOH A O   1 
HETATM 1325 O  O   . HOH H 5 .   ? 0.182   -4.025  -12.878 1.00 19.64 ? 345 HOH A O   1 
HETATM 1326 O  O   . HOH H 5 .   ? -15.235 -7.242  10.288  1.00 25.79 ? 346 HOH A O   1 
HETATM 1327 O  O   . HOH H 5 .   ? -2.970  -17.029 -1.889  1.00 12.64 ? 347 HOH A O   1 
HETATM 1328 O  O   . HOH H 5 .   ? 2.759   -6.912  -10.861 1.00 22.70 ? 348 HOH A O   1 
HETATM 1329 O  O   . HOH H 5 .   ? -0.413  2.032   18.787  1.00 21.74 ? 349 HOH A O   1 
HETATM 1330 O  O   . HOH H 5 .   ? 12.669  5.774   8.513   1.00 17.16 ? 350 HOH A O   1 
HETATM 1331 O  O   . HOH H 5 .   ? -5.449  3.471   20.419  1.00 26.48 ? 351 HOH A O   1 
HETATM 1332 O  O   . HOH H 5 .   ? 10.385  -0.496  -7.496  1.00 21.03 ? 352 HOH A O   1 
HETATM 1333 O  O   . HOH H 5 .   ? -20.340 -7.792  -8.553  1.00 33.51 ? 353 HOH A O   1 
HETATM 1334 O  O   . HOH H 5 .   ? 11.435  -7.545  10.737  1.00 21.12 ? 354 HOH A O   1 
HETATM 1335 O  O   . HOH H 5 .   ? -18.843 -4.735  -17.658 1.00 10.64 ? 355 HOH A O   1 
HETATM 1336 O  O   . HOH H 5 .   ? 11.702  2.537   14.676  1.00 9.96  ? 356 HOH A O   1 
HETATM 1337 O  O   . HOH H 5 .   ? -19.182 -6.474  -15.314 1.00 14.98 ? 357 HOH A O   1 
HETATM 1338 O  O   . HOH H 5 .   ? 15.494  6.028   0.078   1.00 22.97 ? 358 HOH A O   1 
HETATM 1339 O  O   . HOH H 5 .   ? -8.664  -15.274 -1.735  1.00 24.38 ? 359 HOH A O   1 
HETATM 1340 O  O   . HOH H 5 .   ? 1.109   5.360   -14.918 1.00 21.42 ? 360 HOH A O   1 
HETATM 1341 O  O   . HOH H 5 .   ? 1.672   -3.644  -8.344  1.00 15.80 ? 361 HOH A O   1 
HETATM 1342 O  O   . HOH H 5 .   ? 13.577  9.748   2.138   1.00 14.02 ? 362 HOH A O   1 
HETATM 1343 O  O   . HOH H 5 .   ? -5.663  -6.482  -18.029 1.00 29.76 ? 363 HOH A O   1 
HETATM 1344 O  O   . HOH H 5 .   ? -2.123  6.141   6.728   1.00 13.46 ? 364 HOH A O   1 
HETATM 1345 O  O   . HOH H 5 .   ? 3.385   11.299  6.183   1.00 27.56 ? 365 HOH A O   1 
HETATM 1346 O  O   . HOH H 5 .   ? 3.324   -4.962  20.436  1.00 17.36 ? 366 HOH A O   1 
HETATM 1347 O  O   . HOH H 5 .   ? -8.735  -13.414 -10.345 1.00 31.66 ? 367 HOH A O   1 
HETATM 1348 O  O   . HOH H 5 .   ? -6.231  -15.894 -3.217  1.00 23.37 ? 368 HOH A O   1 
HETATM 1349 O  O   . HOH H 5 .   ? -1.055  -3.002  12.655  1.00 15.38 ? 369 HOH A O   1 
HETATM 1350 O  O   . HOH H 5 .   ? 1.087   11.716  3.315   1.00 15.19 ? 370 HOH A O   1 
HETATM 1351 O  O   . HOH H 5 .   ? -4.926  4.181   17.965  1.00 30.13 ? 371 HOH A O   1 
HETATM 1352 O  O   . HOH H 5 .   ? 7.043   -8.977  1.747   1.00 9.94  ? 372 HOH A O   1 
HETATM 1353 O  O   . HOH H 5 .   ? 5.535   -0.549  -15.403 1.00 22.79 ? 373 HOH A O   1 
HETATM 1354 O  O   . HOH H 5 .   ? -12.559 -4.507  -1.517  1.00 13.93 ? 374 HOH A O   1 
HETATM 1355 O  O   . HOH H 5 .   ? -9.421  3.569   6.133   1.00 30.05 ? 375 HOH A O   1 
HETATM 1356 O  O   . HOH H 5 .   ? 9.661   0.555   7.364   1.00 7.35  ? 376 HOH A O   1 
HETATM 1357 O  O   . HOH H 5 .   ? 16.175  5.242   8.579   1.00 32.55 ? 377 HOH A O   1 
HETATM 1358 O  O   . HOH H 5 .   ? -7.938  -7.321  18.430  1.00 22.31 ? 378 HOH A O   1 
HETATM 1359 O  O   . HOH H 5 .   ? -11.667 -9.311  -15.838 1.00 18.80 ? 379 HOH A O   1 
HETATM 1360 O  O   . HOH H 5 .   ? -13.664 -7.977  4.300   1.00 25.72 ? 380 HOH A O   1 
HETATM 1361 O  O   . HOH H 5 .   ? -12.168 -12.100 8.295   1.00 8.85  ? 381 HOH A O   1 
HETATM 1362 O  O   . HOH H 5 .   ? 0.939   3.915   17.447  1.00 16.16 ? 382 HOH A O   1 
HETATM 1363 O  O   . HOH H 5 .   ? 6.354   -1.816  -13.212 1.00 20.48 ? 383 HOH A O   1 
HETATM 1364 O  O   . HOH H 5 .   ? 18.314  16.265  -5.334  1.00 21.08 ? 384 HOH A O   1 
HETATM 1365 O  O   . HOH H 5 .   ? -1.532  -8.521  17.131  1.00 23.13 ? 385 HOH A O   1 
HETATM 1366 O  O   . HOH H 5 .   ? 9.083   0.538   -13.340 1.00 17.30 ? 386 HOH A O   1 
HETATM 1367 O  O   . HOH H 5 .   ? -13.590 -6.597  -3.098  1.00 22.50 ? 387 HOH A O   1 
HETATM 1368 O  O   . HOH H 5 .   ? -8.146  -9.870  -9.447  1.00 12.19 ? 388 HOH A O   1 
HETATM 1369 O  O   . HOH H 5 .   ? -14.160 -10.211 8.194   1.00 12.14 ? 389 HOH A O   1 
HETATM 1370 O  O   . HOH H 5 .   ? -14.191 -1.292  14.973  1.00 16.11 ? 390 HOH A O   1 
HETATM 1371 O  O   . HOH H 5 .   ? 5.257   8.034   11.500  1.00 16.63 ? 391 HOH A O   1 
HETATM 1372 O  O   . HOH H 5 .   ? 17.412  -0.432  3.490   1.00 19.52 ? 392 HOH A O   1 
HETATM 1373 O  O   . HOH H 5 .   ? -8.934  4.364   -0.507  1.00 17.75 ? 393 HOH A O   1 
HETATM 1374 O  O   . HOH H 5 .   ? 14.585  -5.754  9.871   1.00 23.45 ? 394 HOH A O   1 
HETATM 1375 O  O   . HOH H 5 .   ? -4.108  8.829   4.433   1.00 26.80 ? 395 HOH A O   1 
HETATM 1376 O  O   . HOH H 5 .   ? -10.555 -4.407  13.264  1.00 17.04 ? 396 HOH A O   1 
HETATM 1377 O  O   . HOH H 5 .   ? 3.114   3.527   -15.647 1.00 26.39 ? 397 HOH A O   1 
HETATM 1378 O  O   . HOH H 5 .   ? -12.051 -6.966  2.638   1.00 22.76 ? 398 HOH A O   1 
HETATM 1379 O  O   . HOH H 5 .   ? 5.205   -10.071 9.707   1.00 26.28 ? 399 HOH A O   1 
HETATM 1380 O  O   . HOH H 5 .   ? 2.456   3.398   21.272  1.00 30.02 ? 400 HOH A O   1 
HETATM 1381 O  O   . HOH H 5 .   ? -6.646  -11.191 12.455  1.00 9.27  ? 401 HOH A O   1 
HETATM 1382 O  O   . HOH H 5 .   ? 10.249  -3.273  -1.041  1.00 11.03 ? 402 HOH A O   1 
HETATM 1383 O  O   . HOH H 5 .   ? -5.575  -5.786  17.856  1.00 16.37 ? 403 HOH A O   1 
HETATM 1384 O  O   . HOH H 5 .   ? 8.340   -0.736  22.456  1.00 15.59 ? 404 HOH A O   1 
HETATM 1385 O  O   . HOH H 5 .   ? 2.676   -10.571 -8.881  1.00 13.58 ? 405 HOH A O   1 
HETATM 1386 O  O   . HOH H 5 .   ? -8.651  -12.565 6.023   1.00 10.73 ? 406 HOH A O   1 
HETATM 1387 O  O   . HOH H 5 .   ? 6.860   -6.962  -5.075  1.00 14.21 ? 407 HOH A O   1 
HETATM 1388 O  O   . HOH H 5 .   ? 18.405  -2.215  6.362   1.00 31.45 ? 408 HOH A O   1 
HETATM 1389 O  O   . HOH H 5 .   ? -13.417 -1.583  7.551   1.00 14.74 ? 409 HOH A O   1 
HETATM 1390 O  O   . HOH H 5 .   ? 0.730   11.917  6.109   1.00 26.10 ? 410 HOH A O   1 
HETATM 1391 O  O   . HOH H 5 .   ? -4.386  -19.358 3.156   1.00 14.15 ? 411 HOH A O   1 
HETATM 1392 O  O   . HOH H 5 .   ? 14.280  6.547   4.821   1.00 22.43 ? 412 HOH A O   1 
HETATM 1393 O  O   . HOH H 5 .   ? -10.306 -11.362 -2.354  1.00 23.14 ? 413 HOH A O   1 
HETATM 1394 O  O   . HOH H 5 .   ? 3.480   -11.020 0.416   1.00 12.55 ? 414 HOH A O   1 
HETATM 1395 O  O   . HOH H 5 .   ? -10.613 3.372   1.485   1.00 14.91 ? 415 HOH A O   1 
HETATM 1396 O  O   . HOH H 5 .   ? 7.597   2.750   6.931   1.00 13.10 ? 416 HOH A O   1 
HETATM 1397 O  O   . HOH H 5 .   ? -14.009 2.296   -10.153 1.00 28.91 ? 417 HOH A O   1 
HETATM 1398 O  O   . HOH H 5 .   ? -9.774  4.258   -15.672 1.00 25.22 ? 418 HOH A O   1 
HETATM 1399 O  O   . HOH H 5 .   ? 0.496   1.764   -16.332 1.00 26.82 ? 419 HOH A O   1 
HETATM 1400 O  O   . HOH H 5 .   ? 18.836  11.938  -4.259  1.00 23.16 ? 420 HOH A O   1 
HETATM 1401 O  O   . HOH H 5 .   ? -9.275  -11.648 13.048  1.00 10.37 ? 421 HOH A O   1 
HETATM 1402 O  O   . HOH H 5 .   ? 10.577  4.128   12.805  1.00 10.79 ? 422 HOH A O   1 
HETATM 1403 O  O   . HOH H 5 .   ? -9.666  -13.275 -0.177  1.00 26.98 ? 423 HOH A O   1 
HETATM 1404 O  O   . HOH H 5 .   ? -8.863  -5.334  20.092  1.00 21.29 ? 424 HOH A O   1 
HETATM 1405 O  O   . HOH H 5 .   ? 4.953   14.729  -13.116 1.00 36.82 ? 425 HOH A O   1 
HETATM 1406 O  O   . HOH H 5 .   ? 9.233   -10.187 2.841   1.00 9.96  ? 426 HOH A O   1 
HETATM 1407 O  O   . HOH H 5 .   ? -19.718 1.206   -20.485 1.00 14.75 ? 427 HOH A O   1 
HETATM 1408 O  O   . HOH H 5 .   ? -11.797 4.581   3.727   1.00 25.54 ? 428 HOH A O   1 
HETATM 1409 O  O   . HOH H 5 .   ? -15.686 -1.689  0.374   1.00 29.28 ? 429 HOH A O   1 
HETATM 1410 O  O   . HOH H 5 .   ? 3.832   12.470  2.772   1.00 26.44 ? 430 HOH A O   1 
HETATM 1411 O  O   . HOH H 5 .   ? 18.855  3.145   8.726   1.00 28.90 ? 431 HOH A O   1 
HETATM 1412 O  O   . HOH H 5 .   ? 12.345  18.629  -12.338 1.00 26.84 ? 432 HOH A O   1 
HETATM 1413 O  O   . HOH H 5 .   ? -9.112  -14.965 -7.786  1.00 32.24 ? 433 HOH A O   1 
HETATM 1414 O  O   . HOH H 5 .   ? -7.314  -18.460 -0.065  1.00 33.05 ? 434 HOH A O   1 
HETATM 1415 O  O   . HOH H 5 .   ? 10.889  14.398  5.559   1.00 26.39 ? 435 HOH A O   1 
HETATM 1416 O  O   . HOH H 5 .   ? 8.947   -7.228  -3.195  1.00 27.48 ? 436 HOH A O   1 
HETATM 1417 O  O   . HOH H 5 .   ? -1.014  -2.898  22.418  1.00 33.63 ? 437 HOH A O   1 
HETATM 1418 O  O   . HOH H 5 .   ? 9.582   16.107  1.840   1.00 23.82 ? 438 HOH A O   1 
HETATM 1419 O  O   . HOH H 5 .   ? -14.345 -2.376  -2.028  1.00 16.35 ? 439 HOH A O   1 
HETATM 1420 O  O   . HOH H 5 .   ? 6.036   -9.956  -5.427  1.00 25.71 ? 440 HOH A O   1 
HETATM 1421 O  O   . HOH H 5 .   ? -13.372 -4.088  14.886  1.00 24.16 ? 441 HOH A O   1 
HETATM 1422 O  O   . HOH H 5 .   ? 6.318   9.906   10.134  1.00 24.52 ? 442 HOH A O   1 
HETATM 1423 O  O   . HOH H 5 .   ? -14.025 -13.786 -10.462 1.00 29.46 ? 443 HOH A O   1 
HETATM 1424 O  O   . HOH H 5 .   ? 2.589   -7.360  19.101  1.00 28.43 ? 444 HOH A O   1 
HETATM 1425 O  O   . HOH H 5 .   ? 7.778   -5.358  21.434  1.00 29.77 ? 445 HOH A O   1 
HETATM 1426 O  O   . HOH H 5 .   ? -16.425 -1.236  13.618  1.00 20.93 ? 446 HOH A O   1 
HETATM 1427 O  O   . HOH H 5 .   ? 8.941   -3.491  23.032  1.00 32.05 ? 447 HOH A O   1 
HETATM 1428 O  O   . HOH H 5 .   ? -16.104 -3.301  11.645  1.00 22.80 ? 448 HOH A O   1 
HETATM 1429 O  O   . HOH H 5 .   ? 13.785  -7.615  6.440   1.00 24.75 ? 449 HOH A O   1 
HETATM 1430 O  O   . HOH H 5 .   ? 4.482   -3.876  -12.590 1.00 19.43 ? 450 HOH A O   1 
HETATM 1431 O  O   . HOH H 5 .   ? -11.196 -1.896  23.353  1.00 22.30 ? 451 HOH A O   1 
HETATM 1432 O  O   . HOH H 5 .   ? -12.583 -12.028 3.783   1.00 21.73 ? 452 HOH A O   1 
HETATM 1433 O  O   . HOH H 5 .   ? -7.707  0.802   -21.885 1.00 34.26 ? 453 HOH A O   1 
HETATM 1434 O  O   . HOH H 5 .   ? 14.280  6.811   2.627   1.00 19.29 ? 454 HOH A O   1 
HETATM 1435 O  O   . HOH H 5 .   ? 6.177   -5.991  -11.527 1.00 25.85 ? 455 HOH A O   1 
HETATM 1436 O  O   . HOH H 5 .   ? 0.918   1.169   20.916  1.00 27.66 ? 456 HOH A O   1 
HETATM 1437 O  O   . HOH H 5 .   ? -12.990 -5.059  1.256   1.00 25.80 ? 457 HOH A O   1 
HETATM 1438 O  O   . HOH H 5 .   ? -6.312  -18.108 4.489   0.33 15.20 ? 458 HOH A O   1 
HETATM 1439 O  O   . HOH H 5 .   ? 2.400   -4.224  -10.961 1.00 15.38 ? 459 HOH A O   1 
HETATM 1440 O  O   . HOH H 5 .   ? 12.833  -0.436  -10.585 1.00 26.89 ? 460 HOH A O   1 
HETATM 1441 O  O   . HOH H 5 .   ? 12.108  16.918  2.001   1.00 20.10 ? 461 HOH A O   1 
HETATM 1442 O  O   . HOH H 5 .   ? 17.987  -3.237  8.959   1.00 23.14 ? 462 HOH A O   1 
HETATM 1443 O  O   . HOH H 5 .   ? -16.358 2.658   -16.498 1.00 31.17 ? 463 HOH A O   1 
HETATM 1444 O  O   . HOH H 5 .   ? 5.363   -6.194  21.675  1.00 26.30 ? 464 HOH A O   1 
HETATM 1445 O  O   . HOH H 5 .   ? 11.645  -8.957  3.187   1.00 13.70 ? 465 HOH A O   1 
HETATM 1446 O  O   . HOH H 5 .   ? -9.538  -6.878  22.100  1.00 27.27 ? 466 HOH A O   1 
HETATM 1447 O  O   . HOH H 5 .   ? 1.627   -13.022 -8.630  1.00 16.88 ? 467 HOH A O   1 
HETATM 1448 O  O   . HOH H 5 .   ? 12.172  -11.207 4.874   1.00 24.35 ? 468 HOH A O   1 
HETATM 1449 O  O   . HOH H 5 .   ? 10.148  -2.051  -5.351  1.00 31.11 ? 469 HOH A O   1 
HETATM 1450 O  O   . HOH H 5 .   ? 10.093  -9.830  10.031  1.00 28.15 ? 470 HOH A O   1 
HETATM 1451 O  O   . HOH H 5 .   ? 2.432   -8.071  -13.187 1.00 34.35 ? 471 HOH A O   1 
HETATM 1452 O  O   . HOH H 5 .   ? -14.182 -6.043  16.845  1.00 25.97 ? 472 HOH A O   1 
# 
loop_
_pdbx_poly_seq_scheme.asym_id 
_pdbx_poly_seq_scheme.entity_id 
_pdbx_poly_seq_scheme.seq_id 
_pdbx_poly_seq_scheme.mon_id 
_pdbx_poly_seq_scheme.ndb_seq_num 
_pdbx_poly_seq_scheme.pdb_seq_num 
_pdbx_poly_seq_scheme.auth_seq_num 
_pdbx_poly_seq_scheme.pdb_mon_id 
_pdbx_poly_seq_scheme.auth_mon_id 
_pdbx_poly_seq_scheme.pdb_strand_id 
_pdbx_poly_seq_scheme.pdb_ins_code 
_pdbx_poly_seq_scheme.hetero 
A 1 1   MET 1   0   ?   ?   ?   A . n 
A 1 2   VAL 2   1   1   VAL VAL A . n 
A 1 3   LEU 3   2   2   LEU LEU A . n 
A 1 4   SER 4   3   3   SER SER A . n 
A 1 5   GLU 5   4   4   GLU GLU A . n 
A 1 6   GLY 6   5   5   GLY GLY A . n 
A 1 7   GLU 7   6   6   GLU GLU A . n 
A 1 8   TRP 8   7   7   TRP TRP A . n 
A 1 9   GLN 9   8   8   GLN GLN A . n 
A 1 10  LEU 10  9   9   LEU LEU A . n 
A 1 11  VAL 11  10  10  VAL VAL A . n 
A 1 12  LEU 12  11  11  LEU LEU A . n 
A 1 13  HIS 13  12  12  HIS HIS A . n 
A 1 14  VAL 14  13  13  VAL VAL A . n 
A 1 15  TRP 15  14  14  TRP TRP A . n 
A 1 16  ALA 16  15  15  ALA ALA A . n 
A 1 17  LYS 17  16  16  LYS LYS A . n 
A 1 18  VAL 18  17  17  VAL VAL A . n 
A 1 19  GLU 19  18  18  GLU GLU A . n 
A 1 20  ALA 20  19  19  ALA ALA A . n 
A 1 21  ASP 21  20  20  ASP ASP A . n 
A 1 22  VAL 22  21  21  VAL VAL A . n 
A 1 23  ALA 23  22  22  ALA ALA A . n 
A 1 24  GLY 24  23  23  GLY GLY A . n 
A 1 25  HIS 25  24  24  HIS HIS A . n 
A 1 26  GLY 26  25  25  GLY GLY A . n 
A 1 27  GLN 27  26  26  GLN GLN A . n 
A 1 28  ASP 28  27  27  ASP ASP A . n 
A 1 29  ILE 29  28  28  ILE ILE A . n 
A 1 30  LEU 30  29  29  LEU LEU A . n 
A 1 31  ILE 31  30  30  ILE ILE A . n 
A 1 32  ARG 32  31  31  ARG ARG A . n 
A 1 33  LEU 33  32  32  LEU LEU A . n 
A 1 34  PHE 34  33  33  PHE PHE A . n 
A 1 35  LYS 35  34  34  LYS LYS A . n 
A 1 36  SER 36  35  35  SER SER A . n 
A 1 37  HIS 37  36  36  HIS HIS A . n 
A 1 38  PRO 38  37  37  PRO PRO A . n 
A 1 39  GLU 39  38  38  GLU GLU A . n 
A 1 40  THR 40  39  39  THR THR A . n 
A 1 41  LEU 41  40  40  LEU LEU A . n 
A 1 42  GLU 42  41  41  GLU GLU A . n 
A 1 43  LYS 43  42  42  LYS LYS A . n 
A 1 44  PHE 44  43  43  PHE PHE A . n 
A 1 45  ASP 45  44  44  ASP ASP A . n 
A 1 46  ARG 46  45  45  ARG ARG A . n 
A 1 47  PHE 47  46  46  PHE PHE A . n 
A 1 48  LYS 48  47  47  LYS LYS A . n 
A 1 49  HIS 49  48  48  HIS HIS A . n 
A 1 50  LEU 50  49  49  LEU LEU A . n 
A 1 51  LYS 51  50  50  LYS LYS A . n 
A 1 52  THR 52  51  51  THR THR A . n 
A 1 53  GLU 53  52  52  GLU GLU A . n 
A 1 54  ALA 54  53  53  ALA ALA A . n 
A 1 55  GLU 55  54  54  GLU GLU A . n 
A 1 56  MET 56  55  55  MET MET A . n 
A 1 57  LYS 57  56  56  LYS LYS A . n 
A 1 58  ALA 58  57  57  ALA ALA A . n 
A 1 59  SER 59  58  58  SER SER A . n 
A 1 60  GLU 60  59  59  GLU GLU A . n 
A 1 61  ASP 61  60  60  ASP ASP A . n 
A 1 62  LEU 62  61  61  LEU LEU A . n 
A 1 63  LYS 63  62  62  LYS LYS A . n 
A 1 64  LYS 64  63  63  LYS LYS A . n 
A 1 65  ALA 65  64  64  ALA ALA A . n 
A 1 66  GLY 66  65  65  GLY GLY A . n 
A 1 67  VAL 67  66  66  VAL VAL A . n 
A 1 68  THR 68  67  67  THR THR A . n 
A 1 69  VAL 69  68  68  VAL VAL A . n 
A 1 70  LEU 70  69  69  LEU LEU A . n 
A 1 71  THR 71  70  70  THR THR A . n 
A 1 72  ALA 72  71  71  ALA ALA A . n 
A 1 73  LEU 73  72  72  LEU LEU A . n 
A 1 74  GLY 74  73  73  GLY GLY A . n 
A 1 75  ALA 75  74  74  ALA ALA A . n 
A 1 76  ILE 76  75  75  ILE ILE A . n 
A 1 77  LEU 77  76  76  LEU LEU A . n 
A 1 78  LYS 78  77  77  LYS LYS A . n 
A 1 79  LYS 79  78  78  LYS LYS A . n 
A 1 80  LYS 80  79  79  LYS LYS A . n 
A 1 81  GLY 81  80  80  GLY GLY A . n 
A 1 82  HIS 82  81  81  HIS HIS A . n 
A 1 83  HIS 83  82  82  HIS HIS A . n 
A 1 84  GLU 84  83  83  GLU GLU A . n 
A 1 85  ALA 85  84  84  ALA ALA A . n 
A 1 86  GLU 86  85  85  GLU GLU A . n 
A 1 87  LEU 87  86  86  LEU LEU A . n 
A 1 88  LYS 88  87  87  LYS LYS A . n 
A 1 89  PRO 89  88  88  PRO PRO A . n 
A 1 90  LEU 90  89  89  LEU LEU A . n 
A 1 91  ALA 91  90  90  ALA ALA A . n 
A 1 92  GLN 92  91  91  GLN GLN A . n 
A 1 93  SER 93  92  92  SER SER A . n 
A 1 94  HIS 94  93  93  HIS HIS A . n 
A 1 95  ALA 95  94  94  ALA ALA A . n 
A 1 96  THR 96  95  95  THR THR A . n 
A 1 97  LYS 97  96  96  LYS LYS A . n 
A 1 98  HIS 98  97  97  HIS HIS A . n 
A 1 99  LYS 99  98  98  LYS LYS A . n 
A 1 100 ILE 100 99  99  ILE ILE A . n 
A 1 101 PRO 101 100 100 PRO PRO A . n 
A 1 102 ILE 102 101 101 ILE ILE A . n 
A 1 103 LYS 103 102 102 LYS LYS A . n 
A 1 104 TYR 104 103 103 TYR TYR A . n 
A 1 105 LEU 105 104 104 LEU LEU A . n 
A 1 106 GLU 106 105 105 GLU GLU A . n 
A 1 107 PHE 107 106 106 PHE PHE A . n 
A 1 108 ILE 108 107 107 ILE ILE A . n 
A 1 109 SER 109 108 108 SER SER A . n 
A 1 110 GLU 110 109 109 GLU GLU A . n 
A 1 111 ALA 111 110 110 ALA ALA A . n 
A 1 112 ILE 112 111 111 ILE ILE A . n 
A 1 113 ILE 113 112 112 ILE ILE A . n 
A 1 114 HIS 114 113 113 HIS HIS A . n 
A 1 115 VAL 115 114 114 VAL VAL A . n 
A 1 116 LEU 116 115 115 LEU LEU A . n 
A 1 117 HIS 117 116 116 HIS HIS A . n 
A 1 118 SER 118 117 117 SER SER A . n 
A 1 119 ARG 119 118 118 ARG ARG A . n 
A 1 120 HIS 120 119 119 HIS HIS A . n 
A 1 121 PRO 121 120 120 PRO PRO A . n 
A 1 122 GLY 122 121 121 GLY GLY A . n 
A 1 123 ASN 123 122 122 ASN ASN A . n 
A 1 124 PHE 124 123 123 PHE PHE A . n 
A 1 125 GLY 125 124 124 GLY GLY A . n 
A 1 126 ALA 126 125 125 ALA ALA A . n 
A 1 127 ASP 127 126 126 ASP ASP A . n 
A 1 128 ALA 128 127 127 ALA ALA A . n 
A 1 129 GLN 129 128 128 GLN GLN A . n 
A 1 130 GLY 130 129 129 GLY GLY A . n 
A 1 131 ALA 131 130 130 ALA ALA A . n 
A 1 132 MET 132 131 131 MET MET A . n 
A 1 133 ASN 133 132 132 ASN ASN A . n 
A 1 134 LYS 134 133 133 LYS LYS A . n 
A 1 135 ALA 135 134 134 ALA ALA A . n 
A 1 136 LEU 136 135 135 LEU LEU A . n 
A 1 137 GLU 137 136 136 GLU GLU A . n 
A 1 138 LEU 138 137 137 LEU LEU A . n 
A 1 139 PHE 139 138 138 PHE PHE A . n 
A 1 140 ARG 140 139 139 ARG ARG A . n 
A 1 141 LYS 141 140 140 LYS LYS A . n 
A 1 142 ASP 142 141 141 ASP ASP A . n 
A 1 143 ILE 143 142 142 ILE ILE A . n 
A 1 144 ALA 144 143 143 ALA ALA A . n 
A 1 145 ALA 145 144 144 ALA ALA A . n 
A 1 146 LYS 146 145 145 LYS LYS A . n 
A 1 147 TYR 147 146 146 TYR TYR A . n 
A 1 148 LYS 148 147 147 LYS LYS A . n 
A 1 149 GLU 149 148 148 GLU GLU A . n 
A 1 150 LEU 150 149 149 LEU LEU A . n 
A 1 151 GLY 151 150 150 GLY GLY A . n 
A 1 152 TYR 152 151 151 TYR TYR A . n 
A 1 153 GLN 153 152 152 GLN GLN A . n 
A 1 154 GLY 154 153 153 GLY GLY A . n 
# 
_pdbx_contact_author.id                 2 
_pdbx_contact_author.email              grichteraddo@ou.edu 
_pdbx_contact_author.name_first         George 
_pdbx_contact_author.name_last          Richter-Addo 
_pdbx_contact_author.name_mi            B 
_pdbx_contact_author.role               'principal investigator/group leader' 
_pdbx_contact_author.identifier_ORCID   0000-0001-9400-0113 
# 
loop_
_pdbx_nonpoly_scheme.asym_id 
_pdbx_nonpoly_scheme.entity_id 
_pdbx_nonpoly_scheme.mon_id 
_pdbx_nonpoly_scheme.ndb_seq_num 
_pdbx_nonpoly_scheme.pdb_seq_num 
_pdbx_nonpoly_scheme.auth_seq_num 
_pdbx_nonpoly_scheme.pdb_mon_id 
_pdbx_nonpoly_scheme.auth_mon_id 
_pdbx_nonpoly_scheme.pdb_strand_id 
_pdbx_nonpoly_scheme.pdb_ins_code 
B 2 HEM 1   200 200 HEM HEM A . 
C 3 XEM 1   201 201 XEM XEM A . 
D 4 SO4 1   202 202 SO4 SO4 A . 
E 4 SO4 1   203 203 SO4 SO4 A . 
F 4 SO4 1   204 204 SO4 SO4 A . 
G 4 SO4 1   205 205 SO4 SO4 A . 
H 5 HOH 1   301 301 HOH HOH A . 
H 5 HOH 2   302 302 HOH HOH A . 
H 5 HOH 3   303 303 HOH HOH A . 
H 5 HOH 4   304 304 HOH HOH A . 
H 5 HOH 5   305 305 HOH HOH A . 
H 5 HOH 6   306 306 HOH HOH A . 
H 5 HOH 7   307 307 HOH HOH A . 
H 5 HOH 8   308 308 HOH HOH A . 
H 5 HOH 9   309 309 HOH HOH A . 
H 5 HOH 10  310 310 HOH HOH A . 
H 5 HOH 11  311 311 HOH HOH A . 
H 5 HOH 12  312 312 HOH HOH A . 
H 5 HOH 13  313 313 HOH HOH A . 
H 5 HOH 14  314 314 HOH HOH A . 
H 5 HOH 15  315 315 HOH HOH A . 
H 5 HOH 16  316 316 HOH HOH A . 
H 5 HOH 17  317 317 HOH HOH A . 
H 5 HOH 18  318 318 HOH HOH A . 
H 5 HOH 19  319 319 HOH HOH A . 
H 5 HOH 20  320 320 HOH HOH A . 
H 5 HOH 21  321 321 HOH HOH A . 
H 5 HOH 22  322 322 HOH HOH A . 
H 5 HOH 23  323 323 HOH HOH A . 
H 5 HOH 24  324 324 HOH HOH A . 
H 5 HOH 25  325 325 HOH HOH A . 
H 5 HOH 26  326 326 HOH HOH A . 
H 5 HOH 27  327 327 HOH HOH A . 
H 5 HOH 28  328 328 HOH HOH A . 
H 5 HOH 29  329 329 HOH HOH A . 
H 5 HOH 30  330 330 HOH HOH A . 
H 5 HOH 31  331 331 HOH HOH A . 
H 5 HOH 32  332 332 HOH HOH A . 
H 5 HOH 33  333 333 HOH HOH A . 
H 5 HOH 34  334 334 HOH HOH A . 
H 5 HOH 35  335 335 HOH HOH A . 
H 5 HOH 36  336 336 HOH HOH A . 
H 5 HOH 37  337 337 HOH HOH A . 
H 5 HOH 38  338 338 HOH HOH A . 
H 5 HOH 39  339 339 HOH HOH A . 
H 5 HOH 40  340 340 HOH HOH A . 
H 5 HOH 41  341 341 HOH HOH A . 
H 5 HOH 42  342 342 HOH HOH A . 
H 5 HOH 43  343 343 HOH HOH A . 
H 5 HOH 44  344 344 HOH HOH A . 
H 5 HOH 45  345 345 HOH HOH A . 
H 5 HOH 46  346 346 HOH HOH A . 
H 5 HOH 47  347 347 HOH HOH A . 
H 5 HOH 48  348 348 HOH HOH A . 
H 5 HOH 49  349 349 HOH HOH A . 
H 5 HOH 50  350 350 HOH HOH A . 
H 5 HOH 51  351 351 HOH HOH A . 
H 5 HOH 52  352 352 HOH HOH A . 
H 5 HOH 53  353 353 HOH HOH A . 
H 5 HOH 54  354 354 HOH HOH A . 
H 5 HOH 55  355 355 HOH HOH A . 
H 5 HOH 56  356 356 HOH HOH A . 
H 5 HOH 57  357 357 HOH HOH A . 
H 5 HOH 58  358 358 HOH HOH A . 
H 5 HOH 59  359 359 HOH HOH A . 
H 5 HOH 60  360 360 HOH HOH A . 
H 5 HOH 61  361 361 HOH HOH A . 
H 5 HOH 62  362 362 HOH HOH A . 
H 5 HOH 63  363 363 HOH HOH A . 
H 5 HOH 64  364 364 HOH HOH A . 
H 5 HOH 65  365 365 HOH HOH A . 
H 5 HOH 66  366 366 HOH HOH A . 
H 5 HOH 67  367 367 HOH HOH A . 
H 5 HOH 68  368 368 HOH HOH A . 
H 5 HOH 69  369 369 HOH HOH A . 
H 5 HOH 70  370 370 HOH HOH A . 
H 5 HOH 71  371 371 HOH HOH A . 
H 5 HOH 72  372 372 HOH HOH A . 
H 5 HOH 73  373 373 HOH HOH A . 
H 5 HOH 74  374 374 HOH HOH A . 
H 5 HOH 75  375 375 HOH HOH A . 
H 5 HOH 76  376 376 HOH HOH A . 
H 5 HOH 77  377 377 HOH HOH A . 
H 5 HOH 78  378 378 HOH HOH A . 
H 5 HOH 79  379 379 HOH HOH A . 
H 5 HOH 80  380 380 HOH HOH A . 
H 5 HOH 81  381 381 HOH HOH A . 
H 5 HOH 82  382 382 HOH HOH A . 
H 5 HOH 83  383 383 HOH HOH A . 
H 5 HOH 84  384 384 HOH HOH A . 
H 5 HOH 85  385 385 HOH HOH A . 
H 5 HOH 86  386 386 HOH HOH A . 
H 5 HOH 87  387 387 HOH HOH A . 
H 5 HOH 88  388 388 HOH HOH A . 
H 5 HOH 89  389 390 HOH HOH A . 
H 5 HOH 90  390 389 HOH HOH A . 
H 5 HOH 91  391 391 HOH HOH A . 
H 5 HOH 92  392 392 HOH HOH A . 
H 5 HOH 93  393 393 HOH HOH A . 
H 5 HOH 94  394 394 HOH HOH A . 
H 5 HOH 95  395 395 HOH HOH A . 
H 5 HOH 96  396 396 HOH HOH A . 
H 5 HOH 97  397 397 HOH HOH A . 
H 5 HOH 98  398 398 HOH HOH A . 
H 5 HOH 99  399 399 HOH HOH A . 
H 5 HOH 100 400 400 HOH HOH A . 
H 5 HOH 101 401 401 HOH HOH A . 
H 5 HOH 102 402 402 HOH HOH A . 
H 5 HOH 103 403 403 HOH HOH A . 
H 5 HOH 104 404 404 HOH HOH A . 
H 5 HOH 105 405 405 HOH HOH A . 
H 5 HOH 106 406 406 HOH HOH A . 
H 5 HOH 107 407 407 HOH HOH A . 
H 5 HOH 108 408 408 HOH HOH A . 
H 5 HOH 109 409 409 HOH HOH A . 
H 5 HOH 110 410 410 HOH HOH A . 
H 5 HOH 111 411 411 HOH HOH A . 
H 5 HOH 112 412 412 HOH HOH A . 
H 5 HOH 113 413 413 HOH HOH A . 
H 5 HOH 114 414 414 HOH HOH A . 
H 5 HOH 115 415 415 HOH HOH A . 
H 5 HOH 116 416 416 HOH HOH A . 
H 5 HOH 117 417 417 HOH HOH A . 
H 5 HOH 118 418 418 HOH HOH A . 
H 5 HOH 119 419 419 HOH HOH A . 
H 5 HOH 120 420 420 HOH HOH A . 
H 5 HOH 121 421 421 HOH HOH A . 
H 5 HOH 122 422 422 HOH HOH A . 
H 5 HOH 123 423 423 HOH HOH A . 
H 5 HOH 124 424 424 HOH HOH A . 
H 5 HOH 125 425 425 HOH HOH A . 
H 5 HOH 126 426 426 HOH HOH A . 
H 5 HOH 127 427 427 HOH HOH A . 
H 5 HOH 128 428 428 HOH HOH A . 
H 5 HOH 129 429 429 HOH HOH A . 
H 5 HOH 130 430 430 HOH HOH A . 
H 5 HOH 131 431 431 HOH HOH A . 
H 5 HOH 132 432 432 HOH HOH A . 
H 5 HOH 133 433 433 HOH HOH A . 
H 5 HOH 134 434 434 HOH HOH A . 
H 5 HOH 135 435 435 HOH HOH A . 
H 5 HOH 136 436 436 HOH HOH A . 
H 5 HOH 137 437 437 HOH HOH A . 
H 5 HOH 138 438 438 HOH HOH A . 
H 5 HOH 139 439 439 HOH HOH A . 
H 5 HOH 140 440 440 HOH HOH A . 
H 5 HOH 141 441 441 HOH HOH A . 
H 5 HOH 142 442 442 HOH HOH A . 
H 5 HOH 143 443 443 HOH HOH A . 
H 5 HOH 144 444 444 HOH HOH A . 
H 5 HOH 145 445 445 HOH HOH A . 
H 5 HOH 146 446 446 HOH HOH A . 
H 5 HOH 147 447 447 HOH HOH A . 
H 5 HOH 148 448 448 HOH HOH A . 
H 5 HOH 149 449 449 HOH HOH A . 
H 5 HOH 150 450 450 HOH HOH A . 
H 5 HOH 151 451 451 HOH HOH A . 
H 5 HOH 152 452 452 HOH HOH A . 
H 5 HOH 153 453 453 HOH HOH A . 
H 5 HOH 154 454 454 HOH HOH A . 
H 5 HOH 155 455 455 HOH HOH A . 
H 5 HOH 156 456 456 HOH HOH A . 
H 5 HOH 157 457 457 HOH HOH A . 
H 5 HOH 158 458 458 HOH HOH A . 
H 5 HOH 159 459 459 HOH HOH A . 
H 5 HOH 160 460 460 HOH HOH A . 
H 5 HOH 161 461 461 HOH HOH A . 
H 5 HOH 162 462 462 HOH HOH A . 
H 5 HOH 163 463 463 HOH HOH A . 
H 5 HOH 164 464 464 HOH HOH A . 
H 5 HOH 165 465 465 HOH HOH A . 
H 5 HOH 166 466 466 HOH HOH A . 
H 5 HOH 167 467 467 HOH HOH A . 
H 5 HOH 168 468 468 HOH HOH A . 
H 5 HOH 169 469 469 HOH HOH A . 
H 5 HOH 170 470 470 HOH HOH A . 
H 5 HOH 171 471 471 HOH HOH A . 
H 5 HOH 172 472 472 HOH HOH A . 
# 
_pdbx_struct_assembly.id                   1 
_pdbx_struct_assembly.details              author_defined_assembly 
_pdbx_struct_assembly.method_details       ? 
_pdbx_struct_assembly.oligomeric_details   monomeric 
_pdbx_struct_assembly.oligomeric_count     1 
# 
_pdbx_struct_assembly_gen.assembly_id       1 
_pdbx_struct_assembly_gen.oper_expression   1 
_pdbx_struct_assembly_gen.asym_id_list      A,B,C,D,E,F,G,H 
# 
loop_
_pdbx_struct_assembly_prop.biol_id 
_pdbx_struct_assembly_prop.type 
_pdbx_struct_assembly_prop.value 
_pdbx_struct_assembly_prop.details 
1 'ABSA (A^2)' 1580 ? 
1 MORE         -53  ? 
1 'SSA (A^2)'  8240 ? 
# 
_pdbx_struct_oper_list.id                   1 
_pdbx_struct_oper_list.type                 'identity operation' 
_pdbx_struct_oper_list.name                 1_555 
_pdbx_struct_oper_list.symmetry_operation   x,y,z 
_pdbx_struct_oper_list.matrix[1][1]         1.0000000000 
_pdbx_struct_oper_list.matrix[1][2]         0.0000000000 
_pdbx_struct_oper_list.matrix[1][3]         0.0000000000 
_pdbx_struct_oper_list.vector[1]            0.0000000000 
_pdbx_struct_oper_list.matrix[2][1]         0.0000000000 
_pdbx_struct_oper_list.matrix[2][2]         1.0000000000 
_pdbx_struct_oper_list.matrix[2][3]         0.0000000000 
_pdbx_struct_oper_list.vector[2]            0.0000000000 
_pdbx_struct_oper_list.matrix[3][1]         0.0000000000 
_pdbx_struct_oper_list.matrix[3][2]         0.0000000000 
_pdbx_struct_oper_list.matrix[3][3]         1.0000000000 
_pdbx_struct_oper_list.vector[3]            0.0000000000 
# 
_pdbx_struct_special_symmetry.id              1 
_pdbx_struct_special_symmetry.PDB_model_num   1 
_pdbx_struct_special_symmetry.auth_asym_id    A 
_pdbx_struct_special_symmetry.auth_comp_id    HOH 
_pdbx_struct_special_symmetry.auth_seq_id     458 
_pdbx_struct_special_symmetry.PDB_ins_code    ? 
_pdbx_struct_special_symmetry.label_asym_id   H 
_pdbx_struct_special_symmetry.label_comp_id   HOH 
_pdbx_struct_special_symmetry.label_seq_id    . 
# 
loop_
_pdbx_struct_conn_angle.id 
_pdbx_struct_conn_angle.ptnr1_label_atom_id 
_pdbx_struct_conn_angle.ptnr1_label_alt_id 
_pdbx_struct_conn_angle.ptnr1_label_asym_id 
_pdbx_struct_conn_angle.ptnr1_label_comp_id 
_pdbx_struct_conn_angle.ptnr1_label_seq_id 
_pdbx_struct_conn_angle.ptnr1_auth_atom_id 
_pdbx_struct_conn_angle.ptnr1_auth_asym_id 
_pdbx_struct_conn_angle.ptnr1_auth_comp_id 
_pdbx_struct_conn_angle.ptnr1_auth_seq_id 
_pdbx_struct_conn_angle.ptnr1_PDB_ins_code 
_pdbx_struct_conn_angle.ptnr1_symmetry 
_pdbx_struct_conn_angle.ptnr2_label_atom_id 
_pdbx_struct_conn_angle.ptnr2_label_alt_id 
_pdbx_struct_conn_angle.ptnr2_label_asym_id 
_pdbx_struct_conn_angle.ptnr2_label_comp_id 
_pdbx_struct_conn_angle.ptnr2_label_seq_id 
_pdbx_struct_conn_angle.ptnr2_auth_atom_id 
_pdbx_struct_conn_angle.ptnr2_auth_asym_id 
_pdbx_struct_conn_angle.ptnr2_auth_comp_id 
_pdbx_struct_conn_angle.ptnr2_auth_seq_id 
_pdbx_struct_conn_angle.ptnr2_PDB_ins_code 
_pdbx_struct_conn_angle.ptnr2_symmetry 
_pdbx_struct_conn_angle.ptnr3_label_atom_id 
_pdbx_struct_conn_angle.ptnr3_label_alt_id 
_pdbx_struct_conn_angle.ptnr3_label_asym_id 
_pdbx_struct_conn_angle.ptnr3_label_comp_id 
_pdbx_struct_conn_angle.ptnr3_label_seq_id 
_pdbx_struct_conn_angle.ptnr3_auth_atom_id 
_pdbx_struct_conn_angle.ptnr3_auth_asym_id 
_pdbx_struct_conn_angle.ptnr3_auth_comp_id 
_pdbx_struct_conn_angle.ptnr3_auth_seq_id 
_pdbx_struct_conn_angle.ptnr3_PDB_ins_code 
_pdbx_struct_conn_angle.ptnr3_symmetry 
_pdbx_struct_conn_angle.value 
_pdbx_struct_conn_angle.value_esd 
1  NE2 ? A HIS 94 ? A HIS 93  ? 1_555 FE ? B HEM . ? A HEM 200 ? 1_555 NA ? B HEM . ? A HEM 200 ? 1_555 88.6  ? 
2  NE2 ? A HIS 94 ? A HIS 93  ? 1_555 FE ? B HEM . ? A HEM 200 ? 1_555 NB ? B HEM . ? A HEM 200 ? 1_555 91.2  ? 
3  NA  ? B HEM .  ? A HEM 200 ? 1_555 FE ? B HEM . ? A HEM 200 ? 1_555 NB ? B HEM . ? A HEM 200 ? 1_555 87.9  ? 
4  NE2 ? A HIS 94 ? A HIS 93  ? 1_555 FE ? B HEM . ? A HEM 200 ? 1_555 NC ? B HEM . ? A HEM 200 ? 1_555 95.2  ? 
5  NA  ? B HEM .  ? A HEM 200 ? 1_555 FE ? B HEM . ? A HEM 200 ? 1_555 NC ? B HEM . ? A HEM 200 ? 1_555 176.1 ? 
6  NB  ? B HEM .  ? A HEM 200 ? 1_555 FE ? B HEM . ? A HEM 200 ? 1_555 NC ? B HEM . ? A HEM 200 ? 1_555 92.3  ? 
7  NE2 ? A HIS 94 ? A HIS 93  ? 1_555 FE ? B HEM . ? A HEM 200 ? 1_555 ND ? B HEM . ? A HEM 200 ? 1_555 90.8  ? 
8  NA  ? B HEM .  ? A HEM 200 ? 1_555 FE ? B HEM . ? A HEM 200 ? 1_555 ND ? B HEM . ? A HEM 200 ? 1_555 90.2  ? 
9  NB  ? B HEM .  ? A HEM 200 ? 1_555 FE ? B HEM . ? A HEM 200 ? 1_555 ND ? B HEM . ? A HEM 200 ? 1_555 177.2 ? 
10 NC  ? B HEM .  ? A HEM 200 ? 1_555 FE ? B HEM . ? A HEM 200 ? 1_555 ND ? B HEM . ? A HEM 200 ? 1_555 89.5  ? 
11 NE2 ? A HIS 94 ? A HIS 93  ? 1_555 FE ? B HEM . ? A HEM 200 ? 1_555 N1 ? C XEM . ? A XEM 201 ? 1_555 176.0 ? 
12 NA  ? B HEM .  ? A HEM 200 ? 1_555 FE ? B HEM . ? A HEM 200 ? 1_555 N1 ? C XEM . ? A XEM 201 ? 1_555 89.6  ? 
13 NB  ? B HEM .  ? A HEM 200 ? 1_555 FE ? B HEM . ? A HEM 200 ? 1_555 N1 ? C XEM . ? A XEM 201 ? 1_555 85.2  ? 
14 NC  ? B HEM .  ? A HEM 200 ? 1_555 FE ? B HEM . ? A HEM 200 ? 1_555 N1 ? C XEM . ? A XEM 201 ? 1_555 86.6  ? 
15 ND  ? B HEM .  ? A HEM 200 ? 1_555 FE ? B HEM . ? A HEM 200 ? 1_555 N1 ? C XEM . ? A XEM 201 ? 1_555 92.8  ? 
16 NE2 ? A HIS 94 ? A HIS 93  ? 1_555 FE ? B HEM . ? A HEM 200 ? 1_555 O1 ? C XEM . ? A XEM 201 ? 1_555 150.0 ? 
17 NA  ? B HEM .  ? A HEM 200 ? 1_555 FE ? B HEM . ? A HEM 200 ? 1_555 O1 ? C XEM . ? A XEM 201 ? 1_555 65.3  ? 
18 NB  ? B HEM .  ? A HEM 200 ? 1_555 FE ? B HEM . ? A HEM 200 ? 1_555 O1 ? C XEM . ? A XEM 201 ? 1_555 74.1  ? 
19 NC  ? B HEM .  ? A HEM 200 ? 1_555 FE ? B HEM . ? A HEM 200 ? 1_555 O1 ? C XEM . ? A XEM 201 ? 1_555 111.1 ? 
20 ND  ? B HEM .  ? A HEM 200 ? 1_555 FE ? B HEM . ? A HEM 200 ? 1_555 O1 ? C XEM . ? A XEM 201 ? 1_555 103.2 ? 
21 N1  ? C XEM .  ? A XEM 201 ? 1_555 FE ? B HEM . ? A HEM 200 ? 1_555 O1 ? C XEM . ? A XEM 201 ? 1_555 26.8  ? 
# 
_pdbx_audit_revision_history.ordinal             1 
_pdbx_audit_revision_history.data_content_type   'Structure model' 
_pdbx_audit_revision_history.major_revision      1 
_pdbx_audit_revision_history.minor_revision      0 
_pdbx_audit_revision_history.revision_date       2023-11-08 
# 
_pdbx_audit_revision_details.ordinal             1 
_pdbx_audit_revision_details.revision_ordinal    1 
_pdbx_audit_revision_details.data_content_type   'Structure model' 
_pdbx_audit_revision_details.provider            repository 
_pdbx_audit_revision_details.type                'Initial release' 
_pdbx_audit_revision_details.description         ? 
_pdbx_audit_revision_details.details             ? 
# 
loop_
_software.citation_id 
_software.classification 
_software.compiler_name 
_software.compiler_version 
_software.contact_author 
_software.contact_author_email 
_software.date 
_software.description 
_software.dependencies 
_software.hardware 
_software.language 
_software.location 
_software.mods 
_software.name 
_software.os 
_software.os_version 
_software.type 
_software.version 
_software.pdbx_ordinal 
? refinement        ? ? ? ? ? ? ? ? ? ? ? REFMAC      ? ? ? 5.8.0258 1 
? 'data extraction' ? ? ? ? ? ? ? ? ? ? ? PDB_EXTRACT ? ? ? 3.27     2 
? 'data reduction'  ? ? ? ? ? ? ? ? ? ? ? HKL-3000    ? ? ? .        3 
? 'data scaling'    ? ? ? ? ? ? ? ? ? ? ? HKL-3000    ? ? ? .        4 
? phasing           ? ? ? ? ? ? ? ? ? ? ? PHASER      ? ? ? .        5 
# 
_pdbx_entry_details.entry_id                 8F9J 
_pdbx_entry_details.nonpolymer_details       ? 
_pdbx_entry_details.sequence_details         ? 
_pdbx_entry_details.compound_details         ? 
_pdbx_entry_details.source_details           ? 
_pdbx_entry_details.has_ligand_of_interest   Y 
# 
loop_
_pdbx_validate_rmsd_angle.id 
_pdbx_validate_rmsd_angle.PDB_model_num 
_pdbx_validate_rmsd_angle.auth_atom_id_1 
_pdbx_validate_rmsd_angle.auth_asym_id_1 
_pdbx_validate_rmsd_angle.auth_comp_id_1 
_pdbx_validate_rmsd_angle.auth_seq_id_1 
_pdbx_validate_rmsd_angle.PDB_ins_code_1 
_pdbx_validate_rmsd_angle.label_alt_id_1 
_pdbx_validate_rmsd_angle.auth_atom_id_2 
_pdbx_validate_rmsd_angle.auth_asym_id_2 
_pdbx_validate_rmsd_angle.auth_comp_id_2 
_pdbx_validate_rmsd_angle.auth_seq_id_2 
_pdbx_validate_rmsd_angle.PDB_ins_code_2 
_pdbx_validate_rmsd_angle.label_alt_id_2 
_pdbx_validate_rmsd_angle.auth_atom_id_3 
_pdbx_validate_rmsd_angle.auth_asym_id_3 
_pdbx_validate_rmsd_angle.auth_comp_id_3 
_pdbx_validate_rmsd_angle.auth_seq_id_3 
_pdbx_validate_rmsd_angle.PDB_ins_code_3 
_pdbx_validate_rmsd_angle.label_alt_id_3 
_pdbx_validate_rmsd_angle.angle_value 
_pdbx_validate_rmsd_angle.angle_target_value 
_pdbx_validate_rmsd_angle.angle_deviation 
_pdbx_validate_rmsd_angle.angle_standard_deviation 
_pdbx_validate_rmsd_angle.linker_flag 
1 1 NE A ARG 118 ? ? CZ A ARG 118 ? ? NH1 A ARG 118 ? ? 126.40 120.30 6.10  0.50 N 
2 1 NE A ARG 118 ? ? CZ A ARG 118 ? ? NH2 A ARG 118 ? ? 115.55 120.30 -4.75 0.50 N 
# 
loop_
_pdbx_validate_torsion.id 
_pdbx_validate_torsion.PDB_model_num 
_pdbx_validate_torsion.auth_comp_id 
_pdbx_validate_torsion.auth_asym_id 
_pdbx_validate_torsion.auth_seq_id 
_pdbx_validate_torsion.PDB_ins_code 
_pdbx_validate_torsion.label_alt_id 
_pdbx_validate_torsion.phi 
_pdbx_validate_torsion.psi 
1 1 ASP A 20 ? ? -159.86 69.28 
2 1 PHE A 46 ? ? -142.19 19.21 
# 
_pdbx_unobs_or_zero_occ_residues.id               1 
_pdbx_unobs_or_zero_occ_residues.PDB_model_num    1 
_pdbx_unobs_or_zero_occ_residues.polymer_flag     Y 
_pdbx_unobs_or_zero_occ_residues.occupancy_flag   1 
_pdbx_unobs_or_zero_occ_residues.auth_asym_id     A 
_pdbx_unobs_or_zero_occ_residues.auth_comp_id     MET 
_pdbx_unobs_or_zero_occ_residues.auth_seq_id      0 
_pdbx_unobs_or_zero_occ_residues.PDB_ins_code     ? 
_pdbx_unobs_or_zero_occ_residues.label_asym_id    A 
_pdbx_unobs_or_zero_occ_residues.label_comp_id    MET 
_pdbx_unobs_or_zero_occ_residues.label_seq_id     1 
# 
loop_
_chem_comp_atom.comp_id 
_chem_comp_atom.atom_id 
_chem_comp_atom.type_symbol 
_chem_comp_atom.pdbx_aromatic_flag 
_chem_comp_atom.pdbx_stereo_config 
_chem_comp_atom.pdbx_ordinal 
ALA N    N  N N 1   
ALA CA   C  N S 2   
ALA C    C  N N 3   
ALA O    O  N N 4   
ALA CB   C  N N 5   
ALA OXT  O  N N 6   
ALA H    H  N N 7   
ALA H2   H  N N 8   
ALA HA   H  N N 9   
ALA HB1  H  N N 10  
ALA HB2  H  N N 11  
ALA HB3  H  N N 12  
ALA HXT  H  N N 13  
ARG N    N  N N 14  
ARG CA   C  N S 15  
ARG C    C  N N 16  
ARG O    O  N N 17  
ARG CB   C  N N 18  
ARG CG   C  N N 19  
ARG CD   C  N N 20  
ARG NE   N  N N 21  
ARG CZ   C  N N 22  
ARG NH1  N  N N 23  
ARG NH2  N  N N 24  
ARG OXT  O  N N 25  
ARG H    H  N N 26  
ARG H2   H  N N 27  
ARG HA   H  N N 28  
ARG HB2  H  N N 29  
ARG HB3  H  N N 30  
ARG HG2  H  N N 31  
ARG HG3  H  N N 32  
ARG HD2  H  N N 33  
ARG HD3  H  N N 34  
ARG HE   H  N N 35  
ARG HH11 H  N N 36  
ARG HH12 H  N N 37  
ARG HH21 H  N N 38  
ARG HH22 H  N N 39  
ARG HXT  H  N N 40  
ASN N    N  N N 41  
ASN CA   C  N S 42  
ASN C    C  N N 43  
ASN O    O  N N 44  
ASN CB   C  N N 45  
ASN CG   C  N N 46  
ASN OD1  O  N N 47  
ASN ND2  N  N N 48  
ASN OXT  O  N N 49  
ASN H    H  N N 50  
ASN H2   H  N N 51  
ASN HA   H  N N 52  
ASN HB2  H  N N 53  
ASN HB3  H  N N 54  
ASN HD21 H  N N 55  
ASN HD22 H  N N 56  
ASN HXT  H  N N 57  
ASP N    N  N N 58  
ASP CA   C  N S 59  
ASP C    C  N N 60  
ASP O    O  N N 61  
ASP CB   C  N N 62  
ASP CG   C  N N 63  
ASP OD1  O  N N 64  
ASP OD2  O  N N 65  
ASP OXT  O  N N 66  
ASP H    H  N N 67  
ASP H2   H  N N 68  
ASP HA   H  N N 69  
ASP HB2  H  N N 70  
ASP HB3  H  N N 71  
ASP HD2  H  N N 72  
ASP HXT  H  N N 73  
GLN N    N  N N 74  
GLN CA   C  N S 75  
GLN C    C  N N 76  
GLN O    O  N N 77  
GLN CB   C  N N 78  
GLN CG   C  N N 79  
GLN CD   C  N N 80  
GLN OE1  O  N N 81  
GLN NE2  N  N N 82  
GLN OXT  O  N N 83  
GLN H    H  N N 84  
GLN H2   H  N N 85  
GLN HA   H  N N 86  
GLN HB2  H  N N 87  
GLN HB3  H  N N 88  
GLN HG2  H  N N 89  
GLN HG3  H  N N 90  
GLN HE21 H  N N 91  
GLN HE22 H  N N 92  
GLN HXT  H  N N 93  
GLU N    N  N N 94  
GLU CA   C  N S 95  
GLU C    C  N N 96  
GLU O    O  N N 97  
GLU CB   C  N N 98  
GLU CG   C  N N 99  
GLU CD   C  N N 100 
GLU OE1  O  N N 101 
GLU OE2  O  N N 102 
GLU OXT  O  N N 103 
GLU H    H  N N 104 
GLU H2   H  N N 105 
GLU HA   H  N N 106 
GLU HB2  H  N N 107 
GLU HB3  H  N N 108 
GLU HG2  H  N N 109 
GLU HG3  H  N N 110 
GLU HE2  H  N N 111 
GLU HXT  H  N N 112 
GLY N    N  N N 113 
GLY CA   C  N N 114 
GLY C    C  N N 115 
GLY O    O  N N 116 
GLY OXT  O  N N 117 
GLY H    H  N N 118 
GLY H2   H  N N 119 
GLY HA2  H  N N 120 
GLY HA3  H  N N 121 
GLY HXT  H  N N 122 
HEM CHA  C  N N 123 
HEM CHB  C  N N 124 
HEM CHC  C  N N 125 
HEM CHD  C  N N 126 
HEM C1A  C  Y N 127 
HEM C2A  C  Y N 128 
HEM C3A  C  Y N 129 
HEM C4A  C  Y N 130 
HEM CMA  C  N N 131 
HEM CAA  C  N N 132 
HEM CBA  C  N N 133 
HEM CGA  C  N N 134 
HEM O1A  O  N N 135 
HEM O2A  O  N N 136 
HEM C1B  C  N N 137 
HEM C2B  C  N N 138 
HEM C3B  C  N N 139 
HEM C4B  C  N N 140 
HEM CMB  C  N N 141 
HEM CAB  C  N N 142 
HEM CBB  C  N N 143 
HEM C1C  C  Y N 144 
HEM C2C  C  Y N 145 
HEM C3C  C  Y N 146 
HEM C4C  C  Y N 147 
HEM CMC  C  N N 148 
HEM CAC  C  N N 149 
HEM CBC  C  N N 150 
HEM C1D  C  N N 151 
HEM C2D  C  N N 152 
HEM C3D  C  N N 153 
HEM C4D  C  N N 154 
HEM CMD  C  N N 155 
HEM CAD  C  N N 156 
HEM CBD  C  N N 157 
HEM CGD  C  N N 158 
HEM O1D  O  N N 159 
HEM O2D  O  N N 160 
HEM NA   N  Y N 161 
HEM NB   N  N N 162 
HEM NC   N  Y N 163 
HEM ND   N  N N 164 
HEM FE   FE N N 165 
HEM HHB  H  N N 166 
HEM HHC  H  N N 167 
HEM HHD  H  N N 168 
HEM HMA  H  N N 169 
HEM HMAA H  N N 170 
HEM HMAB H  N N 171 
HEM HAA  H  N N 172 
HEM HAAA H  N N 173 
HEM HBA  H  N N 174 
HEM HBAA H  N N 175 
HEM HMB  H  N N 176 
HEM HMBA H  N N 177 
HEM HMBB H  N N 178 
HEM HAB  H  N N 179 
HEM HBB  H  N N 180 
HEM HBBA H  N N 181 
HEM HMC  H  N N 182 
HEM HMCA H  N N 183 
HEM HMCB H  N N 184 
HEM HAC  H  N N 185 
HEM HBC  H  N N 186 
HEM HBCA H  N N 187 
HEM HMD  H  N N 188 
HEM HMDA H  N N 189 
HEM HMDB H  N N 190 
HEM HAD  H  N N 191 
HEM HADA H  N N 192 
HEM HBD  H  N N 193 
HEM HBDA H  N N 194 
HEM H2A  H  N N 195 
HEM H2D  H  N N 196 
HEM HHA  H  N N 197 
HIS N    N  N N 198 
HIS CA   C  N S 199 
HIS C    C  N N 200 
HIS O    O  N N 201 
HIS CB   C  N N 202 
HIS CG   C  Y N 203 
HIS ND1  N  Y N 204 
HIS CD2  C  Y N 205 
HIS CE1  C  Y N 206 
HIS NE2  N  Y N 207 
HIS OXT  O  N N 208 
HIS H    H  N N 209 
HIS H2   H  N N 210 
HIS HA   H  N N 211 
HIS HB2  H  N N 212 
HIS HB3  H  N N 213 
HIS HD1  H  N N 214 
HIS HD2  H  N N 215 
HIS HE1  H  N N 216 
HIS HE2  H  N N 217 
HIS HXT  H  N N 218 
HOH O    O  N N 219 
HOH H1   H  N N 220 
HOH H2   H  N N 221 
ILE N    N  N N 222 
ILE CA   C  N S 223 
ILE C    C  N N 224 
ILE O    O  N N 225 
ILE CB   C  N S 226 
ILE CG1  C  N N 227 
ILE CG2  C  N N 228 
ILE CD1  C  N N 229 
ILE OXT  O  N N 230 
ILE H    H  N N 231 
ILE H2   H  N N 232 
ILE HA   H  N N 233 
ILE HB   H  N N 234 
ILE HG12 H  N N 235 
ILE HG13 H  N N 236 
ILE HG21 H  N N 237 
ILE HG22 H  N N 238 
ILE HG23 H  N N 239 
ILE HD11 H  N N 240 
ILE HD12 H  N N 241 
ILE HD13 H  N N 242 
ILE HXT  H  N N 243 
LEU N    N  N N 244 
LEU CA   C  N S 245 
LEU C    C  N N 246 
LEU O    O  N N 247 
LEU CB   C  N N 248 
LEU CG   C  N N 249 
LEU CD1  C  N N 250 
LEU CD2  C  N N 251 
LEU OXT  O  N N 252 
LEU H    H  N N 253 
LEU H2   H  N N 254 
LEU HA   H  N N 255 
LEU HB2  H  N N 256 
LEU HB3  H  N N 257 
LEU HG   H  N N 258 
LEU HD11 H  N N 259 
LEU HD12 H  N N 260 
LEU HD13 H  N N 261 
LEU HD21 H  N N 262 
LEU HD22 H  N N 263 
LEU HD23 H  N N 264 
LEU HXT  H  N N 265 
LYS N    N  N N 266 
LYS CA   C  N S 267 
LYS C    C  N N 268 
LYS O    O  N N 269 
LYS CB   C  N N 270 
LYS CG   C  N N 271 
LYS CD   C  N N 272 
LYS CE   C  N N 273 
LYS NZ   N  N N 274 
LYS OXT  O  N N 275 
LYS H    H  N N 276 
LYS H2   H  N N 277 
LYS HA   H  N N 278 
LYS HB2  H  N N 279 
LYS HB3  H  N N 280 
LYS HG2  H  N N 281 
LYS HG3  H  N N 282 
LYS HD2  H  N N 283 
LYS HD3  H  N N 284 
LYS HE2  H  N N 285 
LYS HE3  H  N N 286 
LYS HZ1  H  N N 287 
LYS HZ2  H  N N 288 
LYS HZ3  H  N N 289 
LYS HXT  H  N N 290 
MET N    N  N N 291 
MET CA   C  N S 292 
MET C    C  N N 293 
MET O    O  N N 294 
MET CB   C  N N 295 
MET CG   C  N N 296 
MET SD   S  N N 297 
MET CE   C  N N 298 
MET OXT  O  N N 299 
MET H    H  N N 300 
MET H2   H  N N 301 
MET HA   H  N N 302 
MET HB2  H  N N 303 
MET HB3  H  N N 304 
MET HG2  H  N N 305 
MET HG3  H  N N 306 
MET HE1  H  N N 307 
MET HE2  H  N N 308 
MET HE3  H  N N 309 
MET HXT  H  N N 310 
PHE N    N  N N 311 
PHE CA   C  N S 312 
PHE C    C  N N 313 
PHE O    O  N N 314 
PHE CB   C  N N 315 
PHE CG   C  Y N 316 
PHE CD1  C  Y N 317 
PHE CD2  C  Y N 318 
PHE CE1  C  Y N 319 
PHE CE2  C  Y N 320 
PHE CZ   C  Y N 321 
PHE OXT  O  N N 322 
PHE H    H  N N 323 
PHE H2   H  N N 324 
PHE HA   H  N N 325 
PHE HB2  H  N N 326 
PHE HB3  H  N N 327 
PHE HD1  H  N N 328 
PHE HD2  H  N N 329 
PHE HE1  H  N N 330 
PHE HE2  H  N N 331 
PHE HZ   H  N N 332 
PHE HXT  H  N N 333 
PRO N    N  N N 334 
PRO CA   C  N S 335 
PRO C    C  N N 336 
PRO O    O  N N 337 
PRO CB   C  N N 338 
PRO CG   C  N N 339 
PRO CD   C  N N 340 
PRO OXT  O  N N 341 
PRO H    H  N N 342 
PRO HA   H  N N 343 
PRO HB2  H  N N 344 
PRO HB3  H  N N 345 
PRO HG2  H  N N 346 
PRO HG3  H  N N 347 
PRO HD2  H  N N 348 
PRO HD3  H  N N 349 
PRO HXT  H  N N 350 
SER N    N  N N 351 
SER CA   C  N S 352 
SER C    C  N N 353 
SER O    O  N N 354 
SER CB   C  N N 355 
SER OG   O  N N 356 
SER OXT  O  N N 357 
SER H    H  N N 358 
SER H2   H  N N 359 
SER HA   H  N N 360 
SER HB2  H  N N 361 
SER HB3  H  N N 362 
SER HG   H  N N 363 
SER HXT  H  N N 364 
SO4 S    S  N N 365 
SO4 O1   O  N N 366 
SO4 O2   O  N N 367 
SO4 O3   O  N N 368 
SO4 O4   O  N N 369 
THR N    N  N N 370 
THR CA   C  N S 371 
THR C    C  N N 372 
THR O    O  N N 373 
THR CB   C  N R 374 
THR OG1  O  N N 375 
THR CG2  C  N N 376 
THR OXT  O  N N 377 
THR H    H  N N 378 
THR H2   H  N N 379 
THR HA   H  N N 380 
THR HB   H  N N 381 
THR HG1  H  N N 382 
THR HG21 H  N N 383 
THR HG22 H  N N 384 
THR HG23 H  N N 385 
THR HXT  H  N N 386 
TRP N    N  N N 387 
TRP CA   C  N S 388 
TRP C    C  N N 389 
TRP O    O  N N 390 
TRP CB   C  N N 391 
TRP CG   C  Y N 392 
TRP CD1  C  Y N 393 
TRP CD2  C  Y N 394 
TRP NE1  N  Y N 395 
TRP CE2  C  Y N 396 
TRP CE3  C  Y N 397 
TRP CZ2  C  Y N 398 
TRP CZ3  C  Y N 399 
TRP CH2  C  Y N 400 
TRP OXT  O  N N 401 
TRP H    H  N N 402 
TRP H2   H  N N 403 
TRP HA   H  N N 404 
TRP HB2  H  N N 405 
TRP HB3  H  N N 406 
TRP HD1  H  N N 407 
TRP HE1  H  N N 408 
TRP HE3  H  N N 409 
TRP HZ2  H  N N 410 
TRP HZ3  H  N N 411 
TRP HH2  H  N N 412 
TRP HXT  H  N N 413 
TYR N    N  N N 414 
TYR CA   C  N S 415 
TYR C    C  N N 416 
TYR O    O  N N 417 
TYR CB   C  N N 418 
TYR CG   C  Y N 419 
TYR CD1  C  Y N 420 
TYR CD2  C  Y N 421 
TYR CE1  C  Y N 422 
TYR CE2  C  Y N 423 
TYR CZ   C  Y N 424 
TYR OH   O  N N 425 
TYR OXT  O  N N 426 
TYR H    H  N N 427 
TYR H2   H  N N 428 
TYR HA   H  N N 429 
TYR HB2  H  N N 430 
TYR HB3  H  N N 431 
TYR HD1  H  N N 432 
TYR HD2  H  N N 433 
TYR HE1  H  N N 434 
TYR HE2  H  N N 435 
TYR HH   H  N N 436 
TYR HXT  H  N N 437 
VAL N    N  N N 438 
VAL CA   C  N S 439 
VAL C    C  N N 440 
VAL O    O  N N 441 
VAL CB   C  N N 442 
VAL CG1  C  N N 443 
VAL CG2  C  N N 444 
VAL OXT  O  N N 445 
VAL H    H  N N 446 
VAL H2   H  N N 447 
VAL HA   H  N N 448 
VAL HB   H  N N 449 
VAL HG11 H  N N 450 
VAL HG12 H  N N 451 
VAL HG13 H  N N 452 
VAL HG21 H  N N 453 
VAL HG22 H  N N 454 
VAL HG23 H  N N 455 
VAL HXT  H  N N 456 
XEM C1   C  N N 457 
XEM C2   C  N N 458 
XEM C3   C  N N 459 
XEM N1   N  N N 460 
XEM O1   O  N N 461 
XEM H1   H  N N 462 
XEM H2   H  N N 463 
XEM H3   H  N N 464 
XEM H4   H  N N 465 
XEM H5   H  N N 466 
XEM H6   H  N N 467 
XEM H7   H  N N 468 
# 
loop_
_chem_comp_bond.comp_id 
_chem_comp_bond.atom_id_1 
_chem_comp_bond.atom_id_2 
_chem_comp_bond.value_order 
_chem_comp_bond.pdbx_aromatic_flag 
_chem_comp_bond.pdbx_stereo_config 
_chem_comp_bond.pdbx_ordinal 
ALA N   CA   sing N N 1   
ALA N   H    sing N N 2   
ALA N   H2   sing N N 3   
ALA CA  C    sing N N 4   
ALA CA  CB   sing N N 5   
ALA CA  HA   sing N N 6   
ALA C   O    doub N N 7   
ALA C   OXT  sing N N 8   
ALA CB  HB1  sing N N 9   
ALA CB  HB2  sing N N 10  
ALA CB  HB3  sing N N 11  
ALA OXT HXT  sing N N 12  
ARG N   CA   sing N N 13  
ARG N   H    sing N N 14  
ARG N   H2   sing N N 15  
ARG CA  C    sing N N 16  
ARG CA  CB   sing N N 17  
ARG CA  HA   sing N N 18  
ARG C   O    doub N N 19  
ARG C   OXT  sing N N 20  
ARG CB  CG   sing N N 21  
ARG CB  HB2  sing N N 22  
ARG CB  HB3  sing N N 23  
ARG CG  CD   sing N N 24  
ARG CG  HG2  sing N N 25  
ARG CG  HG3  sing N N 26  
ARG CD  NE   sing N N 27  
ARG CD  HD2  sing N N 28  
ARG CD  HD3  sing N N 29  
ARG NE  CZ   sing N N 30  
ARG NE  HE   sing N N 31  
ARG CZ  NH1  sing N N 32  
ARG CZ  NH2  doub N N 33  
ARG NH1 HH11 sing N N 34  
ARG NH1 HH12 sing N N 35  
ARG NH2 HH21 sing N N 36  
ARG NH2 HH22 sing N N 37  
ARG OXT HXT  sing N N 38  
ASN N   CA   sing N N 39  
ASN N   H    sing N N 40  
ASN N   H2   sing N N 41  
ASN CA  C    sing N N 42  
ASN CA  CB   sing N N 43  
ASN CA  HA   sing N N 44  
ASN C   O    doub N N 45  
ASN C   OXT  sing N N 46  
ASN CB  CG   sing N N 47  
ASN CB  HB2  sing N N 48  
ASN CB  HB3  sing N N 49  
ASN CG  OD1  doub N N 50  
ASN CG  ND2  sing N N 51  
ASN ND2 HD21 sing N N 52  
ASN ND2 HD22 sing N N 53  
ASN OXT HXT  sing N N 54  
ASP N   CA   sing N N 55  
ASP N   H    sing N N 56  
ASP N   H2   sing N N 57  
ASP CA  C    sing N N 58  
ASP CA  CB   sing N N 59  
ASP CA  HA   sing N N 60  
ASP C   O    doub N N 61  
ASP C   OXT  sing N N 62  
ASP CB  CG   sing N N 63  
ASP CB  HB2  sing N N 64  
ASP CB  HB3  sing N N 65  
ASP CG  OD1  doub N N 66  
ASP CG  OD2  sing N N 67  
ASP OD2 HD2  sing N N 68  
ASP OXT HXT  sing N N 69  
GLN N   CA   sing N N 70  
GLN N   H    sing N N 71  
GLN N   H2   sing N N 72  
GLN CA  C    sing N N 73  
GLN CA  CB   sing N N 74  
GLN CA  HA   sing N N 75  
GLN C   O    doub N N 76  
GLN C   OXT  sing N N 77  
GLN CB  CG   sing N N 78  
GLN CB  HB2  sing N N 79  
GLN CB  HB3  sing N N 80  
GLN CG  CD   sing N N 81  
GLN CG  HG2  sing N N 82  
GLN CG  HG3  sing N N 83  
GLN CD  OE1  doub N N 84  
GLN CD  NE2  sing N N 85  
GLN NE2 HE21 sing N N 86  
GLN NE2 HE22 sing N N 87  
GLN OXT HXT  sing N N 88  
GLU N   CA   sing N N 89  
GLU N   H    sing N N 90  
GLU N   H2   sing N N 91  
GLU CA  C    sing N N 92  
GLU CA  CB   sing N N 93  
GLU CA  HA   sing N N 94  
GLU C   O    doub N N 95  
GLU C   OXT  sing N N 96  
GLU CB  CG   sing N N 97  
GLU CB  HB2  sing N N 98  
GLU CB  HB3  sing N N 99  
GLU CG  CD   sing N N 100 
GLU CG  HG2  sing N N 101 
GLU CG  HG3  sing N N 102 
GLU CD  OE1  doub N N 103 
GLU CD  OE2  sing N N 104 
GLU OE2 HE2  sing N N 105 
GLU OXT HXT  sing N N 106 
GLY N   CA   sing N N 107 
GLY N   H    sing N N 108 
GLY N   H2   sing N N 109 
GLY CA  C    sing N N 110 
GLY CA  HA2  sing N N 111 
GLY CA  HA3  sing N N 112 
GLY C   O    doub N N 113 
GLY C   OXT  sing N N 114 
GLY OXT HXT  sing N N 115 
HEM CHA C1A  sing N N 116 
HEM CHA C4D  doub N N 117 
HEM CHA HHA  sing N N 118 
HEM CHB C4A  sing N N 119 
HEM CHB C1B  doub N N 120 
HEM CHB HHB  sing N N 121 
HEM CHC C4B  sing N N 122 
HEM CHC C1C  doub N N 123 
HEM CHC HHC  sing N N 124 
HEM CHD C4C  doub N N 125 
HEM CHD C1D  sing N N 126 
HEM CHD HHD  sing N N 127 
HEM C1A C2A  doub Y N 128 
HEM C1A NA   sing Y N 129 
HEM C2A C3A  sing Y N 130 
HEM C2A CAA  sing N N 131 
HEM C3A C4A  doub Y N 132 
HEM C3A CMA  sing N N 133 
HEM C4A NA   sing Y N 134 
HEM CMA HMA  sing N N 135 
HEM CMA HMAA sing N N 136 
HEM CMA HMAB sing N N 137 
HEM CAA CBA  sing N N 138 
HEM CAA HAA  sing N N 139 
HEM CAA HAAA sing N N 140 
HEM CBA CGA  sing N N 141 
HEM CBA HBA  sing N N 142 
HEM CBA HBAA sing N N 143 
HEM CGA O1A  doub N N 144 
HEM CGA O2A  sing N N 145 
HEM C1B C2B  sing N N 146 
HEM C1B NB   sing N N 147 
HEM C2B C3B  doub N N 148 
HEM C2B CMB  sing N N 149 
HEM C3B C4B  sing N N 150 
HEM C3B CAB  sing N N 151 
HEM C4B NB   doub N N 152 
HEM CMB HMB  sing N N 153 
HEM CMB HMBA sing N N 154 
HEM CMB HMBB sing N N 155 
HEM CAB CBB  doub N N 156 
HEM CAB HAB  sing N N 157 
HEM CBB HBB  sing N N 158 
HEM CBB HBBA sing N N 159 
HEM C1C C2C  sing Y N 160 
HEM C1C NC   sing Y N 161 
HEM C2C C3C  doub Y N 162 
HEM C2C CMC  sing N N 163 
HEM C3C C4C  sing Y N 164 
HEM C3C CAC  sing N N 165 
HEM C4C NC   sing Y N 166 
HEM CMC HMC  sing N N 167 
HEM CMC HMCA sing N N 168 
HEM CMC HMCB sing N N 169 
HEM CAC CBC  doub N N 170 
HEM CAC HAC  sing N N 171 
HEM CBC HBC  sing N N 172 
HEM CBC HBCA sing N N 173 
HEM C1D C2D  sing N N 174 
HEM C1D ND   doub N N 175 
HEM C2D C3D  doub N N 176 
HEM C2D CMD  sing N N 177 
HEM C3D C4D  sing N N 178 
HEM C3D CAD  sing N N 179 
HEM C4D ND   sing N N 180 
HEM CMD HMD  sing N N 181 
HEM CMD HMDA sing N N 182 
HEM CMD HMDB sing N N 183 
HEM CAD CBD  sing N N 184 
HEM CAD HAD  sing N N 185 
HEM CAD HADA sing N N 186 
HEM CBD CGD  sing N N 187 
HEM CBD HBD  sing N N 188 
HEM CBD HBDA sing N N 189 
HEM CGD O1D  doub N N 190 
HEM CGD O2D  sing N N 191 
HEM O2A H2A  sing N N 192 
HEM O2D H2D  sing N N 193 
HEM FE  NA   sing N N 194 
HEM FE  NB   sing N N 195 
HEM FE  NC   sing N N 196 
HEM FE  ND   sing N N 197 
HIS N   CA   sing N N 198 
HIS N   H    sing N N 199 
HIS N   H2   sing N N 200 
HIS CA  C    sing N N 201 
HIS CA  CB   sing N N 202 
HIS CA  HA   sing N N 203 
HIS C   O    doub N N 204 
HIS C   OXT  sing N N 205 
HIS CB  CG   sing N N 206 
HIS CB  HB2  sing N N 207 
HIS CB  HB3  sing N N 208 
HIS CG  ND1  sing Y N 209 
HIS CG  CD2  doub Y N 210 
HIS ND1 CE1  doub Y N 211 
HIS ND1 HD1  sing N N 212 
HIS CD2 NE2  sing Y N 213 
HIS CD2 HD2  sing N N 214 
HIS CE1 NE2  sing Y N 215 
HIS CE1 HE1  sing N N 216 
HIS NE2 HE2  sing N N 217 
HIS OXT HXT  sing N N 218 
HOH O   H1   sing N N 219 
HOH O   H2   sing N N 220 
ILE N   CA   sing N N 221 
ILE N   H    sing N N 222 
ILE N   H2   sing N N 223 
ILE CA  C    sing N N 224 
ILE CA  CB   sing N N 225 
ILE CA  HA   sing N N 226 
ILE C   O    doub N N 227 
ILE C   OXT  sing N N 228 
ILE CB  CG1  sing N N 229 
ILE CB  CG2  sing N N 230 
ILE CB  HB   sing N N 231 
ILE CG1 CD1  sing N N 232 
ILE CG1 HG12 sing N N 233 
ILE CG1 HG13 sing N N 234 
ILE CG2 HG21 sing N N 235 
ILE CG2 HG22 sing N N 236 
ILE CG2 HG23 sing N N 237 
ILE CD1 HD11 sing N N 238 
ILE CD1 HD12 sing N N 239 
ILE CD1 HD13 sing N N 240 
ILE OXT HXT  sing N N 241 
LEU N   CA   sing N N 242 
LEU N   H    sing N N 243 
LEU N   H2   sing N N 244 
LEU CA  C    sing N N 245 
LEU CA  CB   sing N N 246 
LEU CA  HA   sing N N 247 
LEU C   O    doub N N 248 
LEU C   OXT  sing N N 249 
LEU CB  CG   sing N N 250 
LEU CB  HB2  sing N N 251 
LEU CB  HB3  sing N N 252 
LEU CG  CD1  sing N N 253 
LEU CG  CD2  sing N N 254 
LEU CG  HG   sing N N 255 
LEU CD1 HD11 sing N N 256 
LEU CD1 HD12 sing N N 257 
LEU CD1 HD13 sing N N 258 
LEU CD2 HD21 sing N N 259 
LEU CD2 HD22 sing N N 260 
LEU CD2 HD23 sing N N 261 
LEU OXT HXT  sing N N 262 
LYS N   CA   sing N N 263 
LYS N   H    sing N N 264 
LYS N   H2   sing N N 265 
LYS CA  C    sing N N 266 
LYS CA  CB   sing N N 267 
LYS CA  HA   sing N N 268 
LYS C   O    doub N N 269 
LYS C   OXT  sing N N 270 
LYS CB  CG   sing N N 271 
LYS CB  HB2  sing N N 272 
LYS CB  HB3  sing N N 273 
LYS CG  CD   sing N N 274 
LYS CG  HG2  sing N N 275 
LYS CG  HG3  sing N N 276 
LYS CD  CE   sing N N 277 
LYS CD  HD2  sing N N 278 
LYS CD  HD3  sing N N 279 
LYS CE  NZ   sing N N 280 
LYS CE  HE2  sing N N 281 
LYS CE  HE3  sing N N 282 
LYS NZ  HZ1  sing N N 283 
LYS NZ  HZ2  sing N N 284 
LYS NZ  HZ3  sing N N 285 
LYS OXT HXT  sing N N 286 
MET N   CA   sing N N 287 
MET N   H    sing N N 288 
MET N   H2   sing N N 289 
MET CA  C    sing N N 290 
MET CA  CB   sing N N 291 
MET CA  HA   sing N N 292 
MET C   O    doub N N 293 
MET C   OXT  sing N N 294 
MET CB  CG   sing N N 295 
MET CB  HB2  sing N N 296 
MET CB  HB3  sing N N 297 
MET CG  SD   sing N N 298 
MET CG  HG2  sing N N 299 
MET CG  HG3  sing N N 300 
MET SD  CE   sing N N 301 
MET CE  HE1  sing N N 302 
MET CE  HE2  sing N N 303 
MET CE  HE3  sing N N 304 
MET OXT HXT  sing N N 305 
PHE N   CA   sing N N 306 
PHE N   H    sing N N 307 
PHE N   H2   sing N N 308 
PHE CA  C    sing N N 309 
PHE CA  CB   sing N N 310 
PHE CA  HA   sing N N 311 
PHE C   O    doub N N 312 
PHE C   OXT  sing N N 313 
PHE CB  CG   sing N N 314 
PHE CB  HB2  sing N N 315 
PHE CB  HB3  sing N N 316 
PHE CG  CD1  doub Y N 317 
PHE CG  CD2  sing Y N 318 
PHE CD1 CE1  sing Y N 319 
PHE CD1 HD1  sing N N 320 
PHE CD2 CE2  doub Y N 321 
PHE CD2 HD2  sing N N 322 
PHE CE1 CZ   doub Y N 323 
PHE CE1 HE1  sing N N 324 
PHE CE2 CZ   sing Y N 325 
PHE CE2 HE2  sing N N 326 
PHE CZ  HZ   sing N N 327 
PHE OXT HXT  sing N N 328 
PRO N   CA   sing N N 329 
PRO N   CD   sing N N 330 
PRO N   H    sing N N 331 
PRO CA  C    sing N N 332 
PRO CA  CB   sing N N 333 
PRO CA  HA   sing N N 334 
PRO C   O    doub N N 335 
PRO C   OXT  sing N N 336 
PRO CB  CG   sing N N 337 
PRO CB  HB2  sing N N 338 
PRO CB  HB3  sing N N 339 
PRO CG  CD   sing N N 340 
PRO CG  HG2  sing N N 341 
PRO CG  HG3  sing N N 342 
PRO CD  HD2  sing N N 343 
PRO CD  HD3  sing N N 344 
PRO OXT HXT  sing N N 345 
SER N   CA   sing N N 346 
SER N   H    sing N N 347 
SER N   H2   sing N N 348 
SER CA  C    sing N N 349 
SER CA  CB   sing N N 350 
SER CA  HA   sing N N 351 
SER C   O    doub N N 352 
SER C   OXT  sing N N 353 
SER CB  OG   sing N N 354 
SER CB  HB2  sing N N 355 
SER CB  HB3  sing N N 356 
SER OG  HG   sing N N 357 
SER OXT HXT  sing N N 358 
SO4 S   O1   doub N N 359 
SO4 S   O2   doub N N 360 
SO4 S   O3   sing N N 361 
SO4 S   O4   sing N N 362 
THR N   CA   sing N N 363 
THR N   H    sing N N 364 
THR N   H2   sing N N 365 
THR CA  C    sing N N 366 
THR CA  CB   sing N N 367 
THR CA  HA   sing N N 368 
THR C   O    doub N N 369 
THR C   OXT  sing N N 370 
THR CB  OG1  sing N N 371 
THR CB  CG2  sing N N 372 
THR CB  HB   sing N N 373 
THR OG1 HG1  sing N N 374 
THR CG2 HG21 sing N N 375 
THR CG2 HG22 sing N N 376 
THR CG2 HG23 sing N N 377 
THR OXT HXT  sing N N 378 
TRP N   CA   sing N N 379 
TRP N   H    sing N N 380 
TRP N   H2   sing N N 381 
TRP CA  C    sing N N 382 
TRP CA  CB   sing N N 383 
TRP CA  HA   sing N N 384 
TRP C   O    doub N N 385 
TRP C   OXT  sing N N 386 
TRP CB  CG   sing N N 387 
TRP CB  HB2  sing N N 388 
TRP CB  HB3  sing N N 389 
TRP CG  CD1  doub Y N 390 
TRP CG  CD2  sing Y N 391 
TRP CD1 NE1  sing Y N 392 
TRP CD1 HD1  sing N N 393 
TRP CD2 CE2  doub Y N 394 
TRP CD2 CE3  sing Y N 395 
TRP NE1 CE2  sing Y N 396 
TRP NE1 HE1  sing N N 397 
TRP CE2 CZ2  sing Y N 398 
TRP CE3 CZ3  doub Y N 399 
TRP CE3 HE3  sing N N 400 
TRP CZ2 CH2  doub Y N 401 
TRP CZ2 HZ2  sing N N 402 
TRP CZ3 CH2  sing Y N 403 
TRP CZ3 HZ3  sing N N 404 
TRP CH2 HH2  sing N N 405 
TRP OXT HXT  sing N N 406 
TYR N   CA   sing N N 407 
TYR N   H    sing N N 408 
TYR N   H2   sing N N 409 
TYR CA  C    sing N N 410 
TYR CA  CB   sing N N 411 
TYR CA  HA   sing N N 412 
TYR C   O    doub N N 413 
TYR C   OXT  sing N N 414 
TYR CB  CG   sing N N 415 
TYR CB  HB2  sing N N 416 
TYR CB  HB3  sing N N 417 
TYR CG  CD1  doub Y N 418 
TYR CG  CD2  sing Y N 419 
TYR CD1 CE1  sing Y N 420 
TYR CD1 HD1  sing N N 421 
TYR CD2 CE2  doub Y N 422 
TYR CD2 HD2  sing N N 423 
TYR CE1 CZ   doub Y N 424 
TYR CE1 HE1  sing N N 425 
TYR CE2 CZ   sing Y N 426 
TYR CE2 HE2  sing N N 427 
TYR CZ  OH   sing N N 428 
TYR OH  HH   sing N N 429 
TYR OXT HXT  sing N N 430 
VAL N   CA   sing N N 431 
VAL N   H    sing N N 432 
VAL N   H2   sing N N 433 
VAL CA  C    sing N N 434 
VAL CA  CB   sing N N 435 
VAL CA  HA   sing N N 436 
VAL C   O    doub N N 437 
VAL C   OXT  sing N N 438 
VAL CB  CG1  sing N N 439 
VAL CB  CG2  sing N N 440 
VAL CB  HB   sing N N 441 
VAL CG1 HG11 sing N N 442 
VAL CG1 HG12 sing N N 443 
VAL CG1 HG13 sing N N 444 
VAL CG2 HG21 sing N N 445 
VAL CG2 HG22 sing N N 446 
VAL CG2 HG23 sing N N 447 
VAL OXT HXT  sing N N 448 
XEM O1  N1   doub N N 449 
XEM N1  C3   sing N N 450 
XEM C3  C2   sing N N 451 
XEM C1  C2   sing N N 452 
XEM C1  H1   sing N N 453 
XEM C1  H2   sing N N 454 
XEM C1  H3   sing N N 455 
XEM C2  H4   sing N N 456 
XEM C2  H5   sing N N 457 
XEM C3  H6   sing N N 458 
XEM C3  H7   sing N N 459 
# 
loop_
_pdbx_audit_support.funding_organization 
_pdbx_audit_support.country 
_pdbx_audit_support.grant_number 
_pdbx_audit_support.ordinal 
'National Science Foundation (NSF, United States)'                                         'United States' CHE-1566509 1 
'National Science Foundation (NSF, United States)'                                         'United States' CHE-1213674 2 
'National Institutes of Health/National Institute of General Medical Sciences (NIH/NIGMS)' 'United States' P20GM103640 3 
# 
loop_
_pdbx_entity_instance_feature.ordinal 
_pdbx_entity_instance_feature.comp_id 
_pdbx_entity_instance_feature.asym_id 
_pdbx_entity_instance_feature.seq_num 
_pdbx_entity_instance_feature.auth_comp_id 
_pdbx_entity_instance_feature.auth_asym_id 
_pdbx_entity_instance_feature.auth_seq_num 
_pdbx_entity_instance_feature.feature_type 
_pdbx_entity_instance_feature.details 
1 HEM ? ? HEM ? ? 'SUBJECT OF INVESTIGATION' ? 
2 XEM ? ? XEM ? ? 'SUBJECT OF INVESTIGATION' ? 
# 
loop_
_pdbx_entity_nonpoly.entity_id 
_pdbx_entity_nonpoly.name 
_pdbx_entity_nonpoly.comp_id 
2 'PROTOPORPHYRIN IX CONTAINING FE' HEM 
3 1-nitrosopropane                  XEM 
4 'SULFATE ION'                     SO4 
5 water                             HOH 
# 
_pdbx_initial_refinement_model.id               1 
_pdbx_initial_refinement_model.entity_id_list   ? 
_pdbx_initial_refinement_model.type             'experimental model' 
_pdbx_initial_refinement_model.source_name      PDB 
_pdbx_initial_refinement_model.accession_code   5ILE 
_pdbx_initial_refinement_model.details          ? 
# 
_pdbx_struct_assembly_auth_evidence.id                     1 
_pdbx_struct_assembly_auth_evidence.assembly_id            1 
_pdbx_struct_assembly_auth_evidence.experimental_support   microscopy 
_pdbx_struct_assembly_auth_evidence.details                'UV-Vis spectroscopy supported ligand bound swMb-PrNO' 
# 
